data_2KKV
#
_entry.id   2KKV
#
_entity_poly.entity_id   1
_entity_poly.type   'polypeptide(L)'
_entity_poly.pdbx_seq_one_letter_code
;MENSGAYTFETIAREWHESNKRWSEDHRSRVLRYLELYIFPHIGSSDIRQLKTSHLLAPIKEVDTSGKHDVAQRLQQRVT
AIMRYAVQNDYIDSNPASDMAGALSTTKARHYPLEHHHHHH
;
_entity_poly.pdbx_strand_id   A
#
# COMPACT_ATOMS: atom_id res chain seq x y z
N MET A 1 -10.89 -16.65 -16.58
CA MET A 1 -10.47 -15.75 -17.69
C MET A 1 -9.82 -16.57 -18.80
N GLU A 2 -10.39 -16.49 -20.00
CA GLU A 2 -9.88 -17.25 -21.14
C GLU A 2 -8.44 -16.84 -21.48
N ASN A 3 -8.21 -15.55 -21.63
CA ASN A 3 -6.86 -15.06 -21.92
C ASN A 3 -6.04 -15.03 -20.64
N SER A 4 -5.17 -16.02 -20.49
CA SER A 4 -4.36 -16.17 -19.29
C SER A 4 -3.30 -15.07 -19.19
N GLY A 5 -3.38 -14.30 -18.12
CA GLY A 5 -2.42 -13.24 -17.92
C GLY A 5 -3.03 -12.06 -17.18
N ALA A 6 -2.18 -11.10 -16.81
CA ALA A 6 -2.62 -9.88 -16.12
C ALA A 6 -3.21 -10.22 -14.76
N TYR A 7 -2.68 -11.26 -14.13
CA TYR A 7 -3.14 -11.67 -12.81
C TYR A 7 -2.36 -10.92 -11.72
N THR A 8 -1.54 -9.99 -12.16
CA THR A 8 -0.61 -9.29 -11.31
C THR A 8 -1.28 -8.26 -10.41
N PHE A 9 -0.46 -7.58 -9.61
CA PHE A 9 -0.90 -6.60 -8.63
C PHE A 9 -1.71 -5.48 -9.29
N GLU A 10 -1.44 -5.26 -10.58
CA GLU A 10 -2.08 -4.20 -11.35
C GLU A 10 -3.59 -4.37 -11.39
N THR A 11 -4.03 -5.55 -11.84
CA THR A 11 -5.45 -5.79 -12.09
C THR A 11 -6.24 -5.93 -10.78
N ILE A 12 -5.59 -6.43 -9.74
CA ILE A 12 -6.25 -6.59 -8.44
C ILE A 12 -6.72 -5.23 -7.91
N ALA A 13 -5.95 -4.19 -8.21
CA ALA A 13 -6.32 -2.84 -7.81
C ALA A 13 -7.55 -2.37 -8.58
N ARG A 14 -7.69 -2.85 -9.80
CA ARG A 14 -8.81 -2.49 -10.64
C ARG A 14 -10.09 -3.19 -10.15
N GLU A 15 -9.92 -4.40 -9.64
CA GLU A 15 -11.04 -5.25 -9.24
C GLU A 15 -11.95 -4.58 -8.23
N TRP A 16 -11.39 -4.12 -7.13
CA TRP A 16 -12.19 -3.42 -6.12
C TRP A 16 -12.49 -1.98 -6.56
N HIS A 17 -11.64 -1.43 -7.43
CA HIS A 17 -11.83 -0.06 -7.91
C HIS A 17 -13.07 0.08 -8.79
N GLU A 18 -13.41 -0.96 -9.56
CA GLU A 18 -14.48 -0.85 -10.55
C GLU A 18 -15.86 -0.68 -9.90
N SER A 19 -15.92 -0.89 -8.59
CA SER A 19 -17.15 -0.66 -7.84
C SER A 19 -17.29 0.83 -7.52
N ASN A 20 -16.25 1.58 -7.89
CA ASN A 20 -16.15 3.02 -7.66
C ASN A 20 -16.14 3.34 -6.18
N LYS A 21 -14.94 3.45 -5.62
CA LYS A 21 -14.77 3.84 -4.23
C LYS A 21 -14.29 5.29 -4.16
N ARG A 22 -13.47 5.68 -5.12
CA ARG A 22 -12.91 7.02 -5.14
C ARG A 22 -12.86 7.52 -6.58
N TRP A 23 -12.59 8.81 -6.74
CA TRP A 23 -12.67 9.47 -8.04
C TRP A 23 -11.28 9.67 -8.65
N SER A 24 -11.24 10.42 -9.77
CA SER A 24 -10.01 10.80 -10.45
C SER A 24 -9.38 9.60 -11.15
N GLU A 25 -10.21 8.60 -11.44
CA GLU A 25 -9.76 7.38 -12.11
C GLU A 25 -9.35 7.65 -13.55
N ASP A 26 -9.96 8.66 -14.14
CA ASP A 26 -9.67 9.05 -15.53
C ASP A 26 -8.19 9.36 -15.72
N HIS A 27 -7.61 10.02 -14.73
CA HIS A 27 -6.22 10.45 -14.82
C HIS A 27 -5.26 9.29 -14.60
N ARG A 28 -5.73 8.30 -13.84
CA ARG A 28 -4.88 7.21 -13.38
C ARG A 28 -4.34 6.38 -14.53
N SER A 29 -5.03 6.41 -15.68
CA SER A 29 -4.59 5.65 -16.85
C SER A 29 -3.15 6.00 -17.23
N ARG A 30 -2.85 7.30 -17.27
CA ARG A 30 -1.50 7.75 -17.58
C ARG A 30 -0.61 7.72 -16.33
N VAL A 31 -1.19 8.17 -15.22
CA VAL A 31 -0.46 8.26 -13.94
C VAL A 31 0.11 6.90 -13.51
N LEU A 32 -0.48 5.83 -14.02
CA LEU A 32 -0.07 4.47 -13.68
C LEU A 32 1.44 4.29 -13.85
N ARG A 33 2.00 4.85 -14.92
CA ARG A 33 3.43 4.76 -15.19
C ARG A 33 4.25 5.35 -14.04
N TYR A 34 3.88 6.54 -13.61
CA TYR A 34 4.57 7.22 -12.53
C TYR A 34 4.35 6.50 -11.21
N LEU A 35 3.15 5.97 -11.04
CA LEU A 35 2.77 5.30 -9.81
C LEU A 35 3.58 4.01 -9.63
N GLU A 36 3.47 3.10 -10.60
CA GLU A 36 4.12 1.79 -10.51
C GLU A 36 5.61 1.91 -10.22
N LEU A 37 6.24 2.89 -10.85
CA LEU A 37 7.68 3.09 -10.71
C LEU A 37 8.06 3.50 -9.28
N TYR A 38 7.24 4.34 -8.67
CA TYR A 38 7.56 4.90 -7.37
C TYR A 38 6.97 4.11 -6.22
N ILE A 39 5.92 3.34 -6.48
CA ILE A 39 5.34 2.51 -5.43
C ILE A 39 6.12 1.21 -5.28
N PHE A 40 6.70 0.73 -6.39
CA PHE A 40 7.55 -0.45 -6.34
C PHE A 40 8.94 -0.13 -6.87
N PRO A 41 9.73 0.65 -6.11
CA PRO A 41 11.06 1.09 -6.55
C PRO A 41 12.12 0.01 -6.32
N HIS A 42 12.23 -0.45 -5.08
CA HIS A 42 13.24 -1.42 -4.72
C HIS A 42 12.60 -2.81 -4.60
N ILE A 43 11.29 -2.86 -4.80
CA ILE A 43 10.53 -4.09 -4.64
C ILE A 43 9.80 -4.47 -5.93
N GLY A 44 10.17 -3.83 -7.03
CA GLY A 44 9.50 -4.09 -8.30
C GLY A 44 10.01 -5.36 -8.96
N SER A 45 10.77 -6.15 -8.22
CA SER A 45 11.34 -7.37 -8.74
C SER A 45 10.65 -8.60 -8.15
N SER A 46 9.54 -8.40 -7.46
CA SER A 46 8.83 -9.49 -6.81
C SER A 46 7.43 -9.66 -7.40
N ASP A 47 6.88 -10.85 -7.25
CA ASP A 47 5.53 -11.16 -7.74
C ASP A 47 4.49 -10.82 -6.66
N ILE A 48 3.24 -10.68 -7.09
CA ILE A 48 2.15 -10.33 -6.17
C ILE A 48 1.93 -11.42 -5.12
N ARG A 49 2.29 -12.64 -5.46
CA ARG A 49 2.13 -13.76 -4.55
C ARG A 49 3.35 -13.90 -3.65
N GLN A 50 4.25 -12.93 -3.71
CA GLN A 50 5.42 -12.91 -2.85
C GLN A 50 5.74 -11.49 -2.40
N LEU A 51 4.90 -10.99 -1.51
CA LEU A 51 5.13 -9.70 -0.88
C LEU A 51 5.81 -9.91 0.46
N LYS A 52 6.41 -8.86 1.00
CA LYS A 52 7.17 -8.95 2.24
C LYS A 52 6.63 -7.98 3.27
N THR A 53 7.20 -8.03 4.47
CA THR A 53 6.78 -7.18 5.57
C THR A 53 7.23 -5.72 5.34
N SER A 54 7.18 -4.90 6.39
CA SER A 54 7.42 -3.46 6.28
C SER A 54 8.88 -3.11 5.98
N HIS A 55 9.67 -4.08 5.55
CA HIS A 55 11.06 -3.83 5.18
C HIS A 55 11.08 -3.10 3.84
N LEU A 56 10.05 -3.36 3.04
CA LEU A 56 9.88 -2.73 1.73
C LEU A 56 9.52 -1.26 1.86
N LEU A 57 9.12 -0.85 3.06
CA LEU A 57 8.72 0.52 3.32
C LEU A 57 9.92 1.47 3.31
N ALA A 58 11.12 0.90 3.45
CA ALA A 58 12.35 1.69 3.54
C ALA A 58 12.52 2.67 2.36
N PRO A 59 12.45 2.21 1.09
CA PRO A 59 12.56 3.11 -0.06
C PRO A 59 11.43 4.14 -0.14
N ILE A 60 10.27 3.78 0.41
CA ILE A 60 9.14 4.69 0.43
C ILE A 60 9.40 5.81 1.44
N LYS A 61 10.26 5.50 2.40
CA LYS A 61 10.63 6.46 3.44
C LYS A 61 11.49 7.57 2.83
N GLU A 62 12.15 7.26 1.72
CA GLU A 62 13.00 8.22 1.02
C GLU A 62 12.20 9.46 0.63
N VAL A 63 11.03 9.25 0.01
CA VAL A 63 10.19 10.37 -0.41
C VAL A 63 9.55 11.04 0.81
N ASP A 64 9.35 10.26 1.87
CA ASP A 64 8.89 10.78 3.15
C ASP A 64 9.84 11.85 3.67
N THR A 65 11.13 11.59 3.52
CA THR A 65 12.17 12.48 4.00
C THR A 65 12.19 13.81 3.24
N SER A 66 11.69 13.80 2.01
CA SER A 66 11.70 14.98 1.16
C SER A 66 10.70 16.04 1.64
N GLY A 67 9.91 15.69 2.65
CA GLY A 67 8.92 16.61 3.15
C GLY A 67 7.56 16.35 2.53
N LYS A 68 7.53 15.42 1.61
CA LYS A 68 6.31 15.02 0.92
C LYS A 68 5.75 13.76 1.57
N HIS A 69 6.10 13.60 2.84
CA HIS A 69 5.83 12.37 3.60
C HIS A 69 4.36 11.92 3.52
N ASP A 70 3.44 12.85 3.26
CA ASP A 70 2.02 12.52 3.20
C ASP A 70 1.73 11.57 2.04
N VAL A 71 2.49 11.70 0.96
CA VAL A 71 2.28 10.87 -0.23
C VAL A 71 2.58 9.42 0.06
N ALA A 72 3.55 9.17 0.94
CA ALA A 72 3.94 7.81 1.31
C ALA A 72 2.74 7.05 1.88
N GLN A 73 1.95 7.74 2.69
CA GLN A 73 0.74 7.17 3.25
C GLN A 73 -0.27 6.87 2.16
N ARG A 74 -0.42 7.81 1.23
CA ARG A 74 -1.31 7.62 0.09
C ARG A 74 -0.89 6.42 -0.75
N LEU A 75 0.42 6.21 -0.83
CA LEU A 75 0.98 5.10 -1.59
C LEU A 75 0.77 3.77 -0.88
N GLN A 76 1.15 3.72 0.40
CA GLN A 76 1.09 2.47 1.18
C GLN A 76 -0.32 1.90 1.24
N GLN A 77 -1.31 2.78 1.34
CA GLN A 77 -2.70 2.37 1.47
C GLN A 77 -3.12 1.42 0.34
N ARG A 78 -2.48 1.54 -0.82
CA ARG A 78 -2.77 0.65 -1.93
C ARG A 78 -2.41 -0.79 -1.59
N VAL A 79 -1.16 -1.00 -1.17
CA VAL A 79 -0.68 -2.35 -0.91
C VAL A 79 -1.33 -2.93 0.33
N THR A 80 -1.59 -2.08 1.32
CA THR A 80 -2.24 -2.51 2.55
C THR A 80 -3.67 -2.99 2.26
N ALA A 81 -4.41 -2.21 1.47
CA ALA A 81 -5.78 -2.54 1.14
C ALA A 81 -5.85 -3.77 0.25
N ILE A 82 -5.06 -3.78 -0.83
CA ILE A 82 -5.06 -4.88 -1.78
C ILE A 82 -4.67 -6.19 -1.11
N MET A 83 -3.68 -6.14 -0.22
CA MET A 83 -3.22 -7.33 0.46
C MET A 83 -4.33 -7.95 1.31
N ARG A 84 -5.25 -7.11 1.78
CA ARG A 84 -6.38 -7.60 2.55
C ARG A 84 -7.33 -8.39 1.66
N TYR A 85 -7.54 -7.93 0.43
CA TYR A 85 -8.32 -8.67 -0.54
C TYR A 85 -7.57 -9.93 -0.94
N ALA A 86 -6.24 -9.83 -0.99
CA ALA A 86 -5.38 -10.96 -1.32
C ALA A 86 -5.53 -12.07 -0.29
N VAL A 87 -5.63 -11.69 0.98
CA VAL A 87 -5.83 -12.66 2.05
C VAL A 87 -7.26 -13.18 2.04
N GLN A 88 -8.21 -12.31 1.67
CA GLN A 88 -9.61 -12.70 1.61
C GLN A 88 -9.85 -13.65 0.43
N ASN A 89 -9.03 -13.52 -0.61
CA ASN A 89 -9.08 -14.46 -1.72
C ASN A 89 -8.14 -15.63 -1.47
N ASP A 90 -7.38 -15.53 -0.37
CA ASP A 90 -6.54 -16.62 0.14
C ASP A 90 -5.52 -17.12 -0.89
N TYR A 91 -5.04 -16.24 -1.77
CA TYR A 91 -4.07 -16.67 -2.77
C TYR A 91 -2.65 -16.33 -2.34
N ILE A 92 -2.52 -15.68 -1.19
CA ILE A 92 -1.20 -15.46 -0.59
C ILE A 92 -1.09 -16.23 0.72
N ASP A 93 -2.25 -16.60 1.28
CA ASP A 93 -2.36 -17.42 2.49
C ASP A 93 -1.94 -16.65 3.75
N SER A 94 -0.72 -16.14 3.76
CA SER A 94 -0.20 -15.43 4.92
C SER A 94 -0.45 -13.93 4.77
N ASN A 95 -0.05 -13.16 5.79
CA ASN A 95 -0.24 -11.73 5.80
C ASN A 95 1.10 -11.03 6.01
N PRO A 96 1.85 -10.77 4.91
CA PRO A 96 3.16 -10.12 4.97
C PRO A 96 3.14 -8.77 5.68
N ALA A 97 2.24 -7.89 5.24
CA ALA A 97 2.09 -6.58 5.86
C ALA A 97 0.92 -6.57 6.80
N SER A 98 1.16 -7.01 8.03
CA SER A 98 0.12 -7.09 9.04
C SER A 98 -0.15 -5.70 9.62
N ASP A 99 0.83 -4.82 9.51
CA ASP A 99 0.70 -3.46 10.02
C ASP A 99 0.97 -2.47 8.89
N MET A 100 2.21 -2.45 8.41
CA MET A 100 2.63 -1.58 7.31
C MET A 100 2.39 -0.11 7.64
N ALA A 101 3.37 0.50 8.31
CA ALA A 101 3.33 1.92 8.65
C ALA A 101 2.11 2.26 9.51
N GLY A 102 1.86 1.43 10.51
CA GLY A 102 0.80 1.68 11.43
C GLY A 102 1.14 2.82 12.37
N ALA A 103 0.20 3.75 12.50
CA ALA A 103 0.34 4.92 13.37
C ALA A 103 1.44 5.85 12.86
N LEU A 104 1.03 6.90 12.15
CA LEU A 104 1.97 7.82 11.56
C LEU A 104 2.47 8.81 12.60
N SER A 105 1.55 9.55 13.20
CA SER A 105 1.90 10.55 14.19
C SER A 105 0.74 10.73 15.18
N THR A 106 -0.31 11.37 14.73
CA THR A 106 -1.44 11.70 15.59
C THR A 106 -2.54 10.66 15.47
N THR A 107 -2.61 9.78 16.46
CA THR A 107 -3.63 8.75 16.49
C THR A 107 -4.97 9.31 16.95
N LYS A 108 -6.04 8.86 16.32
CA LYS A 108 -7.38 9.30 16.67
C LYS A 108 -8.00 8.31 17.65
N ALA A 109 -9.29 8.47 17.88
CA ALA A 109 -9.98 7.63 18.85
C ALA A 109 -10.73 6.50 18.17
N ARG A 110 -11.39 6.82 17.05
CA ARG A 110 -12.26 5.88 16.36
C ARG A 110 -13.33 5.34 17.31
N HIS A 111 -14.29 6.19 17.61
CA HIS A 111 -15.35 5.84 18.54
C HIS A 111 -16.49 5.15 17.80
N TYR A 112 -16.65 3.86 18.05
CA TYR A 112 -17.61 3.02 17.33
C TYR A 112 -17.23 2.97 15.84
N PRO A 113 -16.30 2.07 15.49
CA PRO A 113 -15.84 1.90 14.12
C PRO A 113 -16.87 1.22 13.23
N LEU A 114 -16.77 1.48 11.95
CA LEU A 114 -17.67 0.92 10.96
C LEU A 114 -16.89 0.00 10.04
N GLU A 115 -15.57 0.13 10.10
CA GLU A 115 -14.65 -0.57 9.20
C GLU A 115 -14.49 -2.05 9.57
N HIS A 116 -15.58 -2.72 9.91
CA HIS A 116 -15.54 -4.15 10.20
C HIS A 116 -16.57 -4.92 9.38
N HIS A 117 -17.42 -4.21 8.63
CA HIS A 117 -18.38 -4.87 7.77
C HIS A 117 -18.62 -4.04 6.52
N HIS A 118 -18.38 -4.64 5.37
CA HIS A 118 -18.51 -3.96 4.09
C HIS A 118 -18.83 -4.98 2.99
N HIS A 119 -19.97 -4.80 2.33
CA HIS A 119 -20.35 -5.66 1.23
C HIS A 119 -21.44 -5.00 0.39
N HIS A 120 -21.04 -4.55 -0.80
CA HIS A 120 -21.95 -3.92 -1.74
C HIS A 120 -21.20 -3.62 -3.02
N HIS A 121 -21.72 -4.11 -4.14
CA HIS A 121 -21.06 -3.91 -5.42
C HIS A 121 -21.86 -2.93 -6.27
N MET A 1 -9.00 3.27 -22.18
CA MET A 1 -8.44 1.90 -22.04
C MET A 1 -9.04 1.23 -20.80
N GLU A 2 -10.30 0.86 -20.92
CA GLU A 2 -11.02 0.29 -19.79
C GLU A 2 -10.71 -1.19 -19.63
N ASN A 3 -10.18 -1.78 -20.70
CA ASN A 3 -9.73 -3.16 -20.65
C ASN A 3 -8.30 -3.20 -20.11
N SER A 4 -8.17 -3.25 -18.80
CA SER A 4 -6.88 -3.29 -18.15
C SER A 4 -6.84 -4.42 -17.12
N GLY A 5 -5.92 -5.36 -17.32
CA GLY A 5 -5.79 -6.47 -16.41
C GLY A 5 -4.58 -7.32 -16.72
N ALA A 6 -3.43 -6.92 -16.20
CA ALA A 6 -2.19 -7.64 -16.42
C ALA A 6 -1.98 -8.68 -15.31
N TYR A 7 -3.02 -8.88 -14.50
CA TYR A 7 -2.99 -9.83 -13.39
C TYR A 7 -1.92 -9.46 -12.38
N THR A 8 -1.53 -8.20 -12.41
CA THR A 8 -0.54 -7.69 -11.50
C THR A 8 -1.24 -6.92 -10.36
N PHE A 9 -0.46 -6.21 -9.55
CA PHE A 9 -1.00 -5.41 -8.45
C PHE A 9 -2.16 -4.52 -8.90
N GLU A 10 -2.01 -3.91 -10.07
CA GLU A 10 -3.00 -2.97 -10.59
C GLU A 10 -4.35 -3.64 -10.86
N THR A 11 -4.33 -4.91 -11.26
CA THR A 11 -5.55 -5.64 -11.54
C THR A 11 -6.37 -5.86 -10.25
N ILE A 12 -5.68 -6.23 -9.18
CA ILE A 12 -6.33 -6.47 -7.90
C ILE A 12 -6.74 -5.15 -7.26
N ALA A 13 -5.89 -4.14 -7.41
CA ALA A 13 -6.13 -2.83 -6.82
C ALA A 13 -7.42 -2.19 -7.35
N ARG A 14 -7.64 -2.31 -8.66
CA ARG A 14 -8.79 -1.67 -9.30
C ARG A 14 -10.09 -2.36 -8.95
N GLU A 15 -9.99 -3.66 -8.66
CA GLU A 15 -11.17 -4.50 -8.41
C GLU A 15 -12.03 -3.95 -7.27
N TRP A 16 -11.43 -3.84 -6.10
CA TRP A 16 -12.14 -3.35 -4.92
C TRP A 16 -12.19 -1.81 -4.91
N HIS A 17 -11.25 -1.19 -5.62
CA HIS A 17 -11.11 0.28 -5.66
C HIS A 17 -12.43 0.99 -5.97
N GLU A 18 -13.32 0.31 -6.70
CA GLU A 18 -14.65 0.84 -6.99
C GLU A 18 -15.39 1.23 -5.71
N SER A 19 -15.28 0.37 -4.70
CA SER A 19 -15.97 0.57 -3.43
C SER A 19 -15.34 1.73 -2.66
N ASN A 20 -14.08 2.02 -2.97
CA ASN A 20 -13.37 3.10 -2.30
C ASN A 20 -13.70 4.42 -2.97
N LYS A 21 -13.04 4.70 -4.09
CA LYS A 21 -13.19 5.96 -4.80
C LYS A 21 -12.26 6.00 -6.01
N ARG A 22 -12.74 6.61 -7.10
CA ARG A 22 -11.94 6.90 -8.27
C ARG A 22 -11.63 5.66 -9.12
N TRP A 23 -12.15 5.67 -10.34
CA TRP A 23 -11.74 4.74 -11.37
C TRP A 23 -11.23 5.55 -12.56
N SER A 24 -10.12 5.13 -13.17
CA SER A 24 -9.50 5.91 -14.22
C SER A 24 -8.70 5.02 -15.17
N GLU A 25 -9.37 4.01 -15.73
CA GLU A 25 -8.75 3.10 -16.68
C GLU A 25 -8.21 3.84 -17.90
N ASP A 26 -8.91 4.90 -18.33
CA ASP A 26 -8.45 5.71 -19.46
C ASP A 26 -7.14 6.42 -19.13
N HIS A 27 -7.00 6.83 -17.87
CA HIS A 27 -5.80 7.53 -17.42
C HIS A 27 -4.64 6.56 -17.25
N ARG A 28 -4.98 5.31 -16.95
CA ARG A 28 -4.02 4.25 -16.59
C ARG A 28 -2.86 4.17 -17.58
N SER A 29 -3.12 4.46 -18.84
CA SER A 29 -2.10 4.34 -19.87
C SER A 29 -0.95 5.35 -19.66
N ARG A 30 -1.28 6.63 -19.50
CA ARG A 30 -0.26 7.66 -19.36
C ARG A 30 0.24 7.79 -17.93
N VAL A 31 -0.66 7.57 -16.96
CA VAL A 31 -0.32 7.73 -15.54
C VAL A 31 0.81 6.78 -15.13
N LEU A 32 1.03 5.73 -15.91
CA LEU A 32 2.07 4.74 -15.66
C LEU A 32 3.44 5.41 -15.46
N ARG A 33 3.63 6.58 -16.07
CA ARG A 33 4.89 7.31 -15.93
C ARG A 33 5.10 7.76 -14.49
N TYR A 34 4.13 8.49 -13.94
CA TYR A 34 4.20 8.96 -12.56
C TYR A 34 3.98 7.80 -11.59
N LEU A 35 3.26 6.78 -12.06
CA LEU A 35 2.97 5.59 -11.27
C LEU A 35 4.26 5.01 -10.68
N GLU A 36 5.23 4.73 -11.56
CA GLU A 36 6.50 4.13 -11.15
C GLU A 36 7.21 4.96 -10.07
N LEU A 37 6.98 6.27 -10.08
CA LEU A 37 7.69 7.20 -9.22
C LEU A 37 7.37 6.95 -7.74
N TYR A 38 6.09 6.81 -7.40
CA TYR A 38 5.69 6.67 -6.01
C TYR A 38 5.07 5.30 -5.73
N ILE A 39 4.71 4.60 -6.80
CA ILE A 39 4.13 3.29 -6.68
C ILE A 39 5.08 2.29 -7.31
N PHE A 40 5.61 1.42 -6.47
CA PHE A 40 6.65 0.46 -6.84
C PHE A 40 7.98 1.16 -7.10
N PRO A 41 8.50 1.95 -6.14
CA PRO A 41 9.72 2.71 -6.34
C PRO A 41 10.92 1.79 -6.57
N HIS A 42 11.17 0.92 -5.60
CA HIS A 42 12.23 -0.06 -5.74
C HIS A 42 11.65 -1.46 -5.98
N ILE A 43 10.58 -1.76 -5.24
CA ILE A 43 9.99 -3.09 -5.21
C ILE A 43 9.12 -3.40 -6.44
N GLY A 44 9.26 -2.59 -7.48
CA GLY A 44 8.47 -2.79 -8.68
C GLY A 44 8.80 -4.08 -9.41
N SER A 45 9.89 -4.72 -9.02
CA SER A 45 10.31 -5.97 -9.64
C SER A 45 9.84 -7.17 -8.81
N SER A 46 8.90 -6.94 -7.90
CA SER A 46 8.39 -7.99 -7.04
C SER A 46 6.98 -8.40 -7.43
N ASP A 47 6.71 -9.69 -7.36
CA ASP A 47 5.38 -10.24 -7.65
C ASP A 47 4.44 -9.92 -6.49
N ILE A 48 3.17 -9.73 -6.79
CA ILE A 48 2.19 -9.37 -5.78
C ILE A 48 1.88 -10.55 -4.85
N ARG A 49 2.04 -11.76 -5.38
CA ARG A 49 1.75 -12.97 -4.61
C ARG A 49 2.85 -13.27 -3.59
N GLN A 50 4.04 -12.73 -3.84
CA GLN A 50 5.15 -12.91 -2.92
C GLN A 50 5.81 -11.58 -2.64
N LEU A 51 5.17 -10.80 -1.79
CA LEU A 51 5.68 -9.50 -1.40
C LEU A 51 6.59 -9.66 -0.19
N LYS A 52 7.41 -8.66 0.09
CA LYS A 52 8.32 -8.71 1.21
C LYS A 52 7.60 -8.40 2.52
N THR A 53 8.31 -8.52 3.62
CA THR A 53 7.80 -8.11 4.93
C THR A 53 8.01 -6.60 5.09
N SER A 54 7.94 -6.11 6.32
CA SER A 54 8.04 -4.67 6.62
C SER A 54 9.27 -4.01 5.94
N HIS A 55 10.23 -4.81 5.52
CA HIS A 55 11.41 -4.32 4.81
C HIS A 55 11.03 -3.52 3.57
N LEU A 56 9.88 -3.87 2.98
CA LEU A 56 9.43 -3.24 1.73
C LEU A 56 9.13 -1.76 1.92
N LEU A 57 8.99 -1.33 3.17
CA LEU A 57 8.65 0.05 3.49
C LEU A 57 9.86 0.98 3.36
N ALA A 58 11.04 0.38 3.29
CA ALA A 58 12.30 1.14 3.23
C ALA A 58 12.32 2.17 2.09
N PRO A 59 12.02 1.78 0.82
CA PRO A 59 12.00 2.73 -0.30
C PRO A 59 10.94 3.81 -0.15
N ILE A 60 9.87 3.49 0.58
CA ILE A 60 8.82 4.46 0.84
C ILE A 60 9.36 5.55 1.78
N LYS A 61 10.36 5.17 2.57
CA LYS A 61 11.00 6.13 3.46
C LYS A 61 11.83 7.14 2.66
N GLU A 62 12.37 6.67 1.54
CA GLU A 62 13.12 7.53 0.67
C GLU A 62 12.22 8.56 0.02
N VAL A 63 11.03 8.12 -0.39
CA VAL A 63 10.07 9.01 -1.05
C VAL A 63 9.36 9.92 -0.05
N ASP A 64 9.18 9.44 1.19
CA ASP A 64 8.52 10.26 2.21
C ASP A 64 9.44 11.38 2.66
N THR A 65 10.72 11.04 2.84
CA THR A 65 11.74 12.00 3.21
C THR A 65 11.96 13.01 2.08
N SER A 66 11.49 12.66 0.89
CA SER A 66 11.60 13.52 -0.27
C SER A 66 10.48 14.58 -0.27
N GLY A 67 9.68 14.60 0.79
CA GLY A 67 8.66 15.63 0.90
C GLY A 67 7.26 15.07 0.77
N LYS A 68 7.14 13.76 0.64
CA LYS A 68 5.84 13.11 0.53
C LYS A 68 5.50 12.39 1.85
N HIS A 69 5.32 13.18 2.90
CA HIS A 69 5.10 12.66 4.24
C HIS A 69 3.72 12.02 4.35
N ASP A 70 2.69 12.75 3.92
CA ASP A 70 1.33 12.22 3.94
C ASP A 70 1.19 11.08 2.96
N VAL A 71 1.83 11.24 1.81
CA VAL A 71 1.74 10.26 0.73
C VAL A 71 2.19 8.88 1.19
N ALA A 72 3.29 8.83 1.94
CA ALA A 72 3.83 7.57 2.43
C ALA A 72 2.77 6.74 3.17
N GLN A 73 2.19 7.34 4.21
CA GLN A 73 1.19 6.67 5.03
C GLN A 73 -0.01 6.25 4.21
N ARG A 74 -0.52 7.19 3.42
CA ARG A 74 -1.69 6.94 2.59
C ARG A 74 -1.43 5.80 1.60
N LEU A 75 -0.21 5.70 1.11
CA LEU A 75 0.16 4.62 0.17
C LEU A 75 0.27 3.28 0.89
N GLN A 76 0.99 3.25 2.01
CA GLN A 76 1.17 2.01 2.77
C GLN A 76 -0.16 1.49 3.32
N GLN A 77 -1.02 2.42 3.70
CA GLN A 77 -2.37 2.10 4.15
C GLN A 77 -3.15 1.35 3.06
N ARG A 78 -2.86 1.70 1.81
CA ARG A 78 -3.56 1.12 0.68
C ARG A 78 -2.97 -0.23 0.25
N VAL A 79 -1.64 -0.33 0.27
CA VAL A 79 -0.96 -1.52 -0.22
C VAL A 79 -1.30 -2.76 0.62
N THR A 80 -1.50 -2.57 1.91
CA THR A 80 -1.84 -3.69 2.79
C THR A 80 -3.27 -4.17 2.51
N ALA A 81 -4.12 -3.23 2.09
CA ALA A 81 -5.51 -3.56 1.77
C ALA A 81 -5.58 -4.44 0.53
N ILE A 82 -4.62 -4.23 -0.37
CA ILE A 82 -4.50 -5.05 -1.58
C ILE A 82 -4.30 -6.51 -1.20
N MET A 83 -3.29 -6.74 -0.37
CA MET A 83 -2.93 -8.07 0.08
C MET A 83 -4.07 -8.70 0.88
N ARG A 84 -4.72 -7.88 1.72
CA ARG A 84 -5.81 -8.37 2.55
C ARG A 84 -7.00 -8.83 1.70
N TYR A 85 -7.26 -8.13 0.59
CA TYR A 85 -8.30 -8.54 -0.34
C TYR A 85 -7.97 -9.90 -0.93
N ALA A 86 -6.70 -10.08 -1.29
CA ALA A 86 -6.25 -11.33 -1.88
C ALA A 86 -6.38 -12.49 -0.90
N VAL A 87 -6.13 -12.22 0.38
CA VAL A 87 -6.28 -13.24 1.41
C VAL A 87 -7.77 -13.50 1.71
N GLN A 88 -8.58 -12.46 1.60
CA GLN A 88 -10.02 -12.58 1.75
C GLN A 88 -10.54 -13.53 0.67
N ASN A 89 -10.02 -13.37 -0.53
CA ASN A 89 -10.36 -14.24 -1.66
C ASN A 89 -9.70 -15.61 -1.50
N ASP A 90 -8.70 -15.68 -0.61
CA ASP A 90 -7.89 -16.89 -0.41
C ASP A 90 -7.10 -17.19 -1.69
N TYR A 91 -6.78 -16.13 -2.40
CA TYR A 91 -6.12 -16.22 -3.69
C TYR A 91 -4.62 -16.42 -3.52
N ILE A 92 -4.06 -15.84 -2.46
CA ILE A 92 -2.65 -16.04 -2.14
C ILE A 92 -2.53 -17.00 -0.97
N ASP A 93 -1.31 -17.15 -0.46
CA ASP A 93 -1.05 -18.15 0.57
C ASP A 93 -1.06 -17.55 1.98
N SER A 94 -0.44 -16.39 2.14
CA SER A 94 -0.27 -15.82 3.47
C SER A 94 -0.20 -14.29 3.40
N ASN A 95 0.08 -13.67 4.54
CA ASN A 95 0.18 -12.23 4.64
C ASN A 95 1.59 -11.79 5.02
N PRO A 96 2.48 -11.63 4.03
CA PRO A 96 3.85 -11.15 4.26
C PRO A 96 3.87 -9.71 4.78
N ALA A 97 3.00 -8.86 4.23
CA ALA A 97 2.96 -7.46 4.58
C ALA A 97 1.64 -7.09 5.24
N SER A 98 1.17 -7.95 6.14
CA SER A 98 -0.06 -7.68 6.87
C SER A 98 0.21 -6.63 7.95
N ASP A 99 1.29 -6.85 8.70
CA ASP A 99 1.70 -5.91 9.73
C ASP A 99 3.00 -5.22 9.32
N MET A 100 2.86 -4.12 8.59
CA MET A 100 4.01 -3.37 8.11
C MET A 100 3.81 -1.87 8.32
N ALA A 101 2.57 -1.48 8.58
CA ALA A 101 2.23 -0.07 8.73
C ALA A 101 2.33 0.36 10.19
N GLY A 102 3.31 1.21 10.48
CA GLY A 102 3.44 1.75 11.82
C GLY A 102 2.76 3.09 11.96
N ALA A 103 2.69 3.57 13.19
CA ALA A 103 2.02 4.83 13.49
C ALA A 103 3.03 5.94 13.76
N LEU A 104 3.38 6.67 12.70
CA LEU A 104 4.36 7.73 12.83
C LEU A 104 3.69 9.12 12.90
N SER A 105 2.56 9.27 12.23
CA SER A 105 1.82 10.53 12.26
C SER A 105 0.34 10.30 11.96
N THR A 106 -0.14 9.11 12.30
CA THR A 106 -1.51 8.72 12.02
C THR A 106 -2.49 9.37 12.99
N THR A 107 -3.16 10.42 12.53
CA THR A 107 -4.24 11.03 13.30
C THR A 107 -5.42 10.07 13.40
N LYS A 108 -6.15 10.15 14.50
CA LYS A 108 -7.25 9.20 14.75
C LYS A 108 -8.51 9.61 14.01
N ALA A 109 -8.80 8.86 12.97
CA ALA A 109 -9.95 9.11 12.11
C ALA A 109 -9.98 8.10 10.96
N ARG A 110 -9.61 6.87 11.24
CA ARG A 110 -9.54 5.84 10.22
C ARG A 110 -10.34 4.60 10.62
N HIS A 111 -10.15 3.52 9.86
CA HIS A 111 -10.88 2.26 10.06
C HIS A 111 -12.37 2.47 9.83
N TYR A 112 -12.76 2.48 8.55
CA TYR A 112 -14.16 2.66 8.18
C TYR A 112 -14.60 1.60 7.18
N PRO A 113 -15.52 0.71 7.57
CA PRO A 113 -16.17 -0.19 6.65
C PRO A 113 -17.31 0.50 5.90
N LEU A 114 -17.49 0.10 4.65
CA LEU A 114 -18.58 0.64 3.85
C LEU A 114 -19.15 -0.45 2.96
N GLU A 115 -18.37 -0.86 1.97
CA GLU A 115 -18.75 -1.96 1.11
C GLU A 115 -17.85 -3.16 1.39
N HIS A 116 -18.40 -4.34 1.24
CA HIS A 116 -17.64 -5.56 1.53
C HIS A 116 -17.85 -6.59 0.43
N HIS A 117 -16.92 -6.65 -0.49
CA HIS A 117 -16.96 -7.64 -1.58
C HIS A 117 -16.54 -8.99 -1.04
N HIS A 118 -17.52 -9.82 -0.69
CA HIS A 118 -17.25 -11.15 -0.18
C HIS A 118 -17.67 -12.18 -1.20
N HIS A 119 -16.90 -13.27 -1.29
CA HIS A 119 -17.14 -14.34 -2.24
C HIS A 119 -16.97 -13.83 -3.67
N HIS A 120 -15.73 -13.80 -4.12
CA HIS A 120 -15.41 -13.37 -5.47
C HIS A 120 -15.30 -14.60 -6.37
N HIS A 121 -16.34 -14.88 -7.11
CA HIS A 121 -16.40 -16.05 -7.97
C HIS A 121 -16.38 -15.65 -9.42
N MET A 1 -13.30 -4.98 -14.34
CA MET A 1 -14.44 -5.25 -15.27
C MET A 1 -13.98 -6.01 -16.51
N GLU A 2 -13.45 -5.29 -17.50
CA GLU A 2 -13.14 -5.87 -18.80
C GLU A 2 -11.98 -6.87 -18.74
N ASN A 3 -10.99 -6.62 -17.88
CA ASN A 3 -9.85 -7.53 -17.76
C ASN A 3 -10.30 -8.88 -17.22
N SER A 4 -10.44 -9.85 -18.10
CA SER A 4 -10.96 -11.15 -17.72
C SER A 4 -9.85 -12.19 -17.61
N GLY A 5 -9.75 -12.80 -16.43
CA GLY A 5 -8.82 -13.91 -16.23
C GLY A 5 -7.41 -13.46 -15.95
N ALA A 6 -7.24 -12.18 -15.63
CA ALA A 6 -5.92 -11.64 -15.37
C ALA A 6 -5.69 -11.50 -13.88
N TYR A 7 -4.93 -12.43 -13.31
CA TYR A 7 -4.63 -12.40 -11.89
C TYR A 7 -3.30 -11.69 -11.64
N THR A 8 -3.32 -10.37 -11.81
CA THR A 8 -2.12 -9.56 -11.68
C THR A 8 -2.29 -8.53 -10.56
N PHE A 9 -1.17 -8.17 -9.93
CA PHE A 9 -1.15 -7.23 -8.80
C PHE A 9 -1.91 -5.95 -9.15
N GLU A 10 -1.58 -5.34 -10.28
CA GLU A 10 -2.20 -4.10 -10.70
C GLU A 10 -3.65 -4.31 -11.17
N THR A 11 -3.90 -5.47 -11.75
CA THR A 11 -5.22 -5.80 -12.27
C THR A 11 -6.24 -5.88 -11.14
N ILE A 12 -5.84 -6.46 -10.02
CA ILE A 12 -6.72 -6.59 -8.87
C ILE A 12 -6.93 -5.21 -8.21
N ALA A 13 -5.93 -4.35 -8.34
CA ALA A 13 -5.99 -3.02 -7.75
C ALA A 13 -7.15 -2.20 -8.31
N ARG A 14 -7.46 -2.38 -9.59
CA ARG A 14 -8.55 -1.64 -10.21
C ARG A 14 -9.90 -2.21 -9.79
N GLU A 15 -9.94 -3.51 -9.58
CA GLU A 15 -11.18 -4.24 -9.34
C GLU A 15 -11.97 -3.65 -8.18
N TRP A 16 -11.33 -3.50 -7.03
CA TRP A 16 -12.02 -2.94 -5.86
C TRP A 16 -12.10 -1.41 -5.95
N HIS A 17 -11.16 -0.80 -6.66
CA HIS A 17 -11.13 0.66 -6.79
C HIS A 17 -12.20 1.20 -7.74
N GLU A 18 -12.66 0.37 -8.67
CA GLU A 18 -13.60 0.80 -9.71
C GLU A 18 -14.96 1.24 -9.15
N SER A 19 -15.11 1.27 -7.83
CA SER A 19 -16.25 1.92 -7.21
C SER A 19 -16.10 3.44 -7.31
N ASN A 20 -14.92 3.84 -7.78
CA ASN A 20 -14.59 5.25 -8.04
C ASN A 20 -14.44 6.06 -6.76
N LYS A 21 -13.22 6.11 -6.27
CA LYS A 21 -12.86 7.02 -5.20
C LYS A 21 -11.89 8.06 -5.73
N ARG A 22 -12.46 9.17 -6.16
CA ARG A 22 -11.72 10.30 -6.74
C ARG A 22 -11.07 9.93 -8.08
N TRP A 23 -10.00 9.14 -8.02
CA TRP A 23 -9.24 8.77 -9.22
C TRP A 23 -10.09 7.93 -10.18
N SER A 24 -10.13 8.37 -11.43
CA SER A 24 -10.84 7.64 -12.48
C SER A 24 -9.93 6.59 -13.11
N GLU A 25 -10.54 5.66 -13.85
CA GLU A 25 -9.79 4.59 -14.52
C GLU A 25 -8.92 5.15 -15.64
N ASP A 26 -9.42 6.20 -16.28
CA ASP A 26 -8.66 6.90 -17.32
C ASP A 26 -7.32 7.37 -16.78
N HIS A 27 -7.37 8.04 -15.64
CA HIS A 27 -6.16 8.59 -15.03
C HIS A 27 -5.33 7.47 -14.40
N ARG A 28 -6.00 6.39 -13.99
CA ARG A 28 -5.32 5.21 -13.47
C ARG A 28 -4.27 4.72 -14.47
N SER A 29 -4.65 4.73 -15.75
CA SER A 29 -3.75 4.31 -16.80
C SER A 29 -2.70 5.39 -17.08
N ARG A 30 -3.14 6.64 -17.10
CA ARG A 30 -2.26 7.78 -17.33
C ARG A 30 -1.11 7.82 -16.31
N VAL A 31 -1.47 7.74 -15.03
CA VAL A 31 -0.51 7.90 -13.94
C VAL A 31 0.36 6.65 -13.75
N LEU A 32 -0.04 5.53 -14.35
CA LEU A 32 0.59 4.24 -14.12
C LEU A 32 2.12 4.29 -14.28
N ARG A 33 2.61 5.06 -15.25
CA ARG A 33 4.05 5.20 -15.46
C ARG A 33 4.70 5.79 -14.22
N TYR A 34 4.14 6.90 -13.75
CA TYR A 34 4.66 7.60 -12.58
C TYR A 34 4.40 6.80 -11.32
N LEU A 35 3.32 6.02 -11.34
CA LEU A 35 2.92 5.19 -10.20
C LEU A 35 4.03 4.23 -9.82
N GLU A 36 4.54 3.48 -10.79
CA GLU A 36 5.58 2.50 -10.49
C GLU A 36 6.91 3.19 -10.20
N LEU A 37 7.14 4.34 -10.82
CA LEU A 37 8.38 5.08 -10.60
C LEU A 37 8.42 5.67 -9.19
N TYR A 38 7.26 5.88 -8.61
CA TYR A 38 7.15 6.51 -7.31
C TYR A 38 6.94 5.47 -6.21
N ILE A 39 6.05 4.52 -6.46
CA ILE A 39 5.66 3.55 -5.44
C ILE A 39 6.45 2.24 -5.56
N PHE A 40 6.87 1.88 -6.76
CA PHE A 40 7.55 0.60 -6.98
C PHE A 40 8.97 0.82 -7.56
N PRO A 41 9.91 1.38 -6.78
CA PRO A 41 11.27 1.60 -7.27
C PRO A 41 12.07 0.30 -7.33
N HIS A 42 12.18 -0.38 -6.19
CA HIS A 42 12.78 -1.70 -6.16
C HIS A 42 11.72 -2.78 -5.99
N ILE A 43 10.63 -2.42 -5.36
CA ILE A 43 9.65 -3.41 -4.91
C ILE A 43 8.62 -3.74 -5.99
N GLY A 44 8.85 -3.24 -7.20
CA GLY A 44 7.93 -3.51 -8.29
C GLY A 44 8.17 -4.86 -8.92
N SER A 45 9.22 -5.53 -8.47
CA SER A 45 9.54 -6.86 -8.96
C SER A 45 8.77 -7.92 -8.17
N SER A 46 8.17 -7.49 -7.06
CA SER A 46 7.43 -8.39 -6.18
C SER A 46 6.17 -8.89 -6.86
N ASP A 47 5.85 -10.16 -6.65
CA ASP A 47 4.63 -10.74 -7.19
C ASP A 47 3.54 -10.70 -6.13
N ILE A 48 2.29 -10.60 -6.57
CA ILE A 48 1.15 -10.50 -5.66
C ILE A 48 0.95 -11.82 -4.91
N ARG A 49 1.51 -12.90 -5.44
CA ARG A 49 1.41 -14.21 -4.80
C ARG A 49 2.24 -14.26 -3.53
N GLN A 50 3.34 -13.51 -3.52
CA GLN A 50 4.24 -13.47 -2.40
C GLN A 50 4.77 -12.06 -2.21
N LEU A 51 4.04 -11.27 -1.43
CA LEU A 51 4.46 -9.91 -1.13
C LEU A 51 5.21 -9.88 0.19
N LYS A 52 5.96 -8.82 0.40
CA LYS A 52 6.88 -8.75 1.54
C LYS A 52 6.34 -7.82 2.63
N THR A 53 7.04 -7.82 3.76
CA THR A 53 6.66 -6.99 4.89
C THR A 53 7.27 -5.59 4.80
N SER A 54 7.34 -4.91 5.94
CA SER A 54 7.76 -3.50 6.02
C SER A 54 9.18 -3.23 5.48
N HIS A 55 9.83 -4.23 4.91
CA HIS A 55 11.13 -4.04 4.29
C HIS A 55 10.99 -3.20 3.04
N LEU A 56 9.83 -3.32 2.40
CA LEU A 56 9.51 -2.55 1.20
C LEU A 56 9.14 -1.10 1.55
N LEU A 57 8.91 -0.86 2.84
CA LEU A 57 8.55 0.48 3.32
C LEU A 57 9.73 1.45 3.22
N ALA A 58 10.94 0.90 3.28
CA ALA A 58 12.16 1.73 3.26
C ALA A 58 12.21 2.65 2.03
N PRO A 59 12.01 2.11 0.80
CA PRO A 59 11.92 2.93 -0.42
C PRO A 59 10.94 4.09 -0.31
N ILE A 60 9.74 3.81 0.19
CA ILE A 60 8.72 4.85 0.34
C ILE A 60 9.18 5.90 1.34
N LYS A 61 9.94 5.45 2.33
CA LYS A 61 10.44 6.33 3.38
C LYS A 61 11.50 7.29 2.86
N GLU A 62 12.14 6.92 1.77
CA GLU A 62 13.07 7.82 1.08
C GLU A 62 12.37 9.14 0.75
N VAL A 63 11.11 9.03 0.35
CA VAL A 63 10.28 10.20 0.07
C VAL A 63 9.94 10.94 1.35
N ASP A 64 9.48 10.17 2.34
CA ASP A 64 9.08 10.68 3.65
C ASP A 64 10.20 11.51 4.29
N THR A 65 11.44 11.07 4.09
CA THR A 65 12.60 11.78 4.60
C THR A 65 12.72 13.17 3.97
N SER A 66 12.42 13.26 2.68
CA SER A 66 12.40 14.53 1.97
C SER A 66 11.19 15.35 2.45
N GLY A 67 10.07 14.66 2.62
CA GLY A 67 8.87 15.26 3.12
C GLY A 67 7.69 14.46 2.63
N LYS A 68 6.60 15.15 2.38
CA LYS A 68 5.42 14.54 1.76
C LYS A 68 4.97 13.31 2.52
N HIS A 69 5.21 13.34 3.83
CA HIS A 69 4.99 12.17 4.69
C HIS A 69 3.53 11.74 4.68
N ASP A 70 2.61 12.71 4.57
CA ASP A 70 1.19 12.40 4.59
C ASP A 70 0.77 11.65 3.34
N VAL A 71 1.10 12.21 2.19
CA VAL A 71 0.73 11.60 0.91
C VAL A 71 1.47 10.27 0.71
N ALA A 72 2.70 10.19 1.19
CA ALA A 72 3.47 8.97 1.12
C ALA A 72 2.77 7.84 1.87
N GLN A 73 2.40 8.10 3.12
CA GLN A 73 1.72 7.12 3.95
C GLN A 73 0.37 6.73 3.36
N ARG A 74 -0.37 7.71 2.88
CA ARG A 74 -1.67 7.44 2.28
C ARG A 74 -1.52 6.61 1.00
N LEU A 75 -0.48 6.89 0.22
CA LEU A 75 -0.24 6.17 -1.03
C LEU A 75 0.28 4.76 -0.79
N GLN A 76 1.23 4.60 0.13
CA GLN A 76 1.81 3.29 0.43
C GLN A 76 0.73 2.29 0.82
N GLN A 77 -0.28 2.80 1.51
CA GLN A 77 -1.42 2.01 1.96
C GLN A 77 -2.09 1.23 0.82
N ARG A 78 -1.91 1.67 -0.43
CA ARG A 78 -2.49 0.97 -1.58
C ARG A 78 -1.95 -0.45 -1.66
N VAL A 79 -0.70 -0.61 -1.27
CA VAL A 79 -0.05 -1.92 -1.28
C VAL A 79 -0.66 -2.80 -0.18
N THR A 80 -0.92 -2.19 0.96
CA THR A 80 -1.53 -2.87 2.09
C THR A 80 -2.97 -3.28 1.75
N ALA A 81 -3.65 -2.45 0.98
CA ALA A 81 -5.01 -2.73 0.54
C ALA A 81 -5.03 -3.96 -0.37
N ILE A 82 -4.01 -4.09 -1.21
CA ILE A 82 -3.86 -5.26 -2.07
C ILE A 82 -3.71 -6.52 -1.22
N MET A 83 -2.91 -6.41 -0.15
CA MET A 83 -2.68 -7.51 0.76
C MET A 83 -3.98 -8.03 1.36
N ARG A 84 -4.92 -7.13 1.56
CA ARG A 84 -6.22 -7.50 2.11
C ARG A 84 -6.92 -8.49 1.17
N TYR A 85 -7.13 -8.06 -0.07
CA TYR A 85 -7.82 -8.88 -1.06
C TYR A 85 -7.03 -10.15 -1.37
N ALA A 86 -5.70 -10.03 -1.35
CA ALA A 86 -4.82 -11.16 -1.60
C ALA A 86 -5.03 -12.28 -0.59
N VAL A 87 -5.03 -11.93 0.68
CA VAL A 87 -5.21 -12.91 1.74
C VAL A 87 -6.67 -13.39 1.77
N GLN A 88 -7.59 -12.50 1.43
CA GLN A 88 -9.00 -12.87 1.31
C GLN A 88 -9.20 -13.84 0.16
N ASN A 89 -8.29 -13.82 -0.81
CA ASN A 89 -8.40 -14.68 -1.96
C ASN A 89 -7.97 -16.12 -1.61
N ASP A 90 -7.53 -16.28 -0.36
CA ASP A 90 -7.28 -17.60 0.23
C ASP A 90 -6.13 -18.36 -0.43
N TYR A 91 -5.18 -17.65 -1.03
CA TYR A 91 -4.03 -18.33 -1.61
C TYR A 91 -2.78 -18.18 -0.72
N ILE A 92 -2.88 -17.30 0.27
CA ILE A 92 -1.81 -17.13 1.25
C ILE A 92 -2.39 -16.93 2.64
N ASP A 93 -1.72 -17.49 3.65
CA ASP A 93 -2.15 -17.32 5.03
C ASP A 93 -1.05 -16.70 5.85
N SER A 94 -1.03 -15.38 5.87
CA SER A 94 -0.07 -14.63 6.65
C SER A 94 -0.56 -13.19 6.83
N ASN A 95 -0.89 -12.55 5.71
CA ASN A 95 -1.30 -11.15 5.66
C ASN A 95 -0.19 -10.25 6.20
N PRO A 96 0.81 -9.97 5.36
CA PRO A 96 1.89 -9.04 5.69
C PRO A 96 1.44 -7.59 5.52
N ALA A 97 2.42 -6.68 5.54
CA ALA A 97 2.18 -5.24 5.39
C ALA A 97 1.36 -4.67 6.56
N SER A 98 1.12 -5.50 7.57
CA SER A 98 0.36 -5.10 8.74
C SER A 98 1.11 -4.03 9.53
N ASP A 99 2.41 -4.22 9.66
CA ASP A 99 3.26 -3.27 10.37
C ASP A 99 3.81 -2.22 9.41
N MET A 100 3.55 -2.44 8.12
CA MET A 100 4.04 -1.55 7.07
C MET A 100 3.25 -0.24 7.08
N ALA A 101 1.93 -0.36 7.06
CA ALA A 101 1.07 0.79 7.18
C ALA A 101 0.42 0.81 8.55
N GLY A 102 1.19 1.20 9.55
CA GLY A 102 0.70 1.21 10.92
C GLY A 102 0.77 2.57 11.56
N ALA A 103 0.81 2.59 12.89
CA ALA A 103 0.83 3.83 13.63
C ALA A 103 2.19 4.50 13.55
N LEU A 104 2.36 5.34 12.54
CA LEU A 104 3.58 6.11 12.39
C LEU A 104 3.28 7.58 12.68
N SER A 105 2.60 8.23 11.75
CA SER A 105 2.22 9.62 11.93
C SER A 105 0.72 9.72 12.19
N THR A 106 0.14 8.59 12.56
CA THR A 106 -1.29 8.50 12.78
C THR A 106 -1.56 7.58 13.97
N THR A 107 -2.82 7.53 14.37
CA THR A 107 -3.27 6.75 15.51
C THR A 107 -2.82 7.37 16.84
N LYS A 108 -3.56 7.05 17.90
CA LYS A 108 -3.34 7.60 19.23
C LYS A 108 -3.33 9.12 19.22
N ALA A 109 -4.51 9.70 19.14
CA ALA A 109 -4.68 11.13 19.29
C ALA A 109 -5.40 11.39 20.59
N ARG A 110 -6.64 10.91 20.66
CA ARG A 110 -7.47 10.97 21.86
C ARG A 110 -7.41 12.35 22.51
N HIS A 111 -8.08 13.29 21.88
CA HIS A 111 -8.13 14.65 22.37
C HIS A 111 -9.26 15.38 21.66
N TYR A 112 -10.45 15.30 22.25
CA TYR A 112 -11.65 15.82 21.61
C TYR A 112 -12.74 16.01 22.65
N PRO A 113 -13.30 17.22 22.74
CA PRO A 113 -14.42 17.50 23.65
C PRO A 113 -15.70 16.86 23.12
N LEU A 114 -16.02 15.72 23.70
CA LEU A 114 -17.14 14.91 23.24
C LEU A 114 -18.38 15.14 24.10
N GLU A 115 -18.28 16.08 25.03
CA GLU A 115 -19.39 16.37 25.93
C GLU A 115 -20.12 17.63 25.52
N HIS A 116 -21.40 17.69 25.87
CA HIS A 116 -22.23 18.87 25.60
C HIS A 116 -23.27 19.05 26.69
N HIS A 117 -23.93 20.21 26.68
CA HIS A 117 -24.97 20.50 27.65
C HIS A 117 -26.16 21.14 26.96
N HIS A 118 -27.36 20.88 27.46
CA HIS A 118 -28.58 21.39 26.84
C HIS A 118 -29.05 22.67 27.53
N HIS A 119 -29.18 23.72 26.74
CA HIS A 119 -29.71 25.00 27.23
C HIS A 119 -30.77 25.50 26.26
N HIS A 120 -32.03 25.29 26.61
CA HIS A 120 -33.13 25.59 25.70
C HIS A 120 -33.75 26.93 26.02
N HIS A 121 -33.57 27.90 25.12
CA HIS A 121 -34.11 29.22 25.30
C HIS A 121 -35.18 29.51 24.24
N MET A 1 1.74 -12.57 -22.72
CA MET A 1 1.28 -12.32 -21.33
C MET A 1 -0.18 -12.77 -21.18
N GLU A 2 -0.42 -13.64 -20.21
CA GLU A 2 -1.76 -14.16 -19.98
C GLU A 2 -2.50 -13.30 -18.97
N ASN A 3 -3.54 -12.62 -19.44
CA ASN A 3 -4.35 -11.78 -18.58
C ASN A 3 -5.65 -12.49 -18.19
N SER A 4 -5.64 -13.82 -18.31
CA SER A 4 -6.77 -14.63 -17.93
C SER A 4 -7.03 -14.48 -16.43
N GLY A 5 -6.17 -15.06 -15.61
CA GLY A 5 -6.21 -14.84 -14.19
C GLY A 5 -5.48 -13.57 -13.84
N ALA A 6 -4.35 -13.36 -14.53
CA ALA A 6 -3.53 -12.16 -14.39
C ALA A 6 -2.91 -12.03 -13.01
N TYR A 7 -1.70 -12.54 -12.87
CA TYR A 7 -0.94 -12.45 -11.63
C TYR A 7 -0.27 -11.08 -11.51
N THR A 8 -1.02 -10.05 -11.86
CA THR A 8 -0.51 -8.70 -11.85
C THR A 8 -1.04 -7.94 -10.63
N PHE A 9 -0.19 -7.09 -10.06
CA PHE A 9 -0.58 -6.28 -8.91
C PHE A 9 -1.79 -5.40 -9.24
N GLU A 10 -1.80 -4.89 -10.47
CA GLU A 10 -2.84 -3.97 -10.91
C GLU A 10 -4.21 -4.65 -10.98
N THR A 11 -4.26 -5.85 -11.57
CA THR A 11 -5.53 -6.53 -11.83
C THR A 11 -6.29 -6.84 -10.54
N ILE A 12 -5.57 -7.25 -9.50
CA ILE A 12 -6.18 -7.54 -8.22
C ILE A 12 -6.55 -6.23 -7.51
N ALA A 13 -5.72 -5.21 -7.68
CA ALA A 13 -5.97 -3.91 -7.09
C ALA A 13 -7.21 -3.26 -7.70
N ARG A 14 -7.46 -3.57 -8.98
CA ARG A 14 -8.63 -3.06 -9.68
C ARG A 14 -9.91 -3.41 -8.95
N GLU A 15 -10.01 -4.68 -8.54
CA GLU A 15 -11.27 -5.26 -8.11
C GLU A 15 -11.94 -4.44 -7.02
N TRP A 16 -11.25 -4.27 -5.91
CA TRP A 16 -11.79 -3.52 -4.78
C TRP A 16 -11.79 -2.01 -5.06
N HIS A 17 -10.79 -1.53 -5.78
CA HIS A 17 -10.66 -0.10 -6.05
C HIS A 17 -11.70 0.41 -7.04
N GLU A 18 -12.17 -0.46 -7.94
CA GLU A 18 -13.17 -0.07 -8.93
C GLU A 18 -14.53 0.23 -8.29
N SER A 19 -14.61 0.13 -6.97
CA SER A 19 -15.78 0.59 -6.24
C SER A 19 -15.87 2.11 -6.33
N ASN A 20 -14.71 2.73 -6.58
CA ASN A 20 -14.62 4.16 -6.79
C ASN A 20 -14.07 4.42 -8.19
N LYS A 21 -14.97 4.52 -9.16
CA LYS A 21 -14.59 4.63 -10.56
C LYS A 21 -15.69 5.31 -11.39
N ARG A 22 -15.28 6.07 -12.39
CA ARG A 22 -16.20 6.67 -13.34
C ARG A 22 -15.45 7.12 -14.58
N TRP A 23 -15.21 6.17 -15.49
CA TRP A 23 -14.54 6.42 -16.78
C TRP A 23 -13.31 7.31 -16.63
N SER A 24 -12.37 6.89 -15.80
CA SER A 24 -11.18 7.67 -15.53
C SER A 24 -9.91 6.96 -16.03
N GLU A 25 -10.11 6.00 -16.92
CA GLU A 25 -9.04 5.13 -17.37
C GLU A 25 -8.02 5.89 -18.24
N ASP A 26 -8.53 6.76 -19.10
CA ASP A 26 -7.68 7.43 -20.09
C ASP A 26 -6.52 8.19 -19.44
N HIS A 27 -6.84 9.02 -18.45
CA HIS A 27 -5.81 9.82 -17.80
C HIS A 27 -4.94 8.97 -16.87
N ARG A 28 -5.48 7.87 -16.35
CA ARG A 28 -4.73 7.03 -15.42
C ARG A 28 -3.64 6.25 -16.17
N SER A 29 -3.86 6.04 -17.47
CA SER A 29 -2.86 5.40 -18.31
C SER A 29 -1.66 6.32 -18.53
N ARG A 30 -1.91 7.62 -18.47
CA ARG A 30 -0.87 8.62 -18.65
C ARG A 30 -0.10 8.83 -17.34
N VAL A 31 -0.87 9.01 -16.27
CA VAL A 31 -0.31 9.24 -14.94
C VAL A 31 0.41 7.99 -14.41
N LEU A 32 0.18 6.86 -15.08
CA LEU A 32 0.77 5.58 -14.68
C LEU A 32 2.28 5.70 -14.50
N ARG A 33 2.92 6.58 -15.29
CA ARG A 33 4.35 6.84 -15.15
C ARG A 33 4.69 7.27 -13.71
N TYR A 34 3.86 8.14 -13.18
CA TYR A 34 4.03 8.64 -11.81
C TYR A 34 3.76 7.51 -10.81
N LEU A 35 2.74 6.72 -11.10
CA LEU A 35 2.35 5.62 -10.24
C LEU A 35 3.48 4.60 -10.12
N GLU A 36 3.99 4.17 -11.27
CA GLU A 36 5.06 3.16 -11.31
C GLU A 36 6.30 3.63 -10.57
N LEU A 37 6.65 4.90 -10.74
CA LEU A 37 7.90 5.43 -10.20
C LEU A 37 7.87 5.56 -8.68
N TYR A 38 6.72 5.92 -8.13
CA TYR A 38 6.63 6.19 -6.70
C TYR A 38 6.12 4.98 -5.91
N ILE A 39 5.35 4.12 -6.56
CA ILE A 39 4.80 2.95 -5.87
C ILE A 39 5.72 1.74 -6.03
N PHE A 40 6.41 1.67 -7.16
CA PHE A 40 7.30 0.54 -7.42
C PHE A 40 8.70 1.01 -7.83
N PRO A 41 9.42 1.74 -6.96
CA PRO A 41 10.72 2.29 -7.31
C PRO A 41 11.84 1.25 -7.19
N HIS A 42 12.00 0.69 -6.01
CA HIS A 42 13.03 -0.33 -5.78
C HIS A 42 12.39 -1.70 -5.62
N ILE A 43 11.06 -1.75 -5.64
CA ILE A 43 10.32 -2.93 -5.22
C ILE A 43 9.38 -3.47 -6.30
N GLY A 44 9.55 -3.00 -7.52
CA GLY A 44 8.61 -3.36 -8.58
C GLY A 44 8.77 -4.80 -9.05
N SER A 45 9.82 -5.46 -8.59
CA SER A 45 10.12 -6.81 -9.03
C SER A 45 9.46 -7.86 -8.14
N SER A 46 8.60 -7.42 -7.23
CA SER A 46 7.97 -8.33 -6.28
C SER A 46 6.62 -8.84 -6.79
N ASP A 47 6.24 -10.04 -6.36
CA ASP A 47 4.96 -10.64 -6.72
C ASP A 47 3.89 -10.20 -5.73
N ILE A 48 2.63 -10.32 -6.11
CA ILE A 48 1.52 -9.82 -5.31
C ILE A 48 0.98 -10.88 -4.35
N ARG A 49 1.13 -12.17 -4.67
CA ARG A 49 0.54 -13.21 -3.83
C ARG A 49 1.49 -13.62 -2.72
N GLN A 50 2.65 -12.99 -2.68
CA GLN A 50 3.58 -13.17 -1.60
C GLN A 50 4.32 -11.87 -1.36
N LEU A 51 3.67 -10.96 -0.66
CA LEU A 51 4.25 -9.67 -0.36
C LEU A 51 5.23 -9.80 0.80
N LYS A 52 6.23 -8.95 0.83
CA LYS A 52 7.28 -9.04 1.82
C LYS A 52 7.03 -8.09 2.99
N THR A 53 7.89 -8.18 3.99
CA THR A 53 7.77 -7.40 5.21
C THR A 53 8.09 -5.93 4.99
N SER A 54 8.32 -5.22 6.09
CA SER A 54 8.56 -3.78 6.08
C SER A 54 9.87 -3.41 5.36
N HIS A 55 10.54 -4.40 4.78
CA HIS A 55 11.69 -4.14 3.91
C HIS A 55 11.22 -3.34 2.71
N LEU A 56 9.95 -3.57 2.37
CA LEU A 56 9.28 -2.92 1.25
C LEU A 56 9.14 -1.41 1.51
N LEU A 57 9.29 -1.01 2.77
CA LEU A 57 9.05 0.37 3.18
C LEU A 57 10.25 1.27 2.86
N ALA A 58 11.42 0.68 2.73
CA ALA A 58 12.67 1.42 2.53
C ALA A 58 12.57 2.47 1.41
N PRO A 59 12.12 2.09 0.19
CA PRO A 59 11.97 3.05 -0.92
C PRO A 59 11.02 4.20 -0.60
N ILE A 60 9.94 3.89 0.10
CA ILE A 60 8.95 4.90 0.45
C ILE A 60 9.54 5.93 1.40
N LYS A 61 10.52 5.49 2.18
CA LYS A 61 11.17 6.37 3.14
C LYS A 61 11.98 7.42 2.42
N GLU A 62 12.46 7.03 1.26
CA GLU A 62 13.22 7.92 0.41
C GLU A 62 12.31 8.99 -0.18
N VAL A 63 11.03 8.63 -0.37
CA VAL A 63 10.05 9.56 -0.91
C VAL A 63 9.59 10.56 0.15
N ASP A 64 9.28 10.06 1.34
CA ASP A 64 8.76 10.92 2.41
C ASP A 64 9.81 11.95 2.83
N THR A 65 11.07 11.56 2.81
CA THR A 65 12.17 12.45 3.19
C THR A 65 12.27 13.65 2.25
N SER A 66 11.72 13.51 1.04
CA SER A 66 11.74 14.58 0.07
C SER A 66 10.70 15.67 0.42
N GLY A 67 9.85 15.37 1.39
CA GLY A 67 8.89 16.36 1.84
C GLY A 67 7.51 15.78 2.07
N LYS A 68 7.04 14.97 1.13
CA LYS A 68 5.69 14.41 1.20
C LYS A 68 5.64 13.19 2.11
N HIS A 69 5.61 13.46 3.40
CA HIS A 69 5.61 12.43 4.42
C HIS A 69 4.26 11.71 4.50
N ASP A 70 3.20 12.51 4.56
CA ASP A 70 1.85 11.98 4.79
C ASP A 70 1.32 11.18 3.61
N VAL A 71 1.49 11.70 2.40
CA VAL A 71 0.99 11.02 1.21
C VAL A 71 1.62 9.64 1.06
N ALA A 72 2.88 9.53 1.48
CA ALA A 72 3.60 8.26 1.43
C ALA A 72 2.90 7.23 2.30
N GLN A 73 2.48 7.66 3.49
CA GLN A 73 1.76 6.82 4.42
C GLN A 73 0.39 6.43 3.85
N ARG A 74 -0.29 7.41 3.30
CA ARG A 74 -1.61 7.20 2.70
C ARG A 74 -1.51 6.21 1.53
N LEU A 75 -0.44 6.33 0.76
CA LEU A 75 -0.22 5.46 -0.40
C LEU A 75 0.21 4.05 0.02
N GLN A 76 1.16 3.96 0.95
CA GLN A 76 1.74 2.67 1.36
C GLN A 76 0.68 1.74 1.96
N GLN A 77 -0.26 2.33 2.70
CA GLN A 77 -1.33 1.61 3.38
C GLN A 77 -2.08 0.66 2.44
N ARG A 78 -2.01 0.91 1.13
CA ARG A 78 -2.70 0.10 0.14
C ARG A 78 -2.31 -1.37 0.23
N VAL A 79 -1.06 -1.62 0.60
CA VAL A 79 -0.54 -2.99 0.67
C VAL A 79 -1.33 -3.84 1.66
N THR A 80 -1.77 -3.22 2.75
CA THR A 80 -2.54 -3.91 3.76
C THR A 80 -3.93 -4.26 3.22
N ALA A 81 -4.49 -3.35 2.42
CA ALA A 81 -5.79 -3.57 1.79
C ALA A 81 -5.69 -4.66 0.74
N ILE A 82 -4.58 -4.68 0.01
CA ILE A 82 -4.30 -5.73 -0.97
C ILE A 82 -4.30 -7.09 -0.29
N MET A 83 -3.54 -7.18 0.80
CA MET A 83 -3.42 -8.44 1.56
C MET A 83 -4.79 -8.90 2.08
N ARG A 84 -5.60 -7.94 2.53
CA ARG A 84 -6.92 -8.26 3.04
C ARG A 84 -7.79 -8.91 1.97
N TYR A 85 -7.79 -8.33 0.77
CA TYR A 85 -8.59 -8.88 -0.32
C TYR A 85 -7.97 -10.17 -0.85
N ALA A 86 -6.65 -10.17 -0.97
CA ALA A 86 -5.93 -11.32 -1.52
C ALA A 86 -6.12 -12.57 -0.67
N VAL A 87 -6.14 -12.40 0.65
CA VAL A 87 -6.35 -13.53 1.55
C VAL A 87 -7.79 -14.00 1.47
N GLN A 88 -8.66 -13.05 1.23
CA GLN A 88 -10.09 -13.32 1.21
C GLN A 88 -10.43 -14.21 0.03
N ASN A 89 -9.65 -14.07 -1.04
CA ASN A 89 -9.83 -14.87 -2.25
C ASN A 89 -8.85 -16.04 -2.26
N ASP A 90 -8.21 -16.29 -1.12
CA ASP A 90 -7.32 -17.44 -0.94
C ASP A 90 -6.10 -17.39 -1.87
N TYR A 91 -5.66 -16.18 -2.22
CA TYR A 91 -4.53 -16.03 -3.13
C TYR A 91 -3.20 -16.07 -2.39
N ILE A 92 -3.08 -15.29 -1.32
CA ILE A 92 -1.80 -15.16 -0.62
C ILE A 92 -1.63 -16.22 0.46
N ASP A 93 -0.39 -16.39 0.90
CA ASP A 93 -0.06 -17.32 1.98
C ASP A 93 -0.39 -16.71 3.34
N SER A 94 0.24 -15.58 3.63
CA SER A 94 0.09 -14.93 4.92
C SER A 94 -0.22 -13.45 4.76
N ASN A 95 -0.50 -12.78 5.87
CA ASN A 95 -0.86 -11.37 5.85
C ASN A 95 0.24 -10.50 6.47
N PRO A 96 1.22 -10.06 5.67
CA PRO A 96 2.26 -9.15 6.12
C PRO A 96 1.82 -7.69 5.96
N ALA A 97 2.75 -6.77 6.18
CA ALA A 97 2.52 -5.33 5.97
C ALA A 97 1.60 -4.74 7.04
N SER A 98 1.10 -5.58 7.94
CA SER A 98 0.24 -5.11 9.03
C SER A 98 1.05 -4.33 10.05
N ASP A 99 2.37 -4.50 10.00
CA ASP A 99 3.28 -3.83 10.89
C ASP A 99 4.28 -3.01 10.08
N MET A 100 3.94 -2.82 8.81
CA MET A 100 4.81 -2.11 7.87
C MET A 100 4.85 -0.62 8.20
N ALA A 101 3.74 -0.12 8.71
CA ALA A 101 3.63 1.28 9.09
C ALA A 101 3.24 1.40 10.55
N GLY A 102 3.91 2.28 11.28
CA GLY A 102 3.63 2.43 12.69
C GLY A 102 4.13 3.75 13.24
N ALA A 103 4.75 3.68 14.42
CA ALA A 103 5.21 4.87 15.11
C ALA A 103 6.48 5.45 14.49
N LEU A 104 6.30 6.21 13.42
CA LEU A 104 7.39 6.93 12.80
C LEU A 104 6.95 8.36 12.44
N SER A 105 5.66 8.62 12.62
CA SER A 105 5.11 9.95 12.35
C SER A 105 4.65 10.61 13.64
N THR A 106 4.70 9.85 14.72
CA THR A 106 4.22 10.31 16.01
C THR A 106 5.39 10.75 16.89
N THR A 107 5.54 12.06 17.02
CA THR A 107 6.60 12.62 17.86
C THR A 107 6.08 13.80 18.66
N LYS A 108 6.58 13.92 19.88
CA LYS A 108 6.21 15.00 20.79
C LYS A 108 6.96 14.83 22.10
N ALA A 109 6.77 15.77 23.00
CA ALA A 109 7.39 15.70 24.32
C ALA A 109 6.66 16.62 25.30
N ARG A 110 6.81 17.92 25.08
CA ARG A 110 6.23 18.95 25.93
C ARG A 110 6.61 20.31 25.37
N HIS A 111 5.82 21.34 25.72
CA HIS A 111 6.10 22.72 25.35
C HIS A 111 5.81 22.98 23.87
N TYR A 112 4.57 23.36 23.59
CA TYR A 112 4.18 23.75 22.25
C TYR A 112 3.78 25.22 22.25
N PRO A 113 4.53 26.07 21.54
CA PRO A 113 4.31 27.51 21.53
C PRO A 113 3.10 27.89 20.67
N LEU A 114 2.04 28.27 21.33
CA LEU A 114 0.80 28.66 20.67
C LEU A 114 0.93 30.05 20.07
N GLU A 115 1.66 30.93 20.76
CA GLU A 115 1.86 32.29 20.30
C GLU A 115 3.07 32.39 19.37
N HIS A 116 3.28 31.34 18.59
CA HIS A 116 4.39 31.30 17.65
C HIS A 116 3.88 31.09 16.23
N HIS A 117 3.65 32.20 15.52
CA HIS A 117 3.12 32.13 14.17
C HIS A 117 4.24 32.35 13.15
N HIS A 118 4.94 31.27 12.86
CA HIS A 118 6.04 31.24 11.90
C HIS A 118 6.60 29.83 11.88
N HIS A 119 6.60 29.19 10.72
CA HIS A 119 6.94 27.78 10.64
C HIS A 119 8.46 27.58 10.62
N HIS A 120 9.06 27.73 11.79
CA HIS A 120 10.49 27.45 11.97
C HIS A 120 10.86 27.68 13.43
N HIS A 121 11.10 26.59 14.14
CA HIS A 121 11.54 26.67 15.52
C HIS A 121 13.01 26.30 15.61
N MET A 1 -16.24 -18.18 -20.24
CA MET A 1 -16.05 -16.73 -20.45
C MET A 1 -15.24 -16.14 -19.30
N GLU A 2 -13.99 -15.82 -19.57
CA GLU A 2 -13.08 -15.38 -18.55
C GLU A 2 -12.92 -13.87 -18.58
N ASN A 3 -13.17 -13.22 -17.45
CA ASN A 3 -12.96 -11.79 -17.30
C ASN A 3 -11.50 -11.51 -16.98
N SER A 4 -10.94 -10.47 -17.60
CA SER A 4 -9.54 -10.11 -17.41
C SER A 4 -8.65 -11.20 -18.02
N GLY A 5 -7.45 -11.36 -17.51
CA GLY A 5 -6.56 -12.38 -18.03
C GLY A 5 -5.19 -12.31 -17.38
N ALA A 6 -4.58 -11.13 -17.39
CA ALA A 6 -3.28 -10.93 -16.78
C ALA A 6 -3.44 -10.43 -15.36
N TYR A 7 -3.50 -11.35 -14.41
CA TYR A 7 -3.70 -11.02 -13.02
C TYR A 7 -2.42 -10.43 -12.44
N THR A 8 -2.34 -9.12 -12.45
CA THR A 8 -1.17 -8.43 -11.95
C THR A 8 -1.55 -7.58 -10.73
N PHE A 9 -0.57 -6.84 -10.20
CA PHE A 9 -0.77 -6.01 -9.00
C PHE A 9 -1.94 -5.03 -9.18
N GLU A 10 -2.02 -4.42 -10.36
CA GLU A 10 -3.05 -3.43 -10.63
C GLU A 10 -4.43 -4.08 -10.81
N THR A 11 -4.44 -5.30 -11.33
CA THR A 11 -5.67 -6.05 -11.53
C THR A 11 -6.40 -6.27 -10.21
N ILE A 12 -5.66 -6.75 -9.22
CA ILE A 12 -6.23 -7.00 -7.89
C ILE A 12 -6.70 -5.70 -7.25
N ALA A 13 -5.92 -4.64 -7.45
CA ALA A 13 -6.23 -3.34 -6.91
C ALA A 13 -7.51 -2.78 -7.51
N ARG A 14 -7.63 -2.87 -8.84
CA ARG A 14 -8.76 -2.30 -9.54
C ARG A 14 -10.08 -2.94 -9.11
N GLU A 15 -10.03 -4.23 -8.80
CA GLU A 15 -11.22 -4.98 -8.46
C GLU A 15 -12.02 -4.31 -7.34
N TRP A 16 -11.37 -4.07 -6.20
CA TRP A 16 -12.06 -3.41 -5.08
C TRP A 16 -12.13 -1.90 -5.30
N HIS A 17 -11.12 -1.35 -5.96
CA HIS A 17 -11.05 0.08 -6.27
C HIS A 17 -12.21 0.54 -7.16
N GLU A 18 -12.64 -0.31 -8.07
CA GLU A 18 -13.60 0.09 -9.11
C GLU A 18 -14.95 0.50 -8.51
N SER A 19 -15.20 0.12 -7.26
CA SER A 19 -16.40 0.54 -6.56
C SER A 19 -16.38 2.06 -6.34
N ASN A 20 -15.19 2.61 -6.22
CA ASN A 20 -15.00 4.05 -6.13
C ASN A 20 -14.26 4.52 -7.38
N LYS A 21 -14.98 4.58 -8.48
CA LYS A 21 -14.38 4.79 -9.79
C LYS A 21 -14.47 6.26 -10.21
N ARG A 22 -13.42 6.79 -10.82
CA ARG A 22 -13.40 8.16 -11.25
C ARG A 22 -13.72 8.26 -12.73
N TRP A 23 -14.14 9.45 -13.16
CA TRP A 23 -14.76 9.69 -14.47
C TRP A 23 -14.08 8.96 -15.63
N SER A 24 -12.90 9.41 -16.04
CA SER A 24 -12.25 8.83 -17.21
C SER A 24 -11.18 7.83 -16.82
N GLU A 25 -11.39 6.57 -17.18
CA GLU A 25 -10.41 5.52 -16.91
C GLU A 25 -9.17 5.70 -17.78
N ASP A 26 -9.33 6.33 -18.94
CA ASP A 26 -8.21 6.63 -19.81
C ASP A 26 -7.23 7.60 -19.15
N HIS A 27 -7.77 8.54 -18.38
CA HIS A 27 -6.94 9.48 -17.63
C HIS A 27 -6.31 8.78 -16.44
N ARG A 28 -7.00 7.76 -15.93
CA ARG A 28 -6.46 6.93 -14.86
C ARG A 28 -5.25 6.14 -15.38
N SER A 29 -5.29 5.80 -16.67
CA SER A 29 -4.23 5.04 -17.30
C SER A 29 -2.91 5.80 -17.26
N ARG A 30 -2.97 7.12 -17.36
CA ARG A 30 -1.77 7.94 -17.25
C ARG A 30 -1.26 7.89 -15.82
N VAL A 31 -2.19 7.86 -14.88
CA VAL A 31 -1.87 7.79 -13.47
C VAL A 31 -1.30 6.41 -13.12
N LEU A 32 -1.60 5.43 -13.96
CA LEU A 32 -1.06 4.09 -13.80
C LEU A 32 0.46 4.12 -13.89
N ARG A 33 0.99 4.93 -14.79
CA ARG A 33 2.43 5.10 -14.91
C ARG A 33 2.99 5.89 -13.74
N TYR A 34 2.25 6.91 -13.32
CA TYR A 34 2.61 7.68 -12.13
C TYR A 34 2.70 6.74 -10.94
N LEU A 35 1.73 5.85 -10.83
CA LEU A 35 1.71 4.82 -9.79
C LEU A 35 2.89 3.88 -9.95
N GLU A 36 3.06 3.37 -11.17
CA GLU A 36 4.10 2.38 -11.49
C GLU A 36 5.48 2.83 -11.02
N LEU A 37 5.85 4.06 -11.37
CA LEU A 37 7.18 4.57 -11.06
C LEU A 37 7.39 4.79 -9.56
N TYR A 38 6.31 4.86 -8.80
CA TYR A 38 6.42 5.09 -7.37
C TYR A 38 6.04 3.87 -6.51
N ILE A 39 5.24 2.98 -7.07
CA ILE A 39 4.87 1.76 -6.34
C ILE A 39 5.84 0.64 -6.70
N PHE A 40 6.52 0.77 -7.84
CA PHE A 40 7.53 -0.21 -8.24
C PHE A 40 8.89 0.45 -8.48
N PRO A 41 9.46 1.20 -7.52
CA PRO A 41 10.79 1.78 -7.66
C PRO A 41 11.88 0.96 -6.96
N HIS A 42 11.74 0.81 -5.64
CA HIS A 42 12.68 0.02 -4.87
C HIS A 42 12.06 -1.31 -4.48
N ILE A 43 10.80 -1.25 -4.08
CA ILE A 43 10.10 -2.43 -3.57
C ILE A 43 9.37 -3.16 -4.68
N GLY A 44 9.29 -2.54 -5.85
CA GLY A 44 8.52 -3.10 -6.94
C GLY A 44 9.31 -4.07 -7.78
N SER A 45 10.38 -4.62 -7.21
CA SER A 45 11.19 -5.61 -7.90
C SER A 45 10.65 -7.02 -7.63
N SER A 46 9.58 -7.08 -6.85
CA SER A 46 8.97 -8.34 -6.49
C SER A 46 7.57 -8.46 -7.10
N ASP A 47 6.96 -9.63 -6.96
CA ASP A 47 5.61 -9.86 -7.44
C ASP A 47 4.63 -9.76 -6.28
N ILE A 48 3.37 -9.50 -6.58
CA ILE A 48 2.35 -9.34 -5.55
C ILE A 48 2.12 -10.66 -4.80
N ARG A 49 2.42 -11.78 -5.47
CA ARG A 49 2.27 -13.10 -4.88
C ARG A 49 3.35 -13.36 -3.84
N GLN A 50 4.45 -12.62 -3.92
CA GLN A 50 5.56 -12.79 -3.00
C GLN A 50 6.03 -11.42 -2.49
N LEU A 51 5.22 -10.83 -1.63
CA LEU A 51 5.52 -9.51 -1.10
C LEU A 51 6.17 -9.62 0.28
N LYS A 52 7.02 -8.65 0.60
CA LYS A 52 7.76 -8.68 1.85
C LYS A 52 7.01 -7.87 2.92
N THR A 53 7.49 -7.98 4.15
CA THR A 53 6.88 -7.30 5.29
C THR A 53 7.31 -5.82 5.33
N SER A 54 7.11 -5.18 6.48
CA SER A 54 7.39 -3.75 6.66
C SER A 54 8.88 -3.41 6.45
N HIS A 55 9.68 -4.40 6.08
CA HIS A 55 11.07 -4.16 5.70
C HIS A 55 11.12 -3.19 4.52
N LEU A 56 10.09 -3.28 3.68
CA LEU A 56 9.99 -2.44 2.48
C LEU A 56 9.60 -1.01 2.85
N LEU A 57 9.12 -0.82 4.07
CA LEU A 57 8.69 0.50 4.53
C LEU A 57 9.89 1.44 4.67
N ALA A 58 11.07 0.88 4.86
CA ALA A 58 12.29 1.67 4.98
C ALA A 58 12.59 2.43 3.68
N PRO A 59 12.65 1.75 2.51
CA PRO A 59 12.75 2.44 1.21
C PRO A 59 11.65 3.47 1.00
N ILE A 60 10.46 3.19 1.50
CA ILE A 60 9.35 4.13 1.41
C ILE A 60 9.62 5.34 2.30
N LYS A 61 10.31 5.09 3.40
CA LYS A 61 10.67 6.15 4.34
C LYS A 61 11.74 7.04 3.72
N GLU A 62 12.48 6.47 2.79
CA GLU A 62 13.46 7.21 2.00
C GLU A 62 12.75 8.30 1.20
N VAL A 63 11.57 7.98 0.69
CA VAL A 63 10.73 8.94 -0.04
C VAL A 63 10.18 9.97 0.95
N ASP A 64 9.84 9.50 2.14
CA ASP A 64 9.46 10.37 3.26
C ASP A 64 10.53 11.41 3.49
N THR A 65 11.76 10.94 3.61
CA THR A 65 12.93 11.79 3.86
C THR A 65 13.12 12.80 2.73
N SER A 66 12.71 12.45 1.53
CA SER A 66 12.82 13.35 0.38
C SER A 66 11.83 14.51 0.51
N GLY A 67 10.85 14.35 1.38
CA GLY A 67 9.86 15.38 1.58
C GLY A 67 8.45 14.89 1.26
N LYS A 68 8.36 13.78 0.55
CA LYS A 68 7.07 13.25 0.12
C LYS A 68 6.53 12.22 1.09
N HIS A 69 6.61 12.57 2.35
CA HIS A 69 6.08 11.72 3.43
C HIS A 69 4.57 11.56 3.29
N ASP A 70 3.95 12.49 2.59
CA ASP A 70 2.51 12.47 2.35
C ASP A 70 2.17 11.39 1.33
N VAL A 71 2.95 11.33 0.26
CA VAL A 71 2.76 10.32 -0.78
C VAL A 71 3.19 8.94 -0.29
N ALA A 72 4.25 8.91 0.50
CA ALA A 72 4.78 7.66 1.04
C ALA A 72 3.69 6.87 1.78
N GLN A 73 3.00 7.54 2.68
CA GLN A 73 1.90 6.91 3.42
C GLN A 73 0.79 6.48 2.49
N ARG A 74 0.44 7.37 1.59
CA ARG A 74 -0.62 7.12 0.63
C ARG A 74 -0.34 5.86 -0.20
N LEU A 75 0.93 5.59 -0.43
CA LEU A 75 1.35 4.38 -1.13
C LEU A 75 1.22 3.14 -0.23
N GLN A 76 1.77 3.24 0.98
CA GLN A 76 1.80 2.09 1.89
C GLN A 76 0.39 1.67 2.34
N GLN A 77 -0.45 2.65 2.61
CA GLN A 77 -1.82 2.39 3.04
C GLN A 77 -2.63 1.78 1.89
N ARG A 78 -2.14 1.97 0.67
CA ARG A 78 -2.81 1.47 -0.51
C ARG A 78 -2.52 -0.02 -0.72
N VAL A 79 -1.24 -0.37 -0.67
CA VAL A 79 -0.83 -1.75 -0.91
C VAL A 79 -1.41 -2.69 0.16
N THR A 80 -1.57 -2.18 1.37
CA THR A 80 -2.15 -2.97 2.44
C THR A 80 -3.61 -3.32 2.15
N ALA A 81 -4.29 -2.41 1.45
CA ALA A 81 -5.68 -2.64 1.07
C ALA A 81 -5.77 -3.55 -0.14
N ILE A 82 -4.83 -3.37 -1.07
CA ILE A 82 -4.78 -4.19 -2.27
C ILE A 82 -4.57 -5.66 -1.91
N MET A 83 -3.56 -5.92 -1.08
CA MET A 83 -3.24 -7.27 -0.68
C MET A 83 -4.32 -7.82 0.26
N ARG A 84 -5.00 -6.92 0.95
CA ARG A 84 -6.08 -7.31 1.87
C ARG A 84 -7.17 -8.06 1.10
N TYR A 85 -7.56 -7.52 -0.04
CA TYR A 85 -8.56 -8.15 -0.88
C TYR A 85 -8.00 -9.44 -1.49
N ALA A 86 -6.70 -9.45 -1.69
CA ALA A 86 -6.00 -10.61 -2.23
C ALA A 86 -6.06 -11.79 -1.25
N VAL A 87 -6.26 -11.50 0.03
CA VAL A 87 -6.40 -12.54 1.04
C VAL A 87 -7.75 -13.22 0.89
N GLN A 88 -8.71 -12.53 0.29
CA GLN A 88 -10.07 -13.05 0.15
C GLN A 88 -10.11 -14.24 -0.80
N ASN A 89 -9.29 -14.19 -1.85
CA ASN A 89 -9.25 -15.29 -2.81
C ASN A 89 -8.27 -16.36 -2.34
N ASP A 90 -7.53 -16.04 -1.28
CA ASP A 90 -6.67 -17.00 -0.58
C ASP A 90 -5.63 -17.64 -1.50
N TYR A 91 -4.71 -16.83 -2.01
CA TYR A 91 -3.55 -17.36 -2.72
C TYR A 91 -2.29 -17.11 -1.90
N ILE A 92 -2.48 -16.48 -0.74
CA ILE A 92 -1.38 -16.13 0.15
C ILE A 92 -1.67 -16.58 1.57
N ASP A 93 -0.64 -17.02 2.27
CA ASP A 93 -0.79 -17.53 3.61
C ASP A 93 0.09 -16.77 4.59
N SER A 94 0.42 -15.54 4.25
CA SER A 94 1.24 -14.69 5.12
C SER A 94 0.63 -13.30 5.28
N ASN A 95 0.49 -12.61 4.16
CA ASN A 95 -0.04 -11.24 4.14
C ASN A 95 0.75 -10.32 5.07
N PRO A 96 1.93 -9.87 4.64
CA PRO A 96 2.78 -8.99 5.44
C PRO A 96 2.28 -7.55 5.46
N ALA A 97 1.41 -7.23 4.52
CA ALA A 97 0.86 -5.88 4.42
C ALA A 97 -0.31 -5.70 5.39
N SER A 98 0.01 -5.47 6.65
CA SER A 98 -1.00 -5.23 7.65
C SER A 98 -0.57 -4.12 8.63
N ASP A 99 0.49 -4.37 9.38
CA ASP A 99 0.95 -3.43 10.39
C ASP A 99 2.02 -2.49 9.84
N MET A 100 1.76 -1.95 8.66
CA MET A 100 2.73 -1.06 8.01
C MET A 100 2.49 0.40 8.41
N ALA A 101 1.22 0.79 8.48
CA ALA A 101 0.85 2.12 8.91
C ALA A 101 0.38 2.11 10.35
N GLY A 102 0.82 1.10 11.10
CA GLY A 102 0.41 0.95 12.48
C GLY A 102 1.02 1.99 13.38
N ALA A 103 0.24 3.01 13.71
CA ALA A 103 0.66 4.09 14.60
C ALA A 103 1.89 4.82 14.06
N LEU A 104 1.64 5.80 13.21
CA LEU A 104 2.71 6.56 12.59
C LEU A 104 2.50 8.05 12.86
N SER A 105 3.28 8.56 13.82
CA SER A 105 3.27 9.96 14.19
C SER A 105 1.97 10.32 14.93
N THR A 106 1.24 9.30 15.34
CA THR A 106 0.00 9.48 16.06
C THR A 106 0.30 9.73 17.52
N THR A 107 -0.02 10.93 17.97
CA THR A 107 0.29 11.34 19.32
C THR A 107 -0.98 11.55 20.16
N LYS A 108 -1.83 12.47 19.73
CA LYS A 108 -3.00 12.83 20.51
C LYS A 108 -4.21 11.98 20.17
N ALA A 109 -4.56 11.11 21.10
CA ALA A 109 -5.71 10.24 20.97
C ALA A 109 -6.13 9.69 22.32
N ARG A 110 -6.01 10.52 23.35
CA ARG A 110 -6.32 10.08 24.71
C ARG A 110 -7.46 10.87 25.33
N HIS A 111 -7.17 12.08 25.80
CA HIS A 111 -8.15 12.86 26.52
C HIS A 111 -8.85 13.83 25.57
N TYR A 112 -10.17 13.86 25.64
CA TYR A 112 -10.96 14.71 24.77
C TYR A 112 -11.97 15.53 25.56
N PRO A 113 -12.16 16.80 25.17
CA PRO A 113 -13.16 17.67 25.78
C PRO A 113 -14.56 17.11 25.64
N LEU A 114 -15.42 17.51 26.55
CA LEU A 114 -16.79 17.02 26.59
C LEU A 114 -17.59 17.51 25.39
N GLU A 115 -17.53 18.81 25.14
CA GLU A 115 -18.30 19.42 24.07
C GLU A 115 -17.88 20.88 23.89
N HIS A 116 -17.36 21.21 22.71
CA HIS A 116 -17.00 22.60 22.41
C HIS A 116 -18.25 23.42 22.13
N HIS A 117 -18.70 24.14 23.15
CA HIS A 117 -19.97 24.85 23.07
C HIS A 117 -19.88 26.05 22.15
N HIS A 118 -18.85 26.87 22.34
CA HIS A 118 -18.67 28.07 21.54
C HIS A 118 -17.55 27.88 20.53
N HIS A 119 -17.66 28.57 19.39
CA HIS A 119 -16.72 28.38 18.29
C HIS A 119 -15.58 29.40 18.33
N HIS A 120 -15.65 30.34 19.27
CA HIS A 120 -14.59 31.35 19.46
C HIS A 120 -14.55 32.36 18.31
N HIS A 121 -14.67 33.63 18.65
CA HIS A 121 -14.59 34.69 17.67
C HIS A 121 -13.18 35.28 17.68
N MET A 1 -12.55 0.60 -19.71
CA MET A 1 -12.81 -0.29 -18.56
C MET A 1 -11.82 -1.46 -18.56
N GLU A 2 -11.97 -2.33 -19.56
CA GLU A 2 -11.08 -3.48 -19.76
C GLU A 2 -11.20 -4.51 -18.63
N ASN A 3 -11.59 -5.72 -19.01
CA ASN A 3 -11.66 -6.83 -18.06
C ASN A 3 -10.52 -7.79 -18.33
N SER A 4 -9.88 -8.25 -17.27
CA SER A 4 -8.74 -9.15 -17.39
C SER A 4 -8.78 -10.22 -16.30
N GLY A 5 -8.01 -11.27 -16.49
CA GLY A 5 -7.96 -12.34 -15.53
C GLY A 5 -6.54 -12.75 -15.22
N ALA A 6 -6.04 -12.34 -14.06
CA ALA A 6 -4.68 -12.62 -13.67
C ALA A 6 -4.51 -12.52 -12.16
N TYR A 7 -3.28 -12.71 -11.71
CA TYR A 7 -2.94 -12.61 -10.31
C TYR A 7 -2.14 -11.33 -10.06
N THR A 8 -1.97 -10.55 -11.12
CA THR A 8 -1.20 -9.32 -11.09
C THR A 8 -1.75 -8.34 -10.05
N PHE A 9 -0.83 -7.64 -9.37
CA PHE A 9 -1.18 -6.69 -8.31
C PHE A 9 -2.29 -5.72 -8.73
N GLU A 10 -2.27 -5.30 -9.99
CA GLU A 10 -3.22 -4.32 -10.49
C GLU A 10 -4.68 -4.77 -10.36
N THR A 11 -4.95 -6.06 -10.64
CA THR A 11 -6.32 -6.54 -10.68
C THR A 11 -6.93 -6.59 -9.28
N ILE A 12 -6.09 -6.82 -8.28
CA ILE A 12 -6.54 -6.85 -6.89
C ILE A 12 -6.91 -5.44 -6.44
N ALA A 13 -6.05 -4.49 -6.78
CA ALA A 13 -6.28 -3.08 -6.44
C ALA A 13 -7.51 -2.55 -7.15
N ARG A 14 -7.74 -3.01 -8.38
CA ARG A 14 -8.90 -2.61 -9.17
C ARG A 14 -10.20 -2.97 -8.45
N GLU A 15 -10.24 -4.19 -7.93
CA GLU A 15 -11.48 -4.79 -7.43
C GLU A 15 -12.15 -3.92 -6.35
N TRP A 16 -11.41 -3.58 -5.31
CA TRP A 16 -11.99 -2.81 -4.21
C TRP A 16 -12.10 -1.32 -4.56
N HIS A 17 -11.09 -0.79 -5.25
CA HIS A 17 -11.05 0.63 -5.58
C HIS A 17 -12.19 1.04 -6.52
N GLU A 18 -12.69 0.09 -7.29
CA GLU A 18 -13.78 0.34 -8.25
C GLU A 18 -15.00 1.01 -7.60
N SER A 19 -15.06 0.99 -6.27
CA SER A 19 -16.12 1.68 -5.54
C SER A 19 -16.07 3.19 -5.82
N ASN A 20 -14.85 3.73 -5.92
CA ASN A 20 -14.68 5.14 -6.24
C ASN A 20 -13.64 5.31 -7.34
N LYS A 21 -14.09 5.18 -8.59
CA LYS A 21 -13.20 5.27 -9.73
C LYS A 21 -13.01 6.73 -10.14
N ARG A 22 -11.93 6.99 -10.86
CA ARG A 22 -11.67 8.33 -11.37
C ARG A 22 -11.71 8.30 -12.89
N TRP A 23 -12.31 9.33 -13.47
CA TRP A 23 -12.59 9.37 -14.90
C TRP A 23 -11.33 9.66 -15.71
N SER A 24 -11.49 9.65 -17.04
CA SER A 24 -10.38 9.87 -17.96
C SER A 24 -9.36 8.74 -17.84
N GLU A 25 -9.87 7.52 -17.84
CA GLU A 25 -9.04 6.33 -17.72
C GLU A 25 -8.06 6.21 -18.89
N ASP A 26 -8.37 6.86 -20.00
CA ASP A 26 -7.47 6.92 -21.16
C ASP A 26 -6.06 7.33 -20.72
N HIS A 27 -6.02 8.15 -19.67
CA HIS A 27 -4.78 8.66 -19.10
C HIS A 27 -3.94 7.54 -18.48
N ARG A 28 -4.58 6.42 -18.14
CA ARG A 28 -3.92 5.28 -17.47
C ARG A 28 -2.57 4.96 -18.09
N SER A 29 -2.46 5.13 -19.40
CA SER A 29 -1.19 4.89 -20.10
C SER A 29 -0.06 5.71 -19.47
N ARG A 30 -0.34 6.98 -19.22
CA ARG A 30 0.65 7.87 -18.63
C ARG A 30 0.69 7.70 -17.11
N VAL A 31 -0.48 7.42 -16.53
CA VAL A 31 -0.59 7.21 -15.09
C VAL A 31 0.22 5.98 -14.67
N LEU A 32 0.29 5.00 -15.54
CA LEU A 32 1.09 3.79 -15.29
C LEU A 32 2.54 4.15 -15.01
N ARG A 33 3.07 5.10 -15.77
CA ARG A 33 4.44 5.54 -15.58
C ARG A 33 4.63 6.23 -14.24
N TYR A 34 3.61 6.96 -13.82
CA TYR A 34 3.63 7.64 -12.52
C TYR A 34 3.48 6.62 -11.39
N LEU A 35 2.70 5.58 -11.66
CA LEU A 35 2.47 4.51 -10.71
C LEU A 35 3.78 3.81 -10.35
N GLU A 36 4.51 3.37 -11.37
CA GLU A 36 5.76 2.63 -11.18
C GLU A 36 6.87 3.53 -10.63
N LEU A 37 6.83 4.82 -10.94
CA LEU A 37 7.87 5.74 -10.48
C LEU A 37 7.61 6.24 -9.07
N TYR A 38 6.35 6.41 -8.71
CA TYR A 38 6.00 7.05 -7.44
C TYR A 38 5.58 6.04 -6.38
N ILE A 39 4.72 5.10 -6.76
CA ILE A 39 4.15 4.16 -5.79
C ILE A 39 4.95 2.86 -5.73
N PHE A 40 5.50 2.43 -6.86
CA PHE A 40 6.32 1.22 -6.89
C PHE A 40 7.73 1.52 -7.43
N PRO A 41 8.46 2.48 -6.82
CA PRO A 41 9.73 2.96 -7.39
C PRO A 41 10.79 1.87 -7.44
N HIS A 42 11.09 1.28 -6.29
CA HIS A 42 12.11 0.23 -6.22
C HIS A 42 11.48 -1.16 -6.08
N ILE A 43 10.16 -1.18 -5.99
CA ILE A 43 9.45 -2.42 -5.72
C ILE A 43 8.49 -2.79 -6.85
N GLY A 44 8.63 -2.10 -7.98
CA GLY A 44 7.76 -2.35 -9.12
C GLY A 44 7.94 -3.72 -9.74
N SER A 45 9.04 -4.37 -9.37
CA SER A 45 9.35 -5.70 -9.87
C SER A 45 8.74 -6.78 -8.97
N SER A 46 8.07 -6.36 -7.91
CA SER A 46 7.49 -7.29 -6.95
C SER A 46 5.98 -7.32 -7.06
N ASP A 47 5.46 -8.39 -7.65
CA ASP A 47 4.03 -8.56 -7.83
C ASP A 47 3.40 -9.12 -6.55
N ILE A 48 2.08 -9.04 -6.46
CA ILE A 48 1.37 -9.41 -5.24
C ILE A 48 1.33 -10.92 -5.05
N ARG A 49 1.73 -11.68 -6.08
CA ARG A 49 1.84 -13.13 -5.97
C ARG A 49 2.67 -13.49 -4.73
N GLN A 50 3.77 -12.77 -4.55
CA GLN A 50 4.59 -12.92 -3.36
C GLN A 50 4.99 -11.53 -2.86
N LEU A 51 4.09 -10.92 -2.12
CA LEU A 51 4.31 -9.60 -1.58
C LEU A 51 5.08 -9.72 -0.27
N LYS A 52 6.18 -8.99 -0.16
CA LYS A 52 7.07 -9.12 0.98
C LYS A 52 6.69 -8.17 2.12
N THR A 53 7.31 -8.39 3.27
CA THR A 53 7.04 -7.60 4.47
C THR A 53 7.64 -6.19 4.37
N SER A 54 7.77 -5.53 5.52
CA SER A 54 8.22 -4.13 5.61
C SER A 54 9.66 -3.92 5.13
N HIS A 55 10.21 -4.87 4.39
CA HIS A 55 11.53 -4.70 3.81
C HIS A 55 11.46 -3.73 2.65
N LEU A 56 10.31 -3.71 1.99
CA LEU A 56 10.07 -2.80 0.87
C LEU A 56 9.79 -1.39 1.37
N LEU A 57 9.50 -1.29 2.66
CA LEU A 57 9.21 -0.01 3.31
C LEU A 57 10.43 0.90 3.32
N ALA A 58 11.61 0.29 3.35
CA ALA A 58 12.87 1.04 3.44
C ALA A 58 12.99 2.11 2.35
N PRO A 59 12.88 1.75 1.05
CA PRO A 59 12.95 2.75 -0.04
C PRO A 59 11.85 3.80 0.03
N ILE A 60 10.72 3.43 0.63
CA ILE A 60 9.58 4.35 0.76
C ILE A 60 9.90 5.43 1.78
N LYS A 61 10.81 5.13 2.69
CA LYS A 61 11.17 6.05 3.76
C LYS A 61 11.78 7.33 3.18
N GLU A 62 12.38 7.23 2.01
CA GLU A 62 13.02 8.38 1.37
C GLU A 62 11.98 9.39 0.92
N VAL A 63 10.92 8.93 0.26
CA VAL A 63 9.89 9.84 -0.23
C VAL A 63 9.09 10.40 0.96
N ASP A 64 9.03 9.62 2.03
CA ASP A 64 8.42 10.07 3.29
C ASP A 64 9.13 11.31 3.81
N THR A 65 10.43 11.19 4.01
CA THR A 65 11.21 12.27 4.59
C THR A 65 11.41 13.42 3.58
N SER A 66 11.21 13.09 2.31
CA SER A 66 11.32 14.08 1.23
C SER A 66 10.21 15.13 1.33
N GLY A 67 9.17 14.84 2.11
CA GLY A 67 8.11 15.79 2.31
C GLY A 67 6.72 15.21 2.10
N LYS A 68 6.68 14.06 1.45
CA LYS A 68 5.40 13.41 1.13
C LYS A 68 5.08 12.34 2.16
N HIS A 69 5.56 12.58 3.38
CA HIS A 69 5.43 11.65 4.50
C HIS A 69 3.99 11.11 4.67
N ASP A 70 3.01 12.01 4.65
CA ASP A 70 1.63 11.60 4.88
C ASP A 70 1.08 10.84 3.67
N VAL A 71 1.51 11.26 2.48
CA VAL A 71 1.08 10.61 1.25
C VAL A 71 1.67 9.20 1.16
N ALA A 72 2.94 9.08 1.53
CA ALA A 72 3.64 7.80 1.50
C ALA A 72 2.97 6.79 2.42
N GLN A 73 2.66 7.23 3.64
CA GLN A 73 1.99 6.38 4.61
C GLN A 73 0.64 5.91 4.09
N ARG A 74 -0.11 6.83 3.51
CA ARG A 74 -1.41 6.52 2.92
C ARG A 74 -1.29 5.46 1.83
N LEU A 75 -0.17 5.46 1.12
CA LEU A 75 0.09 4.45 0.10
C LEU A 75 0.24 3.07 0.75
N GLN A 76 0.98 3.02 1.86
CA GLN A 76 1.18 1.76 2.59
C GLN A 76 -0.15 1.24 3.08
N GLN A 77 -0.91 2.15 3.66
CA GLN A 77 -2.22 1.82 4.22
C GLN A 77 -3.19 1.36 3.14
N ARG A 78 -2.90 1.68 1.89
CA ARG A 78 -3.67 1.15 0.78
C ARG A 78 -3.17 -0.23 0.39
N VAL A 79 -1.85 -0.40 0.39
CA VAL A 79 -1.25 -1.70 0.08
C VAL A 79 -1.69 -2.75 1.09
N THR A 80 -1.73 -2.37 2.37
CA THR A 80 -2.16 -3.28 3.42
C THR A 80 -3.59 -3.76 3.17
N ALA A 81 -4.45 -2.85 2.72
CA ALA A 81 -5.82 -3.18 2.38
C ALA A 81 -5.87 -4.13 1.19
N ILE A 82 -5.03 -3.87 0.19
CA ILE A 82 -4.92 -4.73 -0.97
C ILE A 82 -4.50 -6.14 -0.56
N MET A 83 -3.56 -6.20 0.39
CA MET A 83 -3.08 -7.49 0.89
C MET A 83 -4.17 -8.23 1.65
N ARG A 84 -5.04 -7.49 2.34
CA ARG A 84 -6.15 -8.10 3.06
C ARG A 84 -7.13 -8.73 2.07
N TYR A 85 -7.27 -8.10 0.91
CA TYR A 85 -8.13 -8.61 -0.14
C TYR A 85 -7.48 -9.83 -0.80
N ALA A 86 -6.15 -9.83 -0.82
CA ALA A 86 -5.40 -10.98 -1.30
C ALA A 86 -5.57 -12.16 -0.36
N VAL A 87 -5.58 -11.87 0.94
CA VAL A 87 -5.82 -12.89 1.96
C VAL A 87 -7.27 -13.39 1.90
N GLN A 88 -8.17 -12.53 1.43
CA GLN A 88 -9.56 -12.90 1.23
C GLN A 88 -9.66 -14.11 0.30
N ASN A 89 -8.86 -14.08 -0.76
CA ASN A 89 -8.82 -15.19 -1.72
C ASN A 89 -7.80 -16.23 -1.28
N ASP A 90 -6.94 -15.81 -0.34
CA ASP A 90 -5.89 -16.63 0.27
C ASP A 90 -5.14 -17.49 -0.73
N TYR A 91 -4.24 -16.86 -1.47
CA TYR A 91 -3.30 -17.60 -2.29
C TYR A 91 -1.89 -17.45 -1.72
N ILE A 92 -1.81 -16.85 -0.54
CA ILE A 92 -0.54 -16.55 0.08
C ILE A 92 -0.38 -17.23 1.43
N ASP A 93 -1.47 -17.28 2.22
CA ASP A 93 -1.45 -17.89 3.56
C ASP A 93 -0.45 -17.19 4.48
N SER A 94 -0.17 -15.93 4.16
CA SER A 94 0.74 -15.13 4.96
C SER A 94 0.32 -13.67 4.93
N ASN A 95 0.39 -13.02 6.09
CA ASN A 95 -0.03 -11.65 6.22
C ASN A 95 1.15 -10.73 6.51
N PRO A 96 1.85 -10.25 5.46
CA PRO A 96 2.99 -9.35 5.62
C PRO A 96 2.54 -7.90 5.81
N ALA A 97 1.24 -7.70 5.83
CA ALA A 97 0.66 -6.38 5.96
C ALA A 97 0.13 -6.14 7.36
N SER A 98 0.38 -7.08 8.25
CA SER A 98 -0.09 -6.99 9.62
C SER A 98 0.64 -5.86 10.36
N ASP A 99 1.96 -5.84 10.23
CA ASP A 99 2.76 -4.78 10.82
C ASP A 99 3.61 -4.11 9.74
N MET A 100 3.06 -4.10 8.52
CA MET A 100 3.73 -3.49 7.37
C MET A 100 4.02 -2.02 7.66
N ALA A 101 2.97 -1.31 8.03
CA ALA A 101 3.09 0.09 8.44
C ALA A 101 2.77 0.20 9.92
N GLY A 102 3.80 0.06 10.75
CA GLY A 102 3.61 0.05 12.18
C GLY A 102 3.45 1.43 12.76
N ALA A 103 3.32 1.48 14.08
CA ALA A 103 3.12 2.73 14.79
C ALA A 103 4.42 3.51 14.94
N LEU A 104 4.72 4.34 13.95
CA LEU A 104 5.89 5.20 14.01
C LEU A 104 5.49 6.64 14.32
N SER A 105 4.18 6.88 14.39
CA SER A 105 3.65 8.21 14.65
C SER A 105 3.48 8.43 16.14
N THR A 106 3.55 7.35 16.92
CA THR A 106 3.38 7.42 18.35
C THR A 106 4.71 7.65 19.04
N THR A 107 4.71 7.51 20.34
CA THR A 107 5.92 7.64 21.14
C THR A 107 6.02 6.47 22.11
N LYS A 108 5.14 6.43 23.10
CA LYS A 108 5.12 5.35 24.06
C LYS A 108 3.99 4.38 23.74
N ALA A 109 4.35 3.28 23.13
CA ALA A 109 3.39 2.25 22.75
C ALA A 109 3.45 1.10 23.75
N ARG A 110 4.56 1.04 24.47
CA ARG A 110 4.77 0.01 25.47
C ARG A 110 4.15 0.45 26.79
N HIS A 111 3.39 -0.44 27.42
CA HIS A 111 2.70 -0.09 28.66
C HIS A 111 3.21 -0.92 29.82
N TYR A 112 2.84 -0.53 31.03
CA TYR A 112 3.24 -1.26 32.21
C TYR A 112 2.03 -1.55 33.09
N PRO A 113 1.68 -2.83 33.25
CA PRO A 113 0.62 -3.25 34.16
C PRO A 113 1.06 -3.15 35.62
N LEU A 114 0.19 -3.53 36.53
CA LEU A 114 0.53 -3.51 37.95
C LEU A 114 1.40 -4.71 38.31
N GLU A 115 0.90 -5.89 37.94
CA GLU A 115 1.58 -7.16 38.23
C GLU A 115 1.72 -7.39 39.73
N HIS A 116 0.90 -6.69 40.50
CA HIS A 116 0.91 -6.84 41.95
C HIS A 116 -0.22 -7.77 42.36
N HIS A 117 -0.81 -8.42 41.38
CA HIS A 117 -1.87 -9.39 41.60
C HIS A 117 -1.35 -10.79 41.35
N HIS A 118 -1.20 -11.58 42.41
CA HIS A 118 -0.74 -12.96 42.28
C HIS A 118 -1.91 -13.86 41.95
N HIS A 119 -2.07 -14.18 40.68
CA HIS A 119 -3.17 -15.01 40.25
C HIS A 119 -2.67 -16.36 39.75
N HIS A 120 -3.10 -17.41 40.43
CA HIS A 120 -2.75 -18.77 40.03
C HIS A 120 -3.83 -19.33 39.12
N HIS A 121 -3.48 -19.56 37.87
CA HIS A 121 -4.40 -20.14 36.91
C HIS A 121 -4.54 -21.64 37.17
N MET A 1 -14.71 -0.01 -19.21
CA MET A 1 -15.28 -0.33 -20.54
C MET A 1 -14.32 -1.21 -21.33
N GLU A 2 -13.06 -0.80 -21.39
CA GLU A 2 -12.05 -1.64 -22.02
C GLU A 2 -11.68 -2.79 -21.09
N ASN A 3 -11.51 -3.96 -21.67
CA ASN A 3 -11.30 -5.18 -20.89
C ASN A 3 -9.94 -5.16 -20.19
N SER A 4 -9.97 -5.32 -18.88
CA SER A 4 -8.77 -5.46 -18.09
C SER A 4 -8.84 -6.76 -17.29
N GLY A 5 -9.45 -7.77 -17.89
CA GLY A 5 -9.69 -9.04 -17.21
C GLY A 5 -8.46 -9.91 -17.12
N ALA A 6 -7.37 -9.34 -16.65
CA ALA A 6 -6.13 -10.07 -16.43
C ALA A 6 -5.63 -9.75 -15.04
N TYR A 7 -5.23 -10.77 -14.30
CA TYR A 7 -4.86 -10.61 -12.91
C TYR A 7 -3.38 -10.27 -12.77
N THR A 8 -3.11 -8.98 -12.61
CA THR A 8 -1.76 -8.49 -12.40
C THR A 8 -1.67 -7.84 -11.02
N PHE A 9 -0.57 -7.14 -10.77
CA PHE A 9 -0.41 -6.36 -9.55
C PHE A 9 -1.36 -5.17 -9.58
N GLU A 10 -1.65 -4.70 -10.80
CA GLU A 10 -2.52 -3.55 -10.99
C GLU A 10 -3.95 -3.89 -10.59
N THR A 11 -4.41 -5.06 -11.03
CA THR A 11 -5.80 -5.48 -10.88
C THR A 11 -6.31 -5.38 -9.44
N ILE A 12 -5.52 -5.91 -8.50
CA ILE A 12 -5.94 -5.97 -7.11
C ILE A 12 -5.97 -4.57 -6.48
N ALA A 13 -4.97 -3.76 -6.78
CA ALA A 13 -4.93 -2.39 -6.26
C ALA A 13 -5.99 -1.53 -6.95
N ARG A 14 -6.29 -1.89 -8.19
CA ARG A 14 -7.28 -1.21 -8.99
C ARG A 14 -8.68 -1.46 -8.44
N GLU A 15 -8.90 -2.67 -7.94
CA GLU A 15 -10.22 -3.12 -7.51
C GLU A 15 -10.82 -2.18 -6.47
N TRP A 16 -10.13 -1.99 -5.36
CA TRP A 16 -10.62 -1.12 -4.30
C TRP A 16 -10.48 0.35 -4.69
N HIS A 17 -9.53 0.66 -5.59
CA HIS A 17 -9.35 2.02 -6.06
C HIS A 17 -10.55 2.49 -6.90
N GLU A 18 -11.22 1.55 -7.57
CA GLU A 18 -12.38 1.89 -8.39
C GLU A 18 -13.55 2.34 -7.54
N SER A 19 -13.50 2.00 -6.25
CA SER A 19 -14.52 2.42 -5.31
C SER A 19 -14.34 3.90 -4.94
N ASN A 20 -13.16 4.43 -5.26
CA ASN A 20 -12.85 5.83 -4.98
C ASN A 20 -13.14 6.68 -6.21
N LYS A 21 -13.56 6.01 -7.29
CA LYS A 21 -13.92 6.66 -8.55
C LYS A 21 -12.70 7.14 -9.34
N ARG A 22 -12.93 7.26 -10.64
CA ARG A 22 -11.92 7.66 -11.64
C ARG A 22 -10.83 6.60 -11.82
N TRP A 23 -10.81 6.07 -13.03
CA TRP A 23 -9.78 5.15 -13.45
C TRP A 23 -9.38 5.45 -14.90
N SER A 24 -10.39 5.45 -15.79
CA SER A 24 -10.22 5.77 -17.21
C SER A 24 -9.22 4.85 -17.91
N GLU A 25 -9.71 4.06 -18.87
CA GLU A 25 -8.83 3.21 -19.66
C GLU A 25 -7.95 4.05 -20.59
N ASP A 26 -8.47 5.21 -20.99
CA ASP A 26 -7.73 6.10 -21.88
C ASP A 26 -6.60 6.79 -21.11
N HIS A 27 -6.95 7.34 -19.95
CA HIS A 27 -5.98 8.00 -19.07
C HIS A 27 -5.03 6.97 -18.45
N ARG A 28 -5.53 5.73 -18.38
CA ARG A 28 -4.81 4.62 -17.72
C ARG A 28 -3.35 4.53 -18.13
N SER A 29 -3.07 4.67 -19.42
CA SER A 29 -1.69 4.59 -19.93
C SER A 29 -0.78 5.58 -19.21
N ARG A 30 -1.33 6.73 -18.83
CA ARG A 30 -0.58 7.75 -18.14
C ARG A 30 -0.47 7.41 -16.66
N VAL A 31 -1.55 6.86 -16.11
CA VAL A 31 -1.59 6.46 -14.70
C VAL A 31 -0.61 5.33 -14.44
N LEU A 32 -0.50 4.41 -15.39
CA LEU A 32 0.40 3.28 -15.28
C LEU A 32 1.86 3.73 -15.23
N ARG A 33 2.20 4.76 -15.98
CA ARG A 33 3.55 5.31 -15.95
C ARG A 33 3.78 6.04 -14.63
N TYR A 34 2.68 6.59 -14.10
CA TYR A 34 2.72 7.35 -12.85
C TYR A 34 2.96 6.41 -11.66
N LEU A 35 2.23 5.32 -11.60
CA LEU A 35 2.32 4.40 -10.46
C LEU A 35 3.66 3.68 -10.39
N GLU A 36 4.36 3.61 -11.52
CA GLU A 36 5.68 2.97 -11.55
C GLU A 36 6.72 3.80 -10.82
N LEU A 37 6.56 5.11 -10.84
CA LEU A 37 7.55 6.01 -10.27
C LEU A 37 7.11 6.56 -8.92
N TYR A 38 5.82 6.78 -8.76
CA TYR A 38 5.31 7.46 -7.57
C TYR A 38 4.85 6.47 -6.51
N ILE A 39 4.31 5.34 -6.94
CA ILE A 39 3.72 4.39 -6.00
C ILE A 39 4.70 3.28 -5.65
N PHE A 40 5.12 2.50 -6.65
CA PHE A 40 6.07 1.42 -6.40
C PHE A 40 7.22 1.45 -7.40
N PRO A 41 8.24 2.26 -7.12
CA PRO A 41 9.39 2.45 -8.03
C PRO A 41 10.29 1.22 -8.12
N HIS A 42 10.79 0.76 -6.98
CA HIS A 42 11.71 -0.37 -6.96
C HIS A 42 11.03 -1.65 -6.50
N ILE A 43 9.81 -1.52 -5.99
CA ILE A 43 9.07 -2.68 -5.52
C ILE A 43 7.99 -3.07 -6.51
N GLY A 44 7.94 -2.38 -7.65
CA GLY A 44 6.98 -2.70 -8.69
C GLY A 44 7.52 -3.77 -9.63
N SER A 45 8.70 -4.28 -9.31
CA SER A 45 9.33 -5.31 -10.10
C SER A 45 9.05 -6.69 -9.51
N SER A 46 8.10 -6.75 -8.59
CA SER A 46 7.74 -8.01 -7.95
C SER A 46 6.24 -8.25 -8.07
N ASP A 47 5.85 -9.51 -8.15
CA ASP A 47 4.45 -9.89 -8.22
C ASP A 47 3.83 -9.89 -6.82
N ILE A 48 2.53 -9.67 -6.76
CA ILE A 48 1.84 -9.53 -5.48
C ILE A 48 1.74 -10.86 -4.75
N ARG A 49 2.02 -11.94 -5.49
CA ARG A 49 2.06 -13.28 -4.91
C ARG A 49 3.18 -13.38 -3.88
N GLN A 50 4.17 -12.52 -4.03
CA GLN A 50 5.33 -12.51 -3.15
C GLN A 50 5.54 -11.11 -2.60
N LEU A 51 4.74 -10.77 -1.62
CA LEU A 51 4.82 -9.49 -0.95
C LEU A 51 5.83 -9.57 0.19
N LYS A 52 6.30 -8.43 0.65
CA LYS A 52 7.34 -8.40 1.67
C LYS A 52 6.88 -7.60 2.89
N THR A 53 7.57 -7.83 4.00
CA THR A 53 7.32 -7.10 5.23
C THR A 53 7.91 -5.68 5.16
N SER A 54 8.06 -5.05 6.32
CA SER A 54 8.49 -3.65 6.43
C SER A 54 9.77 -3.32 5.65
N HIS A 55 10.48 -4.35 5.18
CA HIS A 55 11.68 -4.16 4.37
C HIS A 55 11.35 -3.36 3.11
N LEU A 56 10.16 -3.60 2.55
CA LEU A 56 9.75 -2.95 1.31
C LEU A 56 9.37 -1.49 1.57
N LEU A 57 9.16 -1.15 2.83
CA LEU A 57 8.75 0.20 3.21
C LEU A 57 9.94 1.16 3.18
N ALA A 58 11.15 0.61 3.23
CA ALA A 58 12.36 1.43 3.23
C ALA A 58 12.43 2.33 1.99
N PRO A 59 12.31 1.78 0.75
CA PRO A 59 12.29 2.60 -0.46
C PRO A 59 11.21 3.68 -0.43
N ILE A 60 10.01 3.29 -0.02
CA ILE A 60 8.88 4.21 0.02
C ILE A 60 9.09 5.28 1.07
N LYS A 61 9.82 4.92 2.12
CA LYS A 61 10.05 5.83 3.24
C LYS A 61 10.96 6.96 2.81
N GLU A 62 11.78 6.71 1.80
CA GLU A 62 12.62 7.74 1.22
C GLU A 62 11.77 8.89 0.71
N VAL A 63 10.74 8.56 -0.07
CA VAL A 63 9.83 9.56 -0.60
C VAL A 63 9.11 10.28 0.54
N ASP A 64 8.73 9.49 1.54
CA ASP A 64 8.09 10.01 2.76
C ASP A 64 8.95 11.07 3.42
N THR A 65 10.17 10.69 3.78
CA THR A 65 11.04 11.55 4.56
C THR A 65 11.68 12.65 3.71
N SER A 66 11.72 12.43 2.41
CA SER A 66 12.29 13.41 1.50
C SER A 66 11.36 14.63 1.39
N GLY A 67 10.05 14.40 1.52
CA GLY A 67 9.12 15.49 1.42
C GLY A 67 7.68 15.05 1.57
N LYS A 68 7.29 14.02 0.82
CA LYS A 68 5.90 13.58 0.79
C LYS A 68 5.63 12.52 1.85
N HIS A 69 5.43 13.00 3.06
CA HIS A 69 5.19 12.14 4.22
C HIS A 69 3.79 11.53 4.17
N ASP A 70 2.81 12.41 4.03
CA ASP A 70 1.41 12.03 4.22
C ASP A 70 0.97 10.96 3.22
N VAL A 71 1.29 11.18 1.95
CA VAL A 71 0.88 10.25 0.90
C VAL A 71 1.53 8.87 1.10
N ALA A 72 2.78 8.86 1.56
CA ALA A 72 3.50 7.62 1.76
C ALA A 72 2.87 6.80 2.89
N GLN A 73 2.54 7.48 3.98
CA GLN A 73 1.91 6.84 5.11
C GLN A 73 0.54 6.27 4.72
N ARG A 74 -0.22 7.06 3.99
CA ARG A 74 -1.51 6.62 3.48
C ARG A 74 -1.37 5.44 2.52
N LEU A 75 -0.26 5.40 1.78
CA LEU A 75 0.03 4.30 0.87
C LEU A 75 0.43 3.04 1.64
N GLN A 76 1.38 3.18 2.57
CA GLN A 76 1.89 2.04 3.32
C GLN A 76 0.79 1.35 4.11
N GLN A 77 -0.06 2.14 4.76
CA GLN A 77 -1.17 1.61 5.54
C GLN A 77 -2.12 0.81 4.65
N ARG A 78 -2.20 1.19 3.37
CA ARG A 78 -3.13 0.57 2.44
C ARG A 78 -2.75 -0.87 2.14
N VAL A 79 -1.48 -1.19 2.35
CA VAL A 79 -0.97 -2.53 2.07
C VAL A 79 -1.70 -3.58 2.90
N THR A 80 -2.07 -3.22 4.13
CA THR A 80 -2.79 -4.13 5.01
C THR A 80 -4.14 -4.53 4.39
N ALA A 81 -4.82 -3.56 3.81
CA ALA A 81 -6.10 -3.82 3.15
C ALA A 81 -5.89 -4.67 1.91
N ILE A 82 -4.83 -4.39 1.16
CA ILE A 82 -4.49 -5.17 -0.03
C ILE A 82 -4.26 -6.62 0.33
N MET A 83 -3.51 -6.85 1.40
CA MET A 83 -3.24 -8.21 1.89
C MET A 83 -4.54 -8.92 2.23
N ARG A 84 -5.48 -8.18 2.81
CA ARG A 84 -6.77 -8.74 3.19
C ARG A 84 -7.51 -9.28 1.96
N TYR A 85 -7.54 -8.49 0.88
CA TYR A 85 -8.22 -8.92 -0.34
C TYR A 85 -7.47 -10.07 -1.00
N ALA A 86 -6.15 -10.09 -0.83
CA ALA A 86 -5.32 -11.16 -1.37
C ALA A 86 -5.61 -12.48 -0.65
N VAL A 87 -5.96 -12.40 0.62
CA VAL A 87 -6.34 -13.57 1.40
C VAL A 87 -7.76 -13.98 1.08
N GLN A 88 -8.62 -12.99 0.89
CA GLN A 88 -10.03 -13.22 0.54
C GLN A 88 -10.11 -13.95 -0.80
N ASN A 89 -9.32 -13.48 -1.76
CA ASN A 89 -9.27 -14.11 -3.08
C ASN A 89 -8.34 -15.32 -3.06
N ASP A 90 -7.65 -15.47 -1.92
CA ASP A 90 -6.74 -16.59 -1.68
C ASP A 90 -5.71 -16.75 -2.80
N TYR A 91 -4.85 -15.76 -2.93
CA TYR A 91 -3.72 -15.84 -3.85
C TYR A 91 -2.41 -15.95 -3.08
N ILE A 92 -2.49 -15.75 -1.77
CA ILE A 92 -1.32 -15.89 -0.91
C ILE A 92 -1.60 -16.92 0.17
N ASP A 93 -0.57 -17.31 0.90
CA ASP A 93 -0.70 -18.33 1.94
C ASP A 93 -0.70 -17.70 3.32
N SER A 94 0.25 -16.84 3.56
CA SER A 94 0.45 -16.27 4.89
C SER A 94 -0.19 -14.88 5.00
N ASN A 95 -0.32 -14.40 6.23
CA ASN A 95 -0.89 -13.08 6.49
C ASN A 95 0.19 -12.13 6.99
N PRO A 96 0.92 -11.47 6.08
CA PRO A 96 1.99 -10.55 6.42
C PRO A 96 1.52 -9.11 6.47
N ALA A 97 2.48 -8.19 6.55
CA ALA A 97 2.23 -6.76 6.55
C ALA A 97 1.31 -6.33 7.69
N SER A 98 1.88 -6.14 8.87
CA SER A 98 1.13 -5.62 10.00
C SER A 98 1.98 -4.61 10.76
N ASP A 99 3.24 -4.96 11.03
CA ASP A 99 4.14 -4.08 11.75
C ASP A 99 4.87 -3.15 10.78
N MET A 100 4.17 -2.79 9.72
CA MET A 100 4.69 -1.85 8.74
C MET A 100 3.77 -0.64 8.65
N ALA A 101 2.83 -0.58 9.58
CA ALA A 101 1.89 0.52 9.66
C ALA A 101 1.48 0.74 11.11
N GLY A 102 0.59 1.68 11.35
CA GLY A 102 0.13 1.96 12.70
C GLY A 102 0.23 3.43 13.04
N ALA A 103 0.80 3.73 14.19
CA ALA A 103 0.97 5.11 14.63
C ALA A 103 2.42 5.53 14.54
N LEU A 104 3.32 4.53 14.66
CA LEU A 104 4.78 4.67 14.61
C LEU A 104 5.32 5.93 15.29
N SER A 105 5.24 7.05 14.61
CA SER A 105 5.83 8.31 15.07
C SER A 105 4.96 9.00 16.11
N THR A 106 3.77 8.46 16.36
CA THR A 106 2.86 9.04 17.33
C THR A 106 2.69 8.10 18.51
N THR A 107 3.12 8.55 19.67
CA THR A 107 3.00 7.78 20.90
C THR A 107 2.60 8.68 22.07
N LYS A 108 1.57 8.25 22.80
CA LYS A 108 1.12 8.96 23.97
C LYS A 108 0.70 7.95 25.04
N ALA A 109 1.04 8.24 26.29
CA ALA A 109 0.75 7.33 27.40
C ALA A 109 0.17 8.09 28.59
N ARG A 110 0.52 9.37 28.71
CA ARG A 110 0.05 10.18 29.83
C ARG A 110 -1.41 10.56 29.64
N HIS A 111 -2.05 11.00 30.72
CA HIS A 111 -3.44 11.44 30.72
C HIS A 111 -4.41 10.28 30.57
N TYR A 112 -4.94 9.82 31.68
CA TYR A 112 -6.02 8.85 31.68
C TYR A 112 -7.25 9.46 32.34
N PRO A 113 -8.14 10.06 31.55
CA PRO A 113 -9.32 10.73 32.06
C PRO A 113 -10.38 9.75 32.50
N LEU A 114 -10.85 9.93 33.72
CA LEU A 114 -11.96 9.15 34.23
C LEU A 114 -13.19 9.43 33.40
N GLU A 115 -13.38 10.72 33.09
CA GLU A 115 -14.40 11.18 32.16
C GLU A 115 -15.79 10.68 32.58
N HIS A 116 -16.01 10.60 33.88
CA HIS A 116 -17.28 10.15 34.42
C HIS A 116 -18.07 11.33 34.96
N HIS A 117 -19.09 11.74 34.22
CA HIS A 117 -19.94 12.83 34.66
C HIS A 117 -21.35 12.31 34.86
N HIS A 118 -21.71 12.10 36.12
CA HIS A 118 -23.01 11.55 36.46
C HIS A 118 -24.03 12.68 36.59
N HIS A 119 -25.19 12.47 35.97
CA HIS A 119 -26.26 13.47 36.02
C HIS A 119 -26.72 13.69 37.46
N HIS A 120 -26.37 14.83 38.01
CA HIS A 120 -26.68 15.14 39.40
C HIS A 120 -27.50 16.41 39.48
N HIS A 121 -28.80 16.25 39.73
CA HIS A 121 -29.68 17.40 39.87
C HIS A 121 -29.60 17.95 41.29
N MET A 1 7.20 -18.19 -9.19
CA MET A 1 7.39 -16.94 -8.43
C MET A 1 7.13 -15.75 -9.33
N GLU A 2 6.42 -14.75 -8.80
CA GLU A 2 6.06 -13.55 -9.55
C GLU A 2 5.09 -13.92 -10.67
N ASN A 3 3.81 -13.97 -10.31
CA ASN A 3 2.76 -14.39 -11.25
C ASN A 3 2.35 -13.23 -12.14
N SER A 4 2.61 -13.37 -13.43
CA SER A 4 2.28 -12.34 -14.39
C SER A 4 1.59 -12.97 -15.59
N GLY A 5 0.28 -12.83 -15.67
CA GLY A 5 -0.48 -13.37 -16.78
C GLY A 5 -1.85 -12.75 -16.89
N ALA A 6 -2.88 -13.52 -16.58
CA ALA A 6 -4.24 -13.00 -16.56
C ALA A 6 -4.44 -12.09 -15.34
N TYR A 7 -3.51 -12.20 -14.41
CA TYR A 7 -3.54 -11.43 -13.19
C TYR A 7 -2.12 -11.06 -12.77
N THR A 8 -1.96 -9.83 -12.34
CA THR A 8 -0.69 -9.36 -11.81
C THR A 8 -0.92 -8.69 -10.47
N PHE A 9 0.06 -7.93 -9.99
CA PHE A 9 -0.07 -7.23 -8.72
C PHE A 9 -1.20 -6.21 -8.77
N GLU A 10 -1.20 -5.38 -9.80
CA GLU A 10 -2.20 -4.32 -9.91
C GLU A 10 -3.53 -4.90 -10.36
N THR A 11 -3.50 -5.91 -11.22
CA THR A 11 -4.71 -6.48 -11.80
C THR A 11 -5.66 -7.08 -10.74
N ILE A 12 -5.11 -7.68 -9.70
CA ILE A 12 -5.96 -8.25 -8.63
C ILE A 12 -6.59 -7.13 -7.80
N ALA A 13 -5.82 -6.07 -7.57
CA ALA A 13 -6.35 -4.91 -6.88
C ALA A 13 -7.28 -4.12 -7.79
N ARG A 14 -6.99 -4.21 -9.09
CA ARG A 14 -7.72 -3.51 -10.14
C ARG A 14 -9.22 -3.75 -10.06
N GLU A 15 -9.58 -4.92 -9.59
CA GLU A 15 -10.97 -5.32 -9.46
C GLU A 15 -11.74 -4.28 -8.66
N TRP A 16 -11.30 -3.99 -7.43
CA TRP A 16 -11.90 -2.91 -6.65
C TRP A 16 -11.34 -1.54 -7.06
N HIS A 17 -10.09 -1.54 -7.51
CA HIS A 17 -9.36 -0.31 -7.86
C HIS A 17 -10.00 0.46 -9.01
N GLU A 18 -10.70 -0.25 -9.90
CA GLU A 18 -11.29 0.36 -11.10
C GLU A 18 -12.40 1.36 -10.73
N SER A 19 -12.70 1.48 -9.45
CA SER A 19 -13.68 2.43 -8.97
C SER A 19 -13.23 3.89 -9.18
N ASN A 20 -11.90 4.10 -9.18
CA ASN A 20 -11.31 5.43 -9.38
C ASN A 20 -11.56 6.34 -8.16
N LYS A 21 -10.72 7.36 -7.99
CA LYS A 21 -10.79 8.20 -6.80
C LYS A 21 -11.73 9.40 -6.98
N ARG A 22 -11.70 10.02 -8.16
CA ARG A 22 -12.48 11.23 -8.41
C ARG A 22 -12.65 11.43 -9.90
N TRP A 23 -13.57 12.31 -10.30
CA TRP A 23 -13.81 12.60 -11.71
C TRP A 23 -12.57 13.19 -12.38
N SER A 24 -11.77 12.29 -12.93
CA SER A 24 -10.54 12.63 -13.64
C SER A 24 -10.13 11.43 -14.46
N GLU A 25 -11.13 10.76 -15.03
CA GLU A 25 -10.98 9.45 -15.68
C GLU A 25 -9.81 9.45 -16.67
N ASP A 26 -9.83 10.41 -17.59
CA ASP A 26 -8.80 10.53 -18.62
C ASP A 26 -7.41 10.63 -17.99
N HIS A 27 -7.29 11.46 -16.97
CA HIS A 27 -6.00 11.74 -16.38
C HIS A 27 -5.52 10.60 -15.49
N ARG A 28 -6.43 10.04 -14.70
CA ARG A 28 -6.05 9.01 -13.72
C ARG A 28 -5.50 7.76 -14.41
N SER A 29 -5.88 7.54 -15.66
CA SER A 29 -5.40 6.40 -16.41
C SER A 29 -3.92 6.56 -16.75
N ARG A 30 -3.53 7.77 -17.16
CA ARG A 30 -2.16 8.04 -17.53
C ARG A 30 -1.30 8.31 -16.29
N VAL A 31 -1.90 8.94 -15.28
CA VAL A 31 -1.19 9.24 -14.04
C VAL A 31 -0.82 7.95 -13.30
N LEU A 32 -1.73 6.97 -13.34
CA LEU A 32 -1.54 5.69 -12.63
C LEU A 32 -0.20 5.04 -12.99
N ARG A 33 0.33 5.39 -14.16
CA ARG A 33 1.64 4.90 -14.61
C ARG A 33 2.71 5.08 -13.55
N TYR A 34 2.57 6.14 -12.75
CA TYR A 34 3.53 6.47 -11.69
C TYR A 34 3.75 5.29 -10.74
N LEU A 35 2.76 4.41 -10.64
CA LEU A 35 2.82 3.26 -9.74
C LEU A 35 4.05 2.40 -10.01
N GLU A 36 4.33 2.17 -11.30
CA GLU A 36 5.39 1.28 -11.72
C GLU A 36 6.77 1.79 -11.27
N LEU A 37 6.93 3.10 -11.22
CA LEU A 37 8.24 3.69 -10.90
C LEU A 37 8.30 4.22 -9.47
N TYR A 38 7.23 4.85 -9.02
CA TYR A 38 7.21 5.51 -7.72
C TYR A 38 7.07 4.50 -6.59
N ILE A 39 6.29 3.46 -6.83
CA ILE A 39 6.00 2.48 -5.79
C ILE A 39 6.89 1.24 -5.95
N PHE A 40 7.26 0.93 -7.18
CA PHE A 40 8.11 -0.24 -7.43
C PHE A 40 9.43 0.17 -8.11
N PRO A 41 10.26 1.00 -7.47
CA PRO A 41 11.50 1.46 -8.08
C PRO A 41 12.58 0.37 -8.10
N HIS A 42 12.91 -0.15 -6.92
CA HIS A 42 13.86 -1.25 -6.82
C HIS A 42 13.15 -2.55 -6.50
N ILE A 43 11.95 -2.43 -5.97
CA ILE A 43 11.20 -3.57 -5.46
C ILE A 43 10.26 -4.17 -6.48
N GLY A 44 10.46 -3.80 -7.75
CA GLY A 44 9.58 -4.28 -8.83
C GLY A 44 9.60 -5.80 -8.99
N SER A 45 10.52 -6.46 -8.31
CA SER A 45 10.65 -7.92 -8.37
C SER A 45 9.74 -8.59 -7.34
N SER A 46 8.89 -7.80 -6.68
CA SER A 46 8.01 -8.33 -5.65
C SER A 46 6.86 -9.14 -6.23
N ASP A 47 6.51 -10.21 -5.53
CA ASP A 47 5.44 -11.11 -5.94
C ASP A 47 4.16 -10.76 -5.17
N ILE A 48 3.03 -10.68 -5.86
CA ILE A 48 1.76 -10.40 -5.20
C ILE A 48 1.28 -11.64 -4.45
N ARG A 49 1.77 -12.79 -4.88
CA ARG A 49 1.46 -14.05 -4.23
C ARG A 49 2.28 -14.19 -2.95
N GLN A 50 3.38 -13.44 -2.88
CA GLN A 50 4.25 -13.45 -1.72
C GLN A 50 4.68 -12.03 -1.38
N LEU A 51 3.80 -11.32 -0.71
CA LEU A 51 4.06 -9.94 -0.33
C LEU A 51 4.90 -9.91 0.94
N LYS A 52 5.88 -9.00 0.97
CA LYS A 52 6.85 -8.96 2.05
C LYS A 52 6.59 -7.83 3.04
N THR A 53 7.34 -7.84 4.13
CA THR A 53 7.18 -6.85 5.20
C THR A 53 7.74 -5.49 4.77
N SER A 54 7.78 -4.55 5.72
CA SER A 54 8.07 -3.15 5.44
C SER A 54 9.54 -2.88 5.08
N HIS A 55 10.29 -3.91 4.70
CA HIS A 55 11.67 -3.70 4.31
C HIS A 55 11.72 -3.07 2.93
N LEU A 56 10.67 -3.32 2.15
CA LEU A 56 10.55 -2.75 0.81
C LEU A 56 10.12 -1.29 0.88
N LEU A 57 9.64 -0.88 2.05
CA LEU A 57 9.11 0.47 2.25
C LEU A 57 10.25 1.49 2.41
N ALA A 58 11.46 0.97 2.61
CA ALA A 58 12.65 1.81 2.84
C ALA A 58 12.79 2.95 1.81
N PRO A 59 12.79 2.65 0.49
CA PRO A 59 12.91 3.70 -0.54
C PRO A 59 11.79 4.72 -0.52
N ILE A 60 10.61 4.30 -0.08
CA ILE A 60 9.47 5.19 0.02
C ILE A 60 9.68 6.15 1.18
N LYS A 61 10.47 5.73 2.16
CA LYS A 61 10.73 6.56 3.34
C LYS A 61 11.61 7.75 2.96
N GLU A 62 12.36 7.56 1.91
CA GLU A 62 13.23 8.60 1.39
C GLU A 62 12.43 9.83 1.01
N VAL A 63 11.35 9.64 0.26
CA VAL A 63 10.49 10.75 -0.13
C VAL A 63 9.58 11.14 1.04
N ASP A 64 9.28 10.15 1.89
CA ASP A 64 8.49 10.37 3.09
C ASP A 64 9.13 11.45 3.98
N THR A 65 10.42 11.27 4.27
CA THR A 65 11.13 12.18 5.15
C THR A 65 11.41 13.52 4.45
N SER A 66 11.26 13.54 3.13
CA SER A 66 11.41 14.77 2.36
C SER A 66 10.24 15.73 2.63
N GLY A 67 9.14 15.20 3.16
CA GLY A 67 8.00 16.02 3.47
C GLY A 67 6.74 15.63 2.70
N LYS A 68 6.86 14.63 1.85
CA LYS A 68 5.76 14.18 1.01
C LYS A 68 5.19 12.88 1.53
N HIS A 69 5.40 12.64 2.81
CA HIS A 69 5.00 11.39 3.45
C HIS A 69 3.50 11.11 3.34
N ASP A 70 2.69 12.16 3.20
CA ASP A 70 1.23 11.98 3.16
C ASP A 70 0.81 11.12 1.99
N VAL A 71 1.23 11.50 0.79
CA VAL A 71 0.85 10.78 -0.42
C VAL A 71 1.50 9.40 -0.47
N ALA A 72 2.72 9.31 0.05
CA ALA A 72 3.43 8.04 0.13
C ALA A 72 2.68 7.08 1.05
N GLN A 73 2.18 7.62 2.15
CA GLN A 73 1.41 6.84 3.11
C GLN A 73 0.15 6.29 2.47
N ARG A 74 -0.52 7.16 1.73
CA ARG A 74 -1.75 6.79 1.02
C ARG A 74 -1.56 5.51 0.21
N LEU A 75 -0.40 5.41 -0.44
CA LEU A 75 -0.10 4.25 -1.27
C LEU A 75 0.23 3.02 -0.43
N GLN A 76 1.10 3.18 0.57
CA GLN A 76 1.52 2.03 1.39
C GLN A 76 0.36 1.48 2.21
N GLN A 77 -0.50 2.38 2.66
CA GLN A 77 -1.72 2.00 3.35
C GLN A 77 -2.64 1.24 2.40
N ARG A 78 -2.62 1.63 1.13
CA ARG A 78 -3.46 0.99 0.13
C ARG A 78 -2.90 -0.38 -0.25
N VAL A 79 -1.57 -0.52 -0.19
CA VAL A 79 -0.94 -1.82 -0.38
C VAL A 79 -1.46 -2.80 0.67
N THR A 80 -1.58 -2.32 1.89
CA THR A 80 -2.12 -3.12 2.99
C THR A 80 -3.60 -3.43 2.73
N ALA A 81 -4.30 -2.50 2.11
CA ALA A 81 -5.70 -2.70 1.75
C ALA A 81 -5.82 -3.78 0.67
N ILE A 82 -4.84 -3.83 -0.23
CA ILE A 82 -4.80 -4.86 -1.25
C ILE A 82 -4.69 -6.23 -0.59
N MET A 83 -3.85 -6.32 0.44
CA MET A 83 -3.65 -7.55 1.19
C MET A 83 -4.96 -8.07 1.75
N ARG A 84 -5.85 -7.16 2.13
CA ARG A 84 -7.16 -7.52 2.67
C ARG A 84 -7.94 -8.39 1.67
N TYR A 85 -7.93 -7.99 0.41
CA TYR A 85 -8.62 -8.73 -0.63
C TYR A 85 -7.81 -9.96 -1.04
N ALA A 86 -6.50 -9.88 -0.90
CA ALA A 86 -5.64 -11.03 -1.12
C ALA A 86 -5.98 -12.15 -0.13
N VAL A 87 -6.27 -11.75 1.11
CA VAL A 87 -6.69 -12.69 2.15
C VAL A 87 -7.98 -13.41 1.75
N GLN A 88 -8.80 -12.74 0.95
CA GLN A 88 -10.10 -13.29 0.51
C GLN A 88 -9.89 -14.59 -0.25
N ASN A 89 -8.78 -14.69 -0.95
CA ASN A 89 -8.48 -15.86 -1.77
C ASN A 89 -7.75 -16.93 -0.95
N ASP A 90 -7.39 -16.56 0.28
CA ASP A 90 -6.75 -17.45 1.24
C ASP A 90 -5.38 -17.94 0.79
N TYR A 91 -4.82 -17.36 -0.27
CA TYR A 91 -3.58 -17.87 -0.83
C TYR A 91 -2.37 -17.45 0.00
N ILE A 92 -2.47 -16.33 0.70
CA ILE A 92 -1.37 -15.87 1.55
C ILE A 92 -1.50 -16.43 2.97
N ASP A 93 -2.74 -16.68 3.38
CA ASP A 93 -3.06 -17.22 4.72
C ASP A 93 -2.82 -16.18 5.82
N SER A 94 -1.59 -15.72 5.94
CA SER A 94 -1.24 -14.74 6.96
C SER A 94 -1.56 -13.33 6.48
N ASN A 95 -1.37 -12.35 7.36
CA ASN A 95 -1.65 -10.95 7.04
C ASN A 95 -0.36 -10.14 7.08
N PRO A 96 0.37 -10.07 5.95
CA PRO A 96 1.62 -9.33 5.88
C PRO A 96 1.39 -7.83 5.72
N ALA A 97 2.49 -7.10 5.56
CA ALA A 97 2.47 -5.64 5.43
C ALA A 97 1.85 -4.98 6.67
N SER A 98 1.81 -5.72 7.77
CA SER A 98 1.20 -5.26 9.00
C SER A 98 1.99 -4.12 9.63
N ASP A 99 3.29 -4.07 9.35
CA ASP A 99 4.17 -3.07 9.93
C ASP A 99 4.12 -1.76 9.16
N MET A 100 3.51 -1.79 7.98
CA MET A 100 3.44 -0.61 7.12
C MET A 100 2.78 0.56 7.85
N ALA A 101 1.61 0.30 8.41
CA ALA A 101 0.86 1.32 9.14
C ALA A 101 1.14 1.24 10.64
N GLY A 102 2.21 0.55 11.00
CA GLY A 102 2.55 0.41 12.40
C GLY A 102 3.99 0.80 12.68
N ALA A 103 4.67 1.29 11.64
CA ALA A 103 6.07 1.66 11.75
C ALA A 103 6.26 2.98 12.48
N LEU A 104 5.31 3.90 12.33
CA LEU A 104 5.40 5.19 12.95
C LEU A 104 4.05 5.63 13.52
N SER A 105 3.91 5.53 14.82
CA SER A 105 2.74 6.03 15.52
C SER A 105 3.17 6.49 16.91
N THR A 106 3.51 5.52 17.75
CA THR A 106 4.13 5.81 19.03
C THR A 106 5.62 5.56 18.93
N THR A 107 6.37 6.60 18.63
CA THR A 107 7.79 6.48 18.33
C THR A 107 8.64 6.41 19.60
N LYS A 108 9.36 5.31 19.73
CA LYS A 108 10.27 5.11 20.81
C LYS A 108 11.61 5.72 20.44
N ALA A 109 12.31 6.21 21.41
CA ALA A 109 13.63 6.81 21.19
C ALA A 109 14.72 5.80 21.54
N ARG A 110 14.63 5.23 22.74
CA ARG A 110 15.62 4.26 23.18
C ARG A 110 15.22 2.87 22.72
N HIS A 111 15.69 2.48 21.54
CA HIS A 111 15.49 1.13 21.05
C HIS A 111 16.49 0.80 19.94
N TYR A 112 17.60 0.20 20.31
CA TYR A 112 18.64 -0.17 19.38
C TYR A 112 18.94 -1.65 19.49
N PRO A 113 18.92 -2.36 18.35
CA PRO A 113 19.15 -3.81 18.32
C PRO A 113 20.57 -4.19 18.75
N LEU A 114 21.53 -4.01 17.84
CA LEU A 114 22.92 -4.37 18.09
C LEU A 114 23.68 -4.25 16.78
N GLU A 115 24.06 -3.03 16.45
CA GLU A 115 24.91 -2.77 15.29
C GLU A 115 26.11 -3.72 15.27
N HIS A 116 26.10 -4.64 14.31
CA HIS A 116 27.12 -5.67 14.24
C HIS A 116 28.31 -5.20 13.43
N HIS A 117 29.37 -4.80 14.12
CA HIS A 117 30.56 -4.29 13.46
C HIS A 117 31.61 -5.38 13.32
N HIS A 118 32.54 -5.17 12.39
CA HIS A 118 33.61 -6.13 12.14
C HIS A 118 34.93 -5.40 12.07
N HIS A 119 36.03 -6.14 12.18
CA HIS A 119 37.35 -5.53 12.11
C HIS A 119 37.74 -5.30 10.66
N HIS A 120 37.20 -4.22 10.10
CA HIS A 120 37.51 -3.78 8.75
C HIS A 120 37.37 -2.27 8.67
N HIS A 121 37.89 -1.68 7.60
CA HIS A 121 37.78 -0.24 7.42
C HIS A 121 36.84 0.05 6.25
N MET A 1 -11.73 -14.41 -18.12
CA MET A 1 -10.95 -13.16 -18.02
C MET A 1 -9.77 -13.20 -18.98
N GLU A 2 -9.26 -12.02 -19.31
CA GLU A 2 -8.14 -11.89 -20.23
C GLU A 2 -6.85 -12.35 -19.57
N ASN A 3 -6.58 -11.83 -18.38
CA ASN A 3 -5.39 -12.22 -17.62
C ASN A 3 -5.51 -13.66 -17.15
N SER A 4 -4.61 -14.50 -17.62
CA SER A 4 -4.57 -15.90 -17.22
C SER A 4 -3.19 -16.26 -16.69
N GLY A 5 -2.26 -15.31 -16.75
CA GLY A 5 -0.91 -15.57 -16.32
C GLY A 5 -0.34 -14.41 -15.52
N ALA A 6 0.57 -14.74 -14.60
CA ALA A 6 1.20 -13.78 -13.71
C ALA A 6 0.21 -13.21 -12.70
N TYR A 7 0.13 -13.86 -11.56
CA TYR A 7 -0.75 -13.41 -10.49
C TYR A 7 0.06 -12.65 -9.45
N THR A 8 0.42 -11.43 -9.78
CA THR A 8 1.18 -10.58 -8.89
C THR A 8 0.24 -9.72 -8.07
N PHE A 9 0.74 -9.13 -7.00
CA PHE A 9 -0.06 -8.21 -6.20
C PHE A 9 -0.38 -6.96 -7.02
N GLU A 10 0.47 -6.69 -8.02
CA GLU A 10 0.25 -5.60 -8.96
C GLU A 10 -1.13 -5.69 -9.58
N THR A 11 -1.52 -6.89 -9.98
CA THR A 11 -2.83 -7.12 -10.58
C THR A 11 -3.94 -6.74 -9.59
N ILE A 12 -3.74 -7.10 -8.33
CA ILE A 12 -4.69 -6.80 -7.28
C ILE A 12 -4.73 -5.29 -7.01
N ALA A 13 -3.55 -4.67 -7.06
CA ALA A 13 -3.43 -3.25 -6.82
C ALA A 13 -4.20 -2.43 -7.85
N ARG A 14 -4.10 -2.84 -9.11
CA ARG A 14 -4.73 -2.09 -10.20
C ARG A 14 -6.26 -2.14 -10.06
N GLU A 15 -6.76 -3.21 -9.45
CA GLU A 15 -8.20 -3.41 -9.31
C GLU A 15 -8.84 -2.22 -8.58
N TRP A 16 -8.39 -1.97 -7.34
CA TRP A 16 -8.94 -0.88 -6.56
C TRP A 16 -8.34 0.47 -6.96
N HIS A 17 -7.10 0.47 -7.44
CA HIS A 17 -6.41 1.70 -7.83
C HIS A 17 -7.05 2.36 -9.06
N GLU A 18 -7.66 1.56 -9.94
CA GLU A 18 -8.17 2.08 -11.20
C GLU A 18 -9.42 2.95 -11.00
N SER A 19 -9.94 2.97 -9.77
CA SER A 19 -11.10 3.79 -9.46
C SER A 19 -10.74 5.28 -9.52
N ASN A 20 -9.46 5.58 -9.30
CA ASN A 20 -8.95 6.96 -9.32
C ASN A 20 -9.48 7.78 -8.15
N LYS A 21 -9.11 9.06 -8.14
CA LYS A 21 -9.61 9.99 -7.15
C LYS A 21 -10.63 10.91 -7.82
N ARG A 22 -10.25 11.41 -8.99
CA ARG A 22 -11.16 12.20 -9.81
C ARG A 22 -11.77 11.25 -10.83
N TRP A 23 -12.88 10.63 -10.44
CA TRP A 23 -13.50 9.53 -11.18
C TRP A 23 -13.73 9.87 -12.65
N SER A 24 -12.80 9.44 -13.49
CA SER A 24 -12.90 9.64 -14.94
C SER A 24 -12.05 8.57 -15.63
N GLU A 25 -12.59 8.00 -16.70
CA GLU A 25 -11.93 6.92 -17.41
C GLU A 25 -10.69 7.39 -18.15
N ASP A 26 -10.67 8.67 -18.52
CA ASP A 26 -9.51 9.24 -19.21
C ASP A 26 -8.33 9.37 -18.26
N HIS A 27 -8.64 9.58 -16.98
CA HIS A 27 -7.60 9.73 -15.96
C HIS A 27 -6.93 8.40 -15.67
N ARG A 28 -7.68 7.31 -15.87
CA ARG A 28 -7.17 5.96 -15.61
C ARG A 28 -5.89 5.71 -16.41
N SER A 29 -5.92 6.07 -17.69
CA SER A 29 -4.78 5.87 -18.57
C SER A 29 -3.57 6.67 -18.09
N ARG A 30 -3.83 7.84 -17.51
CA ARG A 30 -2.79 8.74 -17.08
C ARG A 30 -2.16 8.25 -15.78
N VAL A 31 -3.01 7.93 -14.81
CA VAL A 31 -2.55 7.48 -13.50
C VAL A 31 -1.96 6.08 -13.57
N LEU A 32 -2.23 5.37 -14.66
CA LEU A 32 -1.66 4.04 -14.87
C LEU A 32 -0.16 4.16 -15.06
N ARG A 33 0.25 5.11 -15.90
CA ARG A 33 1.66 5.34 -16.15
C ARG A 33 2.32 5.96 -14.92
N TYR A 34 1.54 6.72 -14.17
CA TYR A 34 2.00 7.31 -12.92
C TYR A 34 2.32 6.20 -11.91
N LEU A 35 1.49 5.16 -11.94
CA LEU A 35 1.68 3.99 -11.09
C LEU A 35 3.04 3.35 -11.36
N GLU A 36 3.34 3.19 -12.64
CA GLU A 36 4.58 2.53 -13.06
C GLU A 36 5.83 3.22 -12.51
N LEU A 37 5.77 4.53 -12.38
CA LEU A 37 6.95 5.31 -12.00
C LEU A 37 7.02 5.58 -10.50
N TYR A 38 5.89 5.90 -9.89
CA TYR A 38 5.88 6.39 -8.52
C TYR A 38 5.61 5.28 -7.52
N ILE A 39 5.20 4.11 -8.02
CA ILE A 39 4.74 3.06 -7.14
C ILE A 39 5.33 1.71 -7.56
N PHE A 40 6.03 1.09 -6.61
CA PHE A 40 6.61 -0.25 -6.75
C PHE A 40 7.81 -0.26 -7.70
N PRO A 41 8.82 0.58 -7.47
CA PRO A 41 9.97 0.68 -8.38
C PRO A 41 10.85 -0.58 -8.35
N HIS A 42 11.24 -0.99 -7.14
CA HIS A 42 12.09 -2.18 -6.98
C HIS A 42 11.29 -3.38 -6.50
N ILE A 43 9.99 -3.20 -6.27
CA ILE A 43 9.20 -4.24 -5.62
C ILE A 43 7.93 -4.60 -6.41
N GLY A 44 7.83 -4.12 -7.65
CA GLY A 44 6.61 -4.33 -8.41
C GLY A 44 6.69 -5.51 -9.35
N SER A 45 7.73 -6.32 -9.22
CA SER A 45 7.94 -7.45 -10.13
C SER A 45 7.67 -8.79 -9.45
N SER A 46 7.21 -8.75 -8.20
CA SER A 46 7.06 -9.97 -7.42
C SER A 46 5.62 -10.47 -7.39
N ASP A 47 5.48 -11.79 -7.31
CA ASP A 47 4.17 -12.43 -7.21
C ASP A 47 3.52 -12.11 -5.87
N ILE A 48 2.22 -12.32 -5.78
CA ILE A 48 1.48 -11.95 -4.57
C ILE A 48 1.75 -12.91 -3.41
N ARG A 49 2.06 -14.16 -3.71
CA ARG A 49 2.29 -15.16 -2.67
C ARG A 49 3.61 -14.92 -1.94
N GLN A 50 4.51 -14.21 -2.59
CA GLN A 50 5.79 -13.86 -1.97
C GLN A 50 5.86 -12.36 -1.75
N LEU A 51 5.09 -11.90 -0.79
CA LEU A 51 5.03 -10.49 -0.47
C LEU A 51 6.06 -10.19 0.61
N LYS A 52 6.75 -9.07 0.46
CA LYS A 52 7.80 -8.69 1.41
C LYS A 52 7.19 -7.95 2.60
N THR A 53 7.97 -7.82 3.66
CA THR A 53 7.54 -7.09 4.84
C THR A 53 7.97 -5.63 4.73
N SER A 54 7.99 -4.90 5.85
CA SER A 54 8.31 -3.48 5.87
C SER A 54 9.70 -3.16 5.31
N HIS A 55 10.43 -4.18 4.88
CA HIS A 55 11.73 -4.00 4.22
C HIS A 55 11.55 -3.14 2.96
N LEU A 56 10.41 -3.32 2.30
CA LEU A 56 10.11 -2.58 1.07
C LEU A 56 9.67 -1.15 1.38
N LEU A 57 9.35 -0.90 2.64
CA LEU A 57 8.88 0.40 3.06
C LEU A 57 10.05 1.39 3.21
N ALA A 58 11.26 0.85 3.33
CA ALA A 58 12.45 1.68 3.49
C ALA A 58 12.59 2.74 2.39
N PRO A 59 12.55 2.35 1.10
CA PRO A 59 12.60 3.32 -0.02
C PRO A 59 11.42 4.28 0.00
N ILE A 60 10.26 3.79 0.41
CA ILE A 60 9.05 4.59 0.46
C ILE A 60 9.14 5.59 1.61
N LYS A 61 9.96 5.26 2.59
CA LYS A 61 10.15 6.09 3.77
C LYS A 61 10.81 7.40 3.38
N GLU A 62 11.57 7.38 2.29
CA GLU A 62 12.20 8.57 1.78
C GLU A 62 11.15 9.55 1.25
N VAL A 63 10.03 9.00 0.79
CA VAL A 63 8.96 9.80 0.21
C VAL A 63 8.25 10.60 1.29
N ASP A 64 8.03 10.00 2.46
CA ASP A 64 7.36 10.69 3.54
C ASP A 64 8.29 11.69 4.20
N THR A 65 9.54 11.32 4.38
CA THR A 65 10.50 12.16 5.07
C THR A 65 10.93 13.34 4.18
N SER A 66 11.37 13.05 2.98
CA SER A 66 11.88 14.08 2.09
C SER A 66 10.77 14.66 1.21
N GLY A 67 9.52 14.39 1.57
CA GLY A 67 8.42 14.90 0.79
C GLY A 67 7.12 14.97 1.58
N LYS A 68 6.05 14.46 0.98
CA LYS A 68 4.72 14.54 1.58
C LYS A 68 4.47 13.35 2.49
N HIS A 69 4.79 13.50 3.77
CA HIS A 69 4.57 12.43 4.74
C HIS A 69 3.08 12.17 4.93
N ASP A 70 2.28 13.18 4.69
CA ASP A 70 0.83 13.05 4.79
C ASP A 70 0.30 12.07 3.76
N VAL A 71 0.68 12.31 2.51
CA VAL A 71 0.24 11.49 1.39
C VAL A 71 0.94 10.12 1.39
N ALA A 72 2.23 10.12 1.72
CA ALA A 72 3.01 8.89 1.70
C ALA A 72 2.50 7.87 2.71
N GLN A 73 2.00 8.34 3.85
CA GLN A 73 1.40 7.47 4.84
C GLN A 73 0.17 6.78 4.27
N ARG A 74 -0.66 7.56 3.60
CA ARG A 74 -1.82 7.02 2.88
C ARG A 74 -1.36 5.98 1.86
N LEU A 75 -0.31 6.33 1.13
CA LEU A 75 0.18 5.52 0.02
C LEU A 75 0.86 4.23 0.49
N GLN A 76 1.47 4.25 1.66
CA GLN A 76 2.17 3.06 2.15
C GLN A 76 1.18 1.99 2.58
N GLN A 77 0.08 2.42 3.17
CA GLN A 77 -0.99 1.54 3.62
C GLN A 77 -1.55 0.66 2.50
N ARG A 78 -1.30 1.05 1.26
CA ARG A 78 -1.80 0.33 0.07
C ARG A 78 -1.52 -1.17 0.15
N VAL A 79 -0.38 -1.53 0.73
CA VAL A 79 0.04 -2.92 0.80
C VAL A 79 -0.82 -3.69 1.81
N THR A 80 -1.25 -3.02 2.87
CA THR A 80 -2.18 -3.61 3.82
C THR A 80 -3.54 -3.84 3.15
N ALA A 81 -3.90 -2.94 2.23
CA ALA A 81 -5.10 -3.10 1.44
C ALA A 81 -4.98 -4.32 0.54
N ILE A 82 -3.82 -4.44 -0.11
CA ILE A 82 -3.50 -5.61 -0.92
C ILE A 82 -3.69 -6.89 -0.12
N MET A 83 -3.20 -6.86 1.11
CA MET A 83 -3.24 -8.00 2.00
C MET A 83 -4.67 -8.47 2.23
N ARG A 84 -5.60 -7.52 2.34
CA ARG A 84 -6.99 -7.85 2.60
C ARG A 84 -7.64 -8.51 1.37
N TYR A 85 -7.51 -7.88 0.20
CA TYR A 85 -8.06 -8.44 -1.03
C TYR A 85 -7.48 -9.81 -1.32
N ALA A 86 -6.23 -10.01 -0.91
CA ALA A 86 -5.55 -11.28 -1.08
C ALA A 86 -6.19 -12.38 -0.24
N VAL A 87 -6.68 -12.02 0.94
CA VAL A 87 -7.36 -12.98 1.81
C VAL A 87 -8.80 -13.18 1.34
N GLN A 88 -9.44 -12.07 0.96
CA GLN A 88 -10.81 -12.09 0.49
C GLN A 88 -10.98 -12.99 -0.73
N ASN A 89 -9.94 -13.09 -1.55
CA ASN A 89 -10.01 -13.88 -2.77
C ASN A 89 -9.08 -15.10 -2.71
N ASP A 90 -8.53 -15.36 -1.52
CA ASP A 90 -7.67 -16.53 -1.27
C ASP A 90 -6.48 -16.60 -2.25
N TYR A 91 -5.52 -15.72 -2.05
CA TYR A 91 -4.29 -15.75 -2.84
C TYR A 91 -3.09 -16.17 -1.99
N ILE A 92 -2.97 -15.61 -0.80
CA ILE A 92 -1.76 -15.75 0.02
C ILE A 92 -1.96 -16.74 1.16
N ASP A 93 -0.83 -17.24 1.67
CA ASP A 93 -0.85 -18.19 2.79
C ASP A 93 -0.25 -17.55 4.03
N SER A 94 0.08 -16.27 3.94
CA SER A 94 0.69 -15.54 5.04
C SER A 94 0.38 -14.06 4.91
N ASN A 95 0.39 -13.35 6.03
CA ASN A 95 0.05 -11.93 6.04
C ASN A 95 1.22 -11.10 6.55
N PRO A 96 2.15 -10.73 5.67
CA PRO A 96 3.33 -9.95 6.03
C PRO A 96 3.02 -8.48 6.34
N ALA A 97 2.18 -7.86 5.50
CA ALA A 97 1.94 -6.43 5.59
C ALA A 97 0.65 -6.11 6.34
N SER A 98 0.32 -6.93 7.34
CA SER A 98 -0.84 -6.68 8.18
C SER A 98 -0.68 -5.35 8.91
N ASP A 99 0.51 -5.11 9.42
CA ASP A 99 0.82 -3.85 10.07
C ASP A 99 1.61 -2.96 9.13
N MET A 100 2.86 -3.35 8.87
CA MET A 100 3.75 -2.68 7.91
C MET A 100 4.25 -1.32 8.42
N ALA A 101 3.32 -0.46 8.80
CA ALA A 101 3.65 0.89 9.23
C ALA A 101 4.64 0.91 10.39
N GLY A 102 4.39 0.07 11.38
CA GLY A 102 5.25 0.02 12.55
C GLY A 102 5.11 1.26 13.41
N ALA A 103 6.15 2.09 13.42
CA ALA A 103 6.16 3.30 14.22
C ALA A 103 6.54 4.49 13.37
N LEU A 104 5.55 5.34 13.08
CA LEU A 104 5.76 6.56 12.32
C LEU A 104 6.85 7.40 12.98
N SER A 105 6.60 7.79 14.22
CA SER A 105 7.57 8.54 15.00
C SER A 105 7.21 8.44 16.48
N THR A 106 6.01 8.91 16.81
CA THR A 106 5.51 8.84 18.17
C THR A 106 4.07 8.37 18.17
N THR A 107 3.82 7.22 18.77
CA THR A 107 2.46 6.74 18.93
C THR A 107 1.82 7.37 20.17
N LYS A 108 2.63 7.49 21.21
CA LYS A 108 2.21 8.13 22.45
C LYS A 108 3.27 9.13 22.88
N ALA A 109 2.85 10.34 23.18
CA ALA A 109 3.74 11.36 23.70
C ALA A 109 2.95 12.42 24.46
N ARG A 110 2.24 13.25 23.72
CA ARG A 110 1.44 14.30 24.30
C ARG A 110 0.51 14.92 23.27
N HIS A 111 -0.77 14.91 23.56
CA HIS A 111 -1.79 15.55 22.73
C HIS A 111 -2.88 16.12 23.62
N TYR A 112 -3.47 15.25 24.41
CA TYR A 112 -4.52 15.63 25.36
C TYR A 112 -4.50 14.70 26.57
N PRO A 113 -4.96 15.17 27.73
CA PRO A 113 -5.01 14.36 28.95
C PRO A 113 -6.07 13.25 28.87
N LEU A 114 -6.36 12.65 30.01
CA LEU A 114 -7.30 11.54 30.06
C LEU A 114 -8.72 12.08 30.01
N GLU A 115 -9.06 12.91 30.99
CA GLU A 115 -10.39 13.46 31.09
C GLU A 115 -10.36 14.98 30.95
N HIS A 116 -10.71 15.47 29.77
CA HIS A 116 -10.84 16.90 29.52
C HIS A 116 -11.84 17.12 28.41
N HIS A 117 -12.76 16.17 28.29
CA HIS A 117 -13.80 16.22 27.28
C HIS A 117 -15.11 15.77 27.91
N HIS A 118 -15.83 16.74 28.43
CA HIS A 118 -17.00 16.47 29.27
C HIS A 118 -18.29 16.61 28.48
N HIS A 119 -19.24 15.73 28.76
CA HIS A 119 -20.55 15.77 28.13
C HIS A 119 -21.56 15.01 28.97
N HIS A 120 -22.81 15.47 28.91
CA HIS A 120 -23.90 14.85 29.64
C HIS A 120 -25.23 15.39 29.13
N HIS A 121 -26.23 14.53 29.05
CA HIS A 121 -27.56 14.96 28.63
C HIS A 121 -28.47 15.03 29.84
N MET A 1 -10.37 -5.77 -24.75
CA MET A 1 -9.46 -4.66 -24.42
C MET A 1 -8.05 -4.98 -24.89
N GLU A 2 -7.34 -3.96 -25.35
CA GLU A 2 -5.98 -4.12 -25.87
C GLU A 2 -5.07 -4.76 -24.84
N ASN A 3 -5.08 -4.22 -23.63
CA ASN A 3 -4.24 -4.72 -22.57
C ASN A 3 -5.08 -5.05 -21.34
N SER A 4 -5.44 -6.31 -21.20
CA SER A 4 -6.26 -6.75 -20.08
C SER A 4 -5.65 -7.96 -19.40
N GLY A 5 -5.11 -7.76 -18.22
CA GLY A 5 -4.55 -8.86 -17.46
C GLY A 5 -5.43 -9.25 -16.30
N ALA A 6 -5.64 -10.55 -16.12
CA ALA A 6 -6.52 -11.05 -15.09
C ALA A 6 -5.80 -11.17 -13.75
N TYR A 7 -4.62 -11.81 -13.78
CA TYR A 7 -3.83 -11.99 -12.56
C TYR A 7 -2.88 -10.81 -12.35
N THR A 8 -3.12 -9.75 -13.10
CA THR A 8 -2.31 -8.54 -13.02
C THR A 8 -2.59 -7.79 -11.70
N PHE A 9 -1.52 -7.45 -10.99
CA PHE A 9 -1.62 -6.73 -9.72
C PHE A 9 -2.41 -5.42 -9.89
N GLU A 10 -2.04 -4.66 -10.92
CA GLU A 10 -2.67 -3.38 -11.20
C GLU A 10 -4.19 -3.55 -11.41
N THR A 11 -4.59 -4.68 -11.96
CA THR A 11 -5.99 -4.96 -12.20
C THR A 11 -6.71 -5.23 -10.89
N ILE A 12 -6.04 -5.93 -9.98
CA ILE A 12 -6.60 -6.22 -8.67
C ILE A 12 -6.67 -4.94 -7.82
N ALA A 13 -5.69 -4.07 -8.02
CA ALA A 13 -5.65 -2.78 -7.33
C ALA A 13 -6.83 -1.91 -7.75
N ARG A 14 -7.30 -2.09 -8.98
CA ARG A 14 -8.42 -1.33 -9.50
C ARG A 14 -9.70 -1.66 -8.74
N GLU A 15 -9.78 -2.90 -8.27
CA GLU A 15 -11.00 -3.40 -7.64
C GLU A 15 -11.45 -2.49 -6.50
N TRP A 16 -10.58 -2.28 -5.54
CA TRP A 16 -10.89 -1.39 -4.41
C TRP A 16 -10.74 0.08 -4.79
N HIS A 17 -9.76 0.40 -5.64
CA HIS A 17 -9.48 1.79 -6.01
C HIS A 17 -10.61 2.39 -6.85
N GLU A 18 -11.38 1.53 -7.54
CA GLU A 18 -12.47 1.95 -8.42
C GLU A 18 -13.44 2.90 -7.71
N SER A 19 -13.50 2.78 -6.39
CA SER A 19 -14.37 3.62 -5.57
C SER A 19 -14.03 5.11 -5.75
N ASN A 20 -12.81 5.40 -6.17
CA ASN A 20 -12.36 6.78 -6.36
C ASN A 20 -11.94 7.02 -7.80
N LYS A 21 -12.44 6.21 -8.71
CA LYS A 21 -12.13 6.37 -10.12
C LYS A 21 -13.34 6.07 -10.99
N ARG A 22 -13.19 6.32 -12.29
CA ARG A 22 -14.22 6.03 -13.27
C ARG A 22 -13.63 5.15 -14.36
N TRP A 23 -14.50 4.48 -15.10
CA TRP A 23 -14.08 3.54 -16.14
C TRP A 23 -13.43 4.27 -17.32
N SER A 24 -12.13 4.45 -17.23
CA SER A 24 -11.35 5.05 -18.30
C SER A 24 -9.98 4.38 -18.37
N GLU A 25 -9.81 3.46 -19.31
CA GLU A 25 -8.58 2.70 -19.44
C GLU A 25 -7.39 3.60 -19.74
N ASP A 26 -7.62 4.70 -20.43
CA ASP A 26 -6.55 5.66 -20.71
C ASP A 26 -6.01 6.23 -19.42
N HIS A 27 -6.91 6.59 -18.51
CA HIS A 27 -6.52 7.11 -17.21
C HIS A 27 -5.78 6.03 -16.44
N ARG A 28 -6.30 4.81 -16.53
CA ARG A 28 -5.67 3.66 -15.89
C ARG A 28 -4.23 3.48 -16.37
N SER A 29 -4.04 3.54 -17.67
CA SER A 29 -2.73 3.31 -18.28
C SER A 29 -1.72 4.40 -17.87
N ARG A 30 -2.17 5.63 -17.76
CA ARG A 30 -1.29 6.75 -17.45
C ARG A 30 -0.99 6.84 -15.97
N VAL A 31 -2.02 6.67 -15.14
CA VAL A 31 -1.84 6.66 -13.69
C VAL A 31 -1.02 5.43 -13.27
N LEU A 32 -1.10 4.38 -14.08
CA LEU A 32 -0.32 3.16 -13.84
C LEU A 32 1.18 3.48 -13.81
N ARG A 33 1.60 4.41 -14.66
CA ARG A 33 3.01 4.79 -14.73
C ARG A 33 3.42 5.50 -13.45
N TYR A 34 2.55 6.37 -12.96
CA TYR A 34 2.80 7.08 -11.71
C TYR A 34 2.84 6.08 -10.56
N LEU A 35 1.89 5.15 -10.57
CA LEU A 35 1.81 4.10 -9.57
C LEU A 35 3.11 3.28 -9.55
N GLU A 36 3.54 2.85 -10.72
CA GLU A 36 4.75 2.04 -10.85
C GLU A 36 5.98 2.79 -10.36
N LEU A 37 6.21 3.97 -10.92
CA LEU A 37 7.45 4.71 -10.67
C LEU A 37 7.57 5.20 -9.23
N TYR A 38 6.44 5.40 -8.56
CA TYR A 38 6.46 5.96 -7.22
C TYR A 38 6.20 4.91 -6.14
N ILE A 39 5.33 3.95 -6.43
CA ILE A 39 4.95 2.97 -5.43
C ILE A 39 5.78 1.69 -5.54
N PHE A 40 6.18 1.33 -6.77
CA PHE A 40 6.96 0.12 -7.00
C PHE A 40 8.26 0.43 -7.75
N PRO A 41 9.10 1.37 -7.25
CA PRO A 41 10.27 1.82 -8.01
C PRO A 41 11.36 0.76 -8.12
N HIS A 42 11.81 0.27 -6.97
CA HIS A 42 12.82 -0.78 -6.92
C HIS A 42 12.21 -2.12 -6.54
N ILE A 43 10.92 -2.14 -6.27
CA ILE A 43 10.26 -3.35 -5.79
C ILE A 43 9.27 -3.90 -6.81
N GLY A 44 9.36 -3.40 -8.04
CA GLY A 44 8.42 -3.79 -9.08
C GLY A 44 8.57 -5.24 -9.52
N SER A 45 9.57 -5.93 -8.99
CA SER A 45 9.81 -7.33 -9.34
C SER A 45 8.98 -8.26 -8.46
N SER A 46 8.22 -7.68 -7.53
CA SER A 46 7.43 -8.46 -6.61
C SER A 46 6.11 -8.88 -7.24
N ASP A 47 5.75 -10.14 -7.08
CA ASP A 47 4.46 -10.64 -7.55
C ASP A 47 3.49 -10.69 -6.37
N ILE A 48 2.22 -10.36 -6.63
CA ILE A 48 1.21 -10.25 -5.58
C ILE A 48 1.04 -11.57 -4.79
N ARG A 49 1.46 -12.69 -5.38
CA ARG A 49 1.35 -13.98 -4.71
C ARG A 49 2.28 -14.05 -3.49
N GLN A 50 3.31 -13.22 -3.49
CA GLN A 50 4.27 -13.20 -2.41
C GLN A 50 4.76 -11.79 -2.18
N LEU A 51 3.99 -11.06 -1.40
CA LEU A 51 4.34 -9.69 -1.05
C LEU A 51 5.41 -9.71 0.05
N LYS A 52 6.25 -8.71 0.08
CA LYS A 52 7.38 -8.68 0.99
C LYS A 52 7.06 -7.94 2.28
N THR A 53 7.97 -8.05 3.25
CA THR A 53 7.81 -7.37 4.52
C THR A 53 8.08 -5.86 4.35
N SER A 54 7.99 -5.12 5.45
CA SER A 54 8.05 -3.66 5.42
C SER A 54 9.43 -3.11 5.03
N HIS A 55 10.31 -3.96 4.52
CA HIS A 55 11.63 -3.50 4.11
C HIS A 55 11.54 -2.72 2.80
N LEU A 56 10.51 -3.03 2.02
CA LEU A 56 10.25 -2.36 0.75
C LEU A 56 9.83 -0.89 0.97
N LEU A 57 9.50 -0.55 2.21
CA LEU A 57 9.02 0.78 2.55
C LEU A 57 10.15 1.82 2.52
N ALA A 58 11.39 1.35 2.57
CA ALA A 58 12.56 2.23 2.61
C ALA A 58 12.56 3.30 1.50
N PRO A 59 12.38 2.91 0.21
CA PRO A 59 12.32 3.86 -0.91
C PRO A 59 11.33 5.00 -0.67
N ILE A 60 10.12 4.64 -0.26
CA ILE A 60 9.07 5.62 -0.03
C ILE A 60 9.44 6.56 1.12
N LYS A 61 10.20 6.02 2.07
CA LYS A 61 10.59 6.78 3.26
C LYS A 61 11.56 7.90 2.94
N GLU A 62 12.29 7.75 1.84
CA GLU A 62 13.17 8.81 1.36
C GLU A 62 12.37 10.11 1.15
N VAL A 63 11.23 9.99 0.48
CA VAL A 63 10.37 11.14 0.23
C VAL A 63 9.60 11.50 1.50
N ASP A 64 9.24 10.46 2.25
CA ASP A 64 8.54 10.60 3.52
C ASP A 64 9.26 11.54 4.47
N THR A 65 10.54 11.25 4.70
CA THR A 65 11.35 12.01 5.65
C THR A 65 11.55 13.46 5.20
N SER A 66 11.44 13.69 3.89
CA SER A 66 11.57 15.04 3.35
C SER A 66 10.36 15.90 3.71
N GLY A 67 9.31 15.26 4.22
CA GLY A 67 8.13 15.99 4.65
C GLY A 67 6.87 15.48 3.98
N LYS A 68 7.04 14.63 2.98
CA LYS A 68 5.91 14.10 2.23
C LYS A 68 5.35 12.85 2.89
N HIS A 69 5.62 12.72 4.16
CA HIS A 69 5.09 11.61 4.96
C HIS A 69 3.55 11.62 4.99
N ASP A 70 2.95 12.73 4.59
CA ASP A 70 1.49 12.81 4.53
C ASP A 70 0.94 11.90 3.43
N VAL A 71 1.51 11.99 2.23
CA VAL A 71 1.15 11.10 1.15
C VAL A 71 1.77 9.72 1.36
N ALA A 72 3.00 9.71 1.87
CA ALA A 72 3.75 8.47 2.02
C ALA A 72 3.05 7.48 2.94
N GLN A 73 2.76 7.90 4.17
CA GLN A 73 2.12 7.03 5.15
C GLN A 73 0.79 6.50 4.63
N ARG A 74 -0.01 7.41 4.09
CA ARG A 74 -1.30 7.07 3.50
C ARG A 74 -1.15 6.00 2.42
N LEU A 75 -0.23 6.22 1.50
CA LEU A 75 -0.05 5.32 0.37
C LEU A 75 0.60 4.00 0.77
N GLN A 76 1.52 4.06 1.72
CA GLN A 76 2.27 2.86 2.13
C GLN A 76 1.37 1.89 2.89
N GLN A 77 0.57 2.42 3.81
CA GLN A 77 -0.33 1.59 4.60
C GLN A 77 -1.42 0.98 3.72
N ARG A 78 -1.61 1.56 2.54
CA ARG A 78 -2.65 1.12 1.62
C ARG A 78 -2.39 -0.31 1.12
N VAL A 79 -1.12 -0.71 1.09
CA VAL A 79 -0.75 -2.03 0.59
C VAL A 79 -1.32 -3.12 1.51
N THR A 80 -1.43 -2.82 2.80
CA THR A 80 -1.99 -3.74 3.77
C THR A 80 -3.45 -4.06 3.41
N ALA A 81 -4.13 -3.09 2.80
CA ALA A 81 -5.51 -3.29 2.38
C ALA A 81 -5.57 -4.15 1.13
N ILE A 82 -4.57 -3.98 0.26
CA ILE A 82 -4.47 -4.77 -0.97
C ILE A 82 -4.29 -6.25 -0.61
N MET A 83 -3.59 -6.50 0.48
CA MET A 83 -3.33 -7.86 0.94
C MET A 83 -4.63 -8.59 1.26
N ARG A 84 -5.62 -7.86 1.74
CA ARG A 84 -6.91 -8.45 2.09
C ARG A 84 -7.64 -8.94 0.84
N TYR A 85 -7.43 -8.25 -0.26
CA TYR A 85 -8.02 -8.67 -1.54
C TYR A 85 -7.29 -9.90 -2.08
N ALA A 86 -6.02 -10.03 -1.74
CA ALA A 86 -5.28 -11.23 -2.06
C ALA A 86 -5.76 -12.39 -1.20
N VAL A 87 -6.06 -12.11 0.07
CA VAL A 87 -6.62 -13.11 0.97
C VAL A 87 -8.03 -13.50 0.51
N GLN A 88 -8.76 -12.51 -0.01
CA GLN A 88 -10.11 -12.72 -0.53
C GLN A 88 -10.09 -13.84 -1.58
N ASN A 89 -9.07 -13.84 -2.42
CA ASN A 89 -8.94 -14.84 -3.47
C ASN A 89 -8.06 -16.00 -3.03
N ASP A 90 -7.66 -15.97 -1.75
CA ASP A 90 -6.79 -16.99 -1.17
C ASP A 90 -5.53 -17.16 -2.01
N TYR A 91 -5.01 -16.04 -2.50
CA TYR A 91 -3.88 -16.04 -3.42
C TYR A 91 -2.57 -16.04 -2.66
N ILE A 92 -2.61 -15.62 -1.39
CA ILE A 92 -1.42 -15.58 -0.56
C ILE A 92 -1.55 -16.53 0.62
N ASP A 93 -0.43 -16.99 1.14
CA ASP A 93 -0.43 -17.93 2.26
C ASP A 93 -0.02 -17.21 3.54
N SER A 94 0.81 -16.20 3.39
CA SER A 94 1.26 -15.40 4.53
C SER A 94 0.66 -14.01 4.47
N ASN A 95 0.67 -13.31 5.59
CA ASN A 95 0.11 -11.96 5.64
C ASN A 95 1.17 -10.94 5.99
N PRO A 96 1.90 -10.43 4.98
CA PRO A 96 2.92 -9.42 5.19
C PRO A 96 2.33 -8.01 5.24
N ALA A 97 3.21 -7.01 5.32
CA ALA A 97 2.80 -5.61 5.35
C ALA A 97 1.91 -5.31 6.55
N SER A 98 2.01 -6.14 7.58
CA SER A 98 1.17 -6.01 8.76
C SER A 98 1.83 -5.09 9.79
N ASP A 99 3.13 -4.88 9.64
CA ASP A 99 3.87 -4.03 10.56
C ASP A 99 4.60 -2.93 9.80
N MET A 100 3.84 -2.00 9.23
CA MET A 100 4.41 -0.87 8.51
C MET A 100 4.11 0.43 9.24
N ALA A 101 3.67 0.30 10.49
CA ALA A 101 3.37 1.44 11.32
C ALA A 101 3.76 1.17 12.76
N GLY A 102 4.74 1.90 13.26
CA GLY A 102 5.20 1.73 14.63
C GLY A 102 5.76 3.00 15.21
N ALA A 103 6.59 3.69 14.44
CA ALA A 103 7.20 4.93 14.90
C ALA A 103 7.09 6.02 13.83
N LEU A 104 6.29 7.02 14.13
CA LEU A 104 6.12 8.15 13.23
C LEU A 104 6.23 9.44 14.04
N SER A 105 5.22 9.72 14.85
CA SER A 105 5.24 10.85 15.75
C SER A 105 4.66 10.44 17.11
N THR A 106 3.35 10.35 17.17
CA THR A 106 2.67 9.95 18.39
C THR A 106 1.45 9.10 18.08
N THR A 107 1.44 7.90 18.61
CA THR A 107 0.33 6.98 18.48
C THR A 107 0.42 5.93 19.58
N LYS A 108 -0.71 5.41 20.00
CA LYS A 108 -0.74 4.40 21.03
C LYS A 108 -1.75 3.33 20.66
N ALA A 109 -1.26 2.11 20.55
CA ALA A 109 -2.08 0.96 20.17
C ALA A 109 -1.23 -0.29 20.26
N ARG A 110 -0.28 -0.28 21.19
CA ARG A 110 0.71 -1.34 21.30
C ARG A 110 0.06 -2.69 21.60
N HIS A 111 0.70 -3.73 21.11
CA HIS A 111 0.19 -5.08 21.27
C HIS A 111 0.70 -5.71 22.56
N TYR A 112 -0.10 -5.58 23.61
CA TYR A 112 0.21 -6.22 24.88
C TYR A 112 -0.77 -7.35 25.15
N PRO A 113 -0.33 -8.60 24.91
CA PRO A 113 -1.16 -9.77 25.14
C PRO A 113 -1.11 -10.25 26.58
N LEU A 114 -2.03 -11.13 26.93
CA LEU A 114 -2.08 -11.71 28.26
C LEU A 114 -3.04 -12.91 28.25
N GLU A 115 -2.71 -13.88 27.39
CA GLU A 115 -3.47 -15.11 27.24
C GLU A 115 -4.96 -14.84 26.96
N HIS A 116 -5.80 -14.99 27.98
CA HIS A 116 -7.24 -14.79 27.80
C HIS A 116 -7.56 -13.30 27.85
N HIS A 117 -7.11 -12.58 26.84
CA HIS A 117 -7.39 -11.16 26.70
C HIS A 117 -7.42 -10.79 25.22
N HIS A 118 -8.58 -10.88 24.62
CA HIS A 118 -8.75 -10.54 23.21
C HIS A 118 -9.91 -9.57 23.07
N HIS A 119 -9.59 -8.32 22.75
CA HIS A 119 -10.62 -7.31 22.58
C HIS A 119 -10.87 -7.02 21.11
N HIS A 120 -12.07 -7.37 20.66
CA HIS A 120 -12.51 -7.03 19.32
C HIS A 120 -13.15 -5.65 19.33
N HIS A 121 -12.94 -4.89 18.28
CA HIS A 121 -13.52 -3.56 18.17
C HIS A 121 -14.08 -3.34 16.77
N MET A 1 -14.84 -3.77 -20.03
CA MET A 1 -13.80 -2.72 -20.02
C MET A 1 -12.42 -3.33 -20.25
N GLU A 2 -12.07 -3.49 -21.51
CA GLU A 2 -10.78 -4.04 -21.93
C GLU A 2 -10.45 -5.35 -21.21
N ASN A 3 -9.60 -5.27 -20.20
CA ASN A 3 -9.09 -6.44 -19.50
C ASN A 3 -8.22 -5.99 -18.33
N SER A 4 -8.70 -6.24 -17.13
CA SER A 4 -8.01 -5.80 -15.93
C SER A 4 -6.69 -6.56 -15.75
N GLY A 5 -6.73 -7.87 -15.99
CA GLY A 5 -5.54 -8.69 -15.88
C GLY A 5 -5.87 -10.10 -15.45
N ALA A 6 -4.85 -10.84 -15.03
CA ALA A 6 -5.06 -12.20 -14.51
C ALA A 6 -5.19 -12.17 -13.00
N TYR A 7 -4.05 -12.14 -12.33
CA TYR A 7 -4.02 -11.95 -10.88
C TYR A 7 -2.91 -10.97 -10.54
N THR A 8 -2.59 -10.16 -11.54
CA THR A 8 -1.58 -9.12 -11.44
C THR A 8 -1.96 -8.08 -10.40
N PHE A 9 -0.97 -7.31 -9.95
CA PHE A 9 -1.15 -6.29 -8.92
C PHE A 9 -2.35 -5.38 -9.22
N GLU A 10 -2.43 -4.86 -10.44
CA GLU A 10 -3.46 -3.88 -10.78
C GLU A 10 -4.85 -4.50 -10.81
N THR A 11 -4.97 -5.74 -11.29
CA THR A 11 -6.29 -6.36 -11.44
C THR A 11 -6.90 -6.68 -10.07
N ILE A 12 -6.05 -6.99 -9.08
CA ILE A 12 -6.54 -7.19 -7.72
C ILE A 12 -6.83 -5.84 -7.09
N ALA A 13 -5.99 -4.86 -7.39
CA ALA A 13 -6.22 -3.48 -6.94
C ALA A 13 -7.49 -2.94 -7.56
N ARG A 14 -7.82 -3.43 -8.76
CA ARG A 14 -9.00 -3.02 -9.50
C ARG A 14 -10.27 -3.15 -8.66
N GLU A 15 -10.29 -4.13 -7.78
CA GLU A 15 -11.46 -4.42 -6.97
C GLU A 15 -11.87 -3.19 -6.16
N TRP A 16 -10.94 -2.66 -5.39
CA TRP A 16 -11.19 -1.42 -4.65
C TRP A 16 -11.01 -0.19 -5.57
N HIS A 17 -10.09 -0.30 -6.54
CA HIS A 17 -9.80 0.79 -7.49
C HIS A 17 -11.05 1.34 -8.17
N GLU A 18 -12.08 0.50 -8.31
CA GLU A 18 -13.32 0.92 -8.96
C GLU A 18 -14.04 2.00 -8.14
N SER A 19 -13.72 2.09 -6.85
CA SER A 19 -14.33 3.08 -5.98
C SER A 19 -13.67 4.44 -6.19
N ASN A 20 -12.46 4.42 -6.75
CA ASN A 20 -11.73 5.64 -7.04
C ASN A 20 -12.27 6.27 -8.32
N LYS A 21 -11.74 7.42 -8.69
CA LYS A 21 -12.16 8.09 -9.90
C LYS A 21 -11.62 7.37 -11.14
N ARG A 22 -12.48 6.57 -11.74
CA ARG A 22 -12.13 5.79 -12.91
C ARG A 22 -13.28 5.86 -13.91
N TRP A 23 -13.15 6.74 -14.88
CA TRP A 23 -14.15 6.93 -15.90
C TRP A 23 -13.70 6.34 -17.24
N SER A 24 -12.49 5.81 -17.26
CA SER A 24 -11.91 5.26 -18.47
C SER A 24 -10.73 4.36 -18.12
N GLU A 25 -10.62 3.25 -18.83
CA GLU A 25 -9.50 2.32 -18.65
C GLU A 25 -8.20 2.95 -19.14
N ASP A 26 -8.32 3.86 -20.10
CA ASP A 26 -7.16 4.55 -20.67
C ASP A 26 -6.42 5.33 -19.59
N HIS A 27 -7.17 5.87 -18.64
CA HIS A 27 -6.61 6.71 -17.59
C HIS A 27 -5.65 5.92 -16.70
N ARG A 28 -5.86 4.61 -16.58
CA ARG A 28 -5.01 3.79 -15.71
C ARG A 28 -3.65 3.62 -16.34
N SER A 29 -3.57 3.73 -17.66
CA SER A 29 -2.30 3.62 -18.36
C SER A 29 -1.43 4.85 -18.12
N ARG A 30 -2.09 5.99 -17.98
CA ARG A 30 -1.40 7.26 -17.74
C ARG A 30 -0.89 7.34 -16.31
N VAL A 31 -1.68 6.84 -15.39
CA VAL A 31 -1.30 6.83 -13.98
C VAL A 31 -0.42 5.62 -13.65
N LEU A 32 -0.40 4.64 -14.56
CA LEU A 32 0.40 3.43 -14.38
C LEU A 32 1.85 3.79 -14.07
N ARG A 33 2.43 4.64 -14.91
CA ARG A 33 3.81 5.05 -14.72
C ARG A 33 3.98 5.82 -13.41
N TYR A 34 2.92 6.50 -12.99
CA TYR A 34 2.95 7.26 -11.76
C TYR A 34 2.99 6.33 -10.54
N LEU A 35 2.12 5.33 -10.53
CA LEU A 35 2.04 4.41 -9.39
C LEU A 35 3.27 3.50 -9.35
N GLU A 36 3.84 3.22 -10.51
CA GLU A 36 5.04 2.40 -10.59
C GLU A 36 6.28 3.16 -10.14
N LEU A 37 6.28 4.48 -10.33
CA LEU A 37 7.46 5.27 -10.02
C LEU A 37 7.37 5.96 -8.67
N TYR A 38 6.15 6.23 -8.20
CA TYR A 38 5.97 6.99 -6.97
C TYR A 38 5.46 6.12 -5.83
N ILE A 39 4.62 5.15 -6.13
CA ILE A 39 4.02 4.31 -5.09
C ILE A 39 4.95 3.14 -4.76
N PHE A 40 5.29 2.35 -5.77
CA PHE A 40 6.22 1.24 -5.58
C PHE A 40 7.30 1.25 -6.65
N PRO A 41 8.28 2.16 -6.54
CA PRO A 41 9.30 2.36 -7.58
C PRO A 41 10.38 1.28 -7.60
N HIS A 42 11.06 1.08 -6.48
CA HIS A 42 12.17 0.14 -6.44
C HIS A 42 11.66 -1.26 -6.10
N ILE A 43 10.44 -1.33 -5.60
CA ILE A 43 9.82 -2.61 -5.27
C ILE A 43 8.80 -2.98 -6.34
N GLY A 44 8.80 -2.22 -7.43
CA GLY A 44 7.87 -2.48 -8.53
C GLY A 44 8.29 -3.69 -9.35
N SER A 45 9.37 -4.33 -8.93
CA SER A 45 9.82 -5.55 -9.55
C SER A 45 9.15 -6.75 -8.90
N SER A 46 8.48 -6.49 -7.78
CA SER A 46 7.77 -7.52 -7.05
C SER A 46 6.26 -7.36 -7.22
N ASP A 47 5.65 -8.31 -7.91
CA ASP A 47 4.20 -8.28 -8.13
C ASP A 47 3.48 -8.78 -6.88
N ILE A 48 2.18 -8.48 -6.78
CA ILE A 48 1.37 -8.83 -5.62
C ILE A 48 1.39 -10.34 -5.36
N ARG A 49 1.68 -11.11 -6.43
CA ARG A 49 1.78 -12.57 -6.32
C ARG A 49 2.80 -12.97 -5.24
N GLN A 50 3.76 -12.11 -4.98
CA GLN A 50 4.75 -12.35 -3.96
C GLN A 50 5.22 -11.03 -3.34
N LEU A 51 4.48 -10.56 -2.36
CA LEU A 51 4.87 -9.36 -1.63
C LEU A 51 5.69 -9.75 -0.40
N LYS A 52 6.42 -8.79 0.14
CA LYS A 52 7.26 -9.02 1.30
C LYS A 52 6.80 -8.17 2.47
N THR A 53 7.44 -8.34 3.63
CA THR A 53 7.09 -7.62 4.83
C THR A 53 7.45 -6.13 4.73
N SER A 54 7.47 -5.43 5.86
CA SER A 54 7.71 -3.99 5.92
C SER A 54 9.13 -3.60 5.48
N HIS A 55 9.87 -4.54 4.90
CA HIS A 55 11.19 -4.25 4.37
C HIS A 55 11.06 -3.31 3.19
N LEU A 56 9.92 -3.38 2.52
CA LEU A 56 9.61 -2.54 1.37
C LEU A 56 9.32 -1.11 1.79
N LEU A 57 9.06 -0.91 3.08
CA LEU A 57 8.76 0.41 3.60
C LEU A 57 10.02 1.28 3.64
N ALA A 58 11.18 0.64 3.65
CA ALA A 58 12.46 1.34 3.69
C ALA A 58 12.63 2.30 2.50
N PRO A 59 12.43 1.82 1.24
CA PRO A 59 12.45 2.70 0.06
C PRO A 59 11.43 3.83 0.15
N ILE A 60 10.32 3.58 0.83
CA ILE A 60 9.29 4.59 1.00
C ILE A 60 9.80 5.69 1.91
N LYS A 61 10.71 5.34 2.82
CA LYS A 61 11.25 6.29 3.78
C LYS A 61 12.11 7.33 3.08
N GLU A 62 12.65 6.93 1.94
CA GLU A 62 13.47 7.82 1.13
C GLU A 62 12.66 9.07 0.75
N VAL A 63 11.46 8.85 0.22
CA VAL A 63 10.57 9.96 -0.12
C VAL A 63 9.88 10.51 1.15
N ASP A 64 9.61 9.61 2.10
CA ASP A 64 8.94 9.94 3.36
C ASP A 64 9.72 10.99 4.14
N THR A 65 10.97 10.68 4.45
CA THR A 65 11.77 11.53 5.32
C THR A 65 12.18 12.82 4.62
N SER A 66 11.98 12.87 3.31
CA SER A 66 12.25 14.07 2.53
C SER A 66 11.20 15.14 2.80
N GLY A 67 10.08 14.74 3.39
CA GLY A 67 9.01 15.67 3.69
C GLY A 67 7.68 15.23 3.12
N LYS A 68 7.69 14.12 2.41
CA LYS A 68 6.48 13.56 1.85
C LYS A 68 5.89 12.51 2.78
N HIS A 69 6.32 12.57 4.04
CA HIS A 69 6.02 11.53 5.02
C HIS A 69 4.52 11.26 5.15
N ASP A 70 3.71 12.32 5.16
CA ASP A 70 2.28 12.19 5.39
C ASP A 70 1.59 11.62 4.18
N VAL A 71 2.03 12.06 3.01
CA VAL A 71 1.47 11.59 1.75
C VAL A 71 1.91 10.16 1.47
N ALA A 72 3.22 9.92 1.59
CA ALA A 72 3.80 8.61 1.29
C ALA A 72 3.20 7.53 2.18
N GLN A 73 3.08 7.82 3.47
CA GLN A 73 2.55 6.86 4.43
C GLN A 73 1.13 6.45 4.05
N ARG A 74 0.33 7.43 3.73
CA ARG A 74 -1.06 7.19 3.34
C ARG A 74 -1.12 6.36 2.06
N LEU A 75 -0.20 6.64 1.13
CA LEU A 75 -0.17 5.92 -0.14
C LEU A 75 0.35 4.50 0.03
N GLN A 76 1.44 4.34 0.76
CA GLN A 76 2.06 3.03 0.96
C GLN A 76 1.10 2.08 1.66
N GLN A 77 0.34 2.61 2.60
CA GLN A 77 -0.63 1.82 3.36
C GLN A 77 -1.70 1.22 2.45
N ARG A 78 -1.86 1.78 1.26
CA ARG A 78 -2.86 1.30 0.32
C ARG A 78 -2.55 -0.12 -0.12
N VAL A 79 -1.27 -0.48 -0.22
CA VAL A 79 -0.87 -1.82 -0.64
C VAL A 79 -1.31 -2.86 0.40
N THR A 80 -1.30 -2.44 1.66
CA THR A 80 -1.74 -3.30 2.76
C THR A 80 -3.21 -3.71 2.57
N ALA A 81 -4.02 -2.75 2.12
CA ALA A 81 -5.42 -3.00 1.87
C ALA A 81 -5.60 -3.93 0.67
N ILE A 82 -4.76 -3.75 -0.34
CA ILE A 82 -4.78 -4.60 -1.53
C ILE A 82 -4.52 -6.05 -1.13
N MET A 83 -3.52 -6.24 -0.28
CA MET A 83 -3.17 -7.58 0.19
C MET A 83 -4.29 -8.20 1.01
N ARG A 84 -5.07 -7.34 1.66
CA ARG A 84 -6.19 -7.80 2.48
C ARG A 84 -7.27 -8.41 1.58
N TYR A 85 -7.49 -7.81 0.43
CA TYR A 85 -8.47 -8.32 -0.53
C TYR A 85 -7.93 -9.57 -1.21
N ALA A 86 -6.67 -9.54 -1.58
CA ALA A 86 -6.03 -10.67 -2.24
C ALA A 86 -5.96 -11.88 -1.33
N VAL A 87 -5.65 -11.65 -0.04
CA VAL A 87 -5.54 -12.73 0.93
C VAL A 87 -6.90 -13.34 1.19
N GLN A 88 -7.94 -12.53 1.03
CA GLN A 88 -9.28 -12.96 1.34
C GLN A 88 -9.68 -14.11 0.42
N ASN A 89 -9.17 -14.07 -0.81
CA ASN A 89 -9.46 -15.11 -1.78
C ASN A 89 -8.44 -16.24 -1.67
N ASP A 90 -7.51 -16.10 -0.73
CA ASP A 90 -6.42 -17.07 -0.55
C ASP A 90 -5.65 -17.20 -1.86
N TYR A 91 -5.46 -16.07 -2.51
CA TYR A 91 -4.97 -16.05 -3.89
C TYR A 91 -3.48 -15.72 -3.95
N ILE A 92 -2.92 -15.15 -2.89
CA ILE A 92 -1.56 -14.62 -2.97
C ILE A 92 -0.52 -15.52 -2.31
N ASP A 93 -0.30 -15.31 -1.01
CA ASP A 93 0.80 -15.94 -0.30
C ASP A 93 0.74 -15.57 1.17
N SER A 94 -0.46 -15.68 1.73
CA SER A 94 -0.70 -15.36 3.15
C SER A 94 -0.63 -13.85 3.37
N ASN A 95 -0.39 -13.43 4.62
CA ASN A 95 -0.42 -12.02 4.97
C ASN A 95 0.97 -11.48 5.31
N PRO A 96 1.73 -11.01 4.29
CA PRO A 96 3.06 -10.45 4.50
C PRO A 96 3.03 -9.04 5.08
N ALA A 97 1.87 -8.39 4.96
CA ALA A 97 1.70 -7.04 5.44
C ALA A 97 1.15 -7.03 6.86
N SER A 98 2.03 -7.19 7.83
CA SER A 98 1.65 -7.15 9.24
C SER A 98 2.62 -6.27 10.02
N ASP A 99 2.09 -5.48 10.94
CA ASP A 99 2.88 -4.53 11.73
C ASP A 99 3.45 -3.45 10.81
N MET A 100 2.89 -3.37 9.62
CA MET A 100 3.37 -2.48 8.58
C MET A 100 3.07 -1.03 8.94
N ALA A 101 1.94 -0.81 9.60
CA ALA A 101 1.53 0.54 10.01
C ALA A 101 1.95 0.80 11.46
N GLY A 102 2.86 -0.01 11.98
CA GLY A 102 3.34 0.17 13.34
C GLY A 102 4.44 1.20 13.41
N ALA A 103 4.09 2.46 13.14
CA ALA A 103 5.05 3.54 13.12
C ALA A 103 4.46 4.79 13.76
N LEU A 104 4.94 5.94 13.31
CA LEU A 104 4.55 7.24 13.87
C LEU A 104 3.11 7.64 13.49
N SER A 105 2.35 6.70 12.96
CA SER A 105 0.99 6.98 12.51
C SER A 105 0.09 7.35 13.68
N THR A 106 0.35 6.78 14.84
CA THR A 106 -0.43 7.08 16.02
C THR A 106 0.48 7.34 17.22
N THR A 107 0.52 8.58 17.66
CA THR A 107 1.30 8.96 18.82
C THR A 107 0.37 9.48 19.92
N LYS A 108 0.52 8.95 21.12
CA LYS A 108 -0.37 9.29 22.21
C LYS A 108 0.27 9.01 23.56
N ALA A 109 -0.35 9.54 24.59
CA ALA A 109 0.03 9.28 25.97
C ALA A 109 -1.07 9.83 26.87
N ARG A 110 -1.13 11.16 26.92
CA ARG A 110 -2.16 11.90 27.64
C ARG A 110 -2.26 11.59 29.13
N HIS A 111 -2.13 12.66 29.91
CA HIS A 111 -2.20 12.59 31.36
C HIS A 111 -2.80 13.88 31.87
N TYR A 112 -3.42 14.61 30.96
CA TYR A 112 -3.96 15.93 31.24
C TYR A 112 -5.48 15.87 31.27
N PRO A 113 -6.12 16.71 32.09
CA PRO A 113 -7.57 16.81 32.12
C PRO A 113 -8.11 17.40 30.83
N LEU A 114 -9.26 16.94 30.42
CA LEU A 114 -9.88 17.39 29.17
C LEU A 114 -10.23 18.87 29.29
N GLU A 115 -10.83 19.21 30.42
CA GLU A 115 -11.12 20.59 30.80
C GLU A 115 -11.88 21.38 29.72
N HIS A 116 -13.19 21.46 29.87
CA HIS A 116 -14.01 22.27 29.00
C HIS A 116 -14.68 23.37 29.82
N HIS A 117 -14.74 24.58 29.25
CA HIS A 117 -15.27 25.76 29.93
C HIS A 117 -14.31 26.30 30.98
N HIS A 118 -13.71 25.41 31.75
CA HIS A 118 -12.72 25.79 32.75
C HIS A 118 -11.44 26.25 32.05
N HIS A 119 -10.85 27.33 32.55
CA HIS A 119 -9.66 27.90 31.91
C HIS A 119 -8.60 28.22 32.95
N HIS A 120 -7.34 28.17 32.54
CA HIS A 120 -6.23 28.55 33.40
C HIS A 120 -5.60 29.84 32.88
N HIS A 121 -4.60 30.34 33.61
CA HIS A 121 -3.91 31.58 33.26
C HIS A 121 -4.88 32.75 33.24
N MET A 1 4.03 -16.75 -5.51
CA MET A 1 5.43 -16.56 -5.09
C MET A 1 6.33 -16.71 -6.31
N GLU A 2 5.95 -17.65 -7.17
CA GLU A 2 6.61 -17.82 -8.46
C GLU A 2 6.34 -16.61 -9.34
N ASN A 3 7.38 -16.13 -10.01
CA ASN A 3 7.29 -14.92 -10.81
C ASN A 3 6.42 -15.15 -12.05
N SER A 4 5.21 -14.64 -12.01
CA SER A 4 4.29 -14.73 -13.13
C SER A 4 3.12 -13.79 -12.90
N GLY A 5 2.44 -13.98 -11.77
CA GLY A 5 1.30 -13.14 -11.45
C GLY A 5 0.17 -13.95 -10.86
N ALA A 6 -0.92 -14.07 -11.63
CA ALA A 6 -2.15 -14.73 -11.20
C ALA A 6 -2.86 -13.89 -10.14
N TYR A 7 -3.84 -13.11 -10.60
CA TYR A 7 -4.55 -12.15 -9.76
C TYR A 7 -3.59 -11.02 -9.38
N THR A 8 -3.31 -10.18 -10.36
CA THR A 8 -2.28 -9.15 -10.27
C THR A 8 -2.58 -8.13 -9.16
N PHE A 9 -1.51 -7.70 -8.49
CA PHE A 9 -1.58 -6.69 -7.43
C PHE A 9 -2.37 -5.46 -7.87
N GLU A 10 -2.09 -4.98 -9.07
CA GLU A 10 -2.75 -3.81 -9.61
C GLU A 10 -4.25 -4.07 -9.78
N THR A 11 -4.60 -5.31 -10.11
CA THR A 11 -6.00 -5.69 -10.27
C THR A 11 -6.73 -5.67 -8.93
N ILE A 12 -6.04 -6.13 -7.89
CA ILE A 12 -6.60 -6.12 -6.54
C ILE A 12 -6.84 -4.68 -6.09
N ALA A 13 -5.89 -3.81 -6.41
CA ALA A 13 -6.01 -2.39 -6.12
C ALA A 13 -7.15 -1.78 -6.93
N ARG A 14 -7.30 -2.23 -8.16
CA ARG A 14 -8.36 -1.73 -9.04
C ARG A 14 -9.73 -2.07 -8.49
N GLU A 15 -9.86 -3.24 -7.89
CA GLU A 15 -11.14 -3.72 -7.38
C GLU A 15 -11.78 -2.72 -6.44
N TRP A 16 -11.07 -2.31 -5.40
CA TRP A 16 -11.62 -1.31 -4.48
C TRP A 16 -11.49 0.10 -5.06
N HIS A 17 -10.53 0.30 -5.96
CA HIS A 17 -10.39 1.56 -6.68
C HIS A 17 -11.64 1.87 -7.51
N GLU A 18 -12.31 0.84 -8.00
CA GLU A 18 -13.51 1.02 -8.80
C GLU A 18 -14.69 1.47 -7.94
N SER A 19 -14.47 1.55 -6.63
CA SER A 19 -15.45 2.11 -5.74
C SER A 19 -15.23 3.62 -5.61
N ASN A 20 -14.24 4.11 -6.34
CA ASN A 20 -13.91 5.54 -6.37
C ASN A 20 -14.35 6.12 -7.71
N LYS A 21 -14.04 7.38 -7.96
CA LYS A 21 -14.52 8.07 -9.15
C LYS A 21 -13.37 8.43 -10.09
N ARG A 22 -12.17 8.60 -9.54
CA ARG A 22 -11.05 9.10 -10.32
C ARG A 22 -10.24 7.96 -10.93
N TRP A 23 -9.27 8.35 -11.76
CA TRP A 23 -8.40 7.43 -12.48
C TRP A 23 -9.16 6.33 -13.22
N SER A 24 -9.67 6.70 -14.39
CA SER A 24 -10.30 5.73 -15.29
C SER A 24 -9.20 4.88 -15.95
N GLU A 25 -9.60 3.88 -16.73
CA GLU A 25 -8.63 2.96 -17.34
C GLU A 25 -7.65 3.70 -18.25
N ASP A 26 -8.16 4.65 -19.03
CA ASP A 26 -7.32 5.48 -19.89
C ASP A 26 -6.20 6.12 -19.08
N HIS A 27 -6.57 6.68 -17.94
CA HIS A 27 -5.63 7.37 -17.07
C HIS A 27 -4.74 6.38 -16.36
N ARG A 28 -5.27 5.19 -16.10
CA ARG A 28 -4.53 4.13 -15.42
C ARG A 28 -3.34 3.69 -16.27
N SER A 29 -3.56 3.59 -17.57
CA SER A 29 -2.51 3.19 -18.50
C SER A 29 -1.41 4.25 -18.59
N ARG A 30 -1.80 5.52 -18.51
CA ARG A 30 -0.85 6.62 -18.62
C ARG A 30 -0.10 6.81 -17.31
N VAL A 31 -0.83 6.74 -16.20
CA VAL A 31 -0.28 6.97 -14.87
C VAL A 31 0.79 5.92 -14.54
N LEU A 32 0.85 4.85 -15.33
CA LEU A 32 1.83 3.79 -15.16
C LEU A 32 3.26 4.37 -15.09
N ARG A 33 3.48 5.47 -15.80
CA ARG A 33 4.79 6.13 -15.77
C ARG A 33 5.04 6.72 -14.38
N TYR A 34 4.08 7.50 -13.89
CA TYR A 34 4.15 8.07 -12.55
C TYR A 34 4.22 6.96 -11.51
N LEU A 35 3.53 5.86 -11.80
CA LEU A 35 3.54 4.66 -10.98
C LEU A 35 4.97 4.23 -10.72
N GLU A 36 5.70 3.94 -11.79
CA GLU A 36 7.06 3.39 -11.70
C GLU A 36 7.99 4.25 -10.85
N LEU A 37 7.77 5.56 -10.85
CA LEU A 37 8.67 6.48 -10.17
C LEU A 37 8.25 6.77 -8.72
N TYR A 38 6.97 6.91 -8.48
CA TYR A 38 6.50 7.32 -7.16
C TYR A 38 5.72 6.24 -6.43
N ILE A 39 4.87 5.53 -7.15
CA ILE A 39 3.98 4.57 -6.54
C ILE A 39 4.54 3.17 -6.72
N PHE A 40 5.14 2.67 -5.67
CA PHE A 40 5.89 1.42 -5.67
C PHE A 40 7.15 1.58 -6.52
N PRO A 41 8.03 2.54 -6.19
CA PRO A 41 9.15 2.91 -7.06
C PRO A 41 10.16 1.79 -7.27
N HIS A 42 10.70 1.27 -6.18
CA HIS A 42 11.73 0.24 -6.27
C HIS A 42 11.15 -1.14 -5.94
N ILE A 43 9.89 -1.16 -5.53
CA ILE A 43 9.25 -2.41 -5.17
C ILE A 43 8.27 -2.86 -6.24
N GLY A 44 8.00 -1.98 -7.20
CA GLY A 44 7.07 -2.29 -8.27
C GLY A 44 7.70 -3.13 -9.35
N SER A 45 8.62 -4.00 -8.96
CA SER A 45 9.26 -4.93 -9.87
C SER A 45 8.74 -6.34 -9.63
N SER A 46 8.01 -6.50 -8.54
CA SER A 46 7.47 -7.79 -8.17
C SER A 46 5.98 -7.67 -7.84
N ASP A 47 5.21 -8.66 -8.26
CA ASP A 47 3.76 -8.67 -8.03
C ASP A 47 3.43 -9.11 -6.60
N ILE A 48 2.20 -8.84 -6.16
CA ILE A 48 1.79 -9.05 -4.78
C ILE A 48 1.97 -10.50 -4.30
N ARG A 49 1.78 -11.44 -5.20
CA ARG A 49 1.79 -12.86 -4.84
C ARG A 49 3.17 -13.31 -4.35
N GLN A 50 4.16 -12.46 -4.54
CA GLN A 50 5.53 -12.75 -4.12
C GLN A 50 6.17 -11.52 -3.49
N LEU A 51 5.33 -10.57 -3.09
CA LEU A 51 5.79 -9.41 -2.33
C LEU A 51 6.47 -9.81 -1.03
N LYS A 52 7.23 -8.89 -0.48
CA LYS A 52 8.04 -9.17 0.71
C LYS A 52 7.48 -8.47 1.94
N THR A 53 8.10 -8.71 3.08
CA THR A 53 7.70 -8.10 4.34
C THR A 53 8.08 -6.63 4.40
N SER A 54 8.11 -6.09 5.62
CA SER A 54 8.26 -4.65 5.88
C SER A 54 9.58 -4.06 5.36
N HIS A 55 10.37 -4.86 4.65
CA HIS A 55 11.57 -4.36 3.98
C HIS A 55 11.17 -3.37 2.89
N LEU A 56 9.98 -3.57 2.36
CA LEU A 56 9.45 -2.71 1.30
C LEU A 56 9.20 -1.29 1.80
N LEU A 57 9.22 -1.11 3.11
CA LEU A 57 9.00 0.20 3.72
C LEU A 57 10.17 1.15 3.45
N ALA A 58 11.32 0.59 3.09
CA ALA A 58 12.52 1.39 2.86
C ALA A 58 12.32 2.47 1.78
N PRO A 59 11.88 2.10 0.55
CA PRO A 59 11.63 3.09 -0.51
C PRO A 59 10.44 4.01 -0.20
N ILE A 60 9.59 3.59 0.71
CA ILE A 60 8.52 4.44 1.19
C ILE A 60 9.09 5.43 2.19
N LYS A 61 10.17 5.03 2.86
CA LYS A 61 10.80 5.90 3.84
C LYS A 61 11.52 7.05 3.14
N GLU A 62 12.16 6.76 2.02
CA GLU A 62 12.88 7.77 1.28
C GLU A 62 11.92 8.80 0.68
N VAL A 63 10.74 8.35 0.25
CA VAL A 63 9.73 9.27 -0.27
C VAL A 63 9.04 10.02 0.88
N ASP A 64 8.96 9.36 2.03
CA ASP A 64 8.50 9.99 3.26
C ASP A 64 9.42 11.14 3.64
N THR A 65 10.72 10.90 3.57
CA THR A 65 11.71 11.91 3.90
C THR A 65 11.91 12.88 2.74
N SER A 66 11.40 12.52 1.58
CA SER A 66 11.49 13.37 0.39
C SER A 66 10.55 14.57 0.53
N GLY A 67 9.54 14.43 1.38
CA GLY A 67 8.61 15.52 1.59
C GLY A 67 7.17 15.08 1.46
N LYS A 68 6.95 14.09 0.62
CA LYS A 68 5.61 13.58 0.36
C LYS A 68 5.29 12.42 1.30
N HIS A 69 5.49 12.66 2.59
CA HIS A 69 5.28 11.63 3.61
C HIS A 69 3.79 11.30 3.75
N ASP A 70 2.95 12.22 3.29
CA ASP A 70 1.49 12.00 3.32
C ASP A 70 1.12 10.91 2.32
N VAL A 71 1.73 10.97 1.15
CA VAL A 71 1.53 9.97 0.11
C VAL A 71 2.05 8.62 0.58
N ALA A 72 3.24 8.63 1.16
CA ALA A 72 3.86 7.43 1.69
C ALA A 72 2.95 6.75 2.71
N GLN A 73 2.45 7.54 3.65
CA GLN A 73 1.55 7.03 4.69
C GLN A 73 0.33 6.36 4.06
N ARG A 74 -0.25 7.06 3.09
CA ARG A 74 -1.39 6.53 2.33
C ARG A 74 -1.04 5.22 1.64
N LEU A 75 0.16 5.13 1.08
CA LEU A 75 0.59 3.92 0.38
C LEU A 75 0.57 2.70 1.29
N GLN A 76 1.01 2.90 2.54
CA GLN A 76 1.00 1.81 3.52
C GLN A 76 -0.41 1.34 3.75
N GLN A 77 -1.29 2.30 3.95
CA GLN A 77 -2.71 2.02 4.18
C GLN A 77 -3.34 1.35 2.95
N ARG A 78 -2.99 1.85 1.77
CA ARG A 78 -3.49 1.28 0.51
C ARG A 78 -3.13 -0.20 0.41
N VAL A 79 -1.85 -0.52 0.57
CA VAL A 79 -1.40 -1.89 0.43
C VAL A 79 -1.97 -2.79 1.52
N THR A 80 -2.18 -2.22 2.72
CA THR A 80 -2.77 -2.97 3.82
C THR A 80 -4.15 -3.49 3.44
N ALA A 81 -4.96 -2.64 2.81
CA ALA A 81 -6.28 -3.04 2.35
C ALA A 81 -6.17 -4.08 1.25
N ILE A 82 -5.21 -3.86 0.34
CA ILE A 82 -4.98 -4.78 -0.77
C ILE A 82 -4.62 -6.17 -0.25
N MET A 83 -3.81 -6.23 0.80
CA MET A 83 -3.41 -7.50 1.40
C MET A 83 -4.64 -8.32 1.77
N ARG A 84 -5.56 -7.69 2.48
CA ARG A 84 -6.74 -8.38 3.01
C ARG A 84 -7.58 -9.00 1.89
N TYR A 85 -7.80 -8.24 0.82
CA TYR A 85 -8.59 -8.73 -0.30
C TYR A 85 -7.87 -9.86 -1.03
N ALA A 86 -6.54 -9.77 -1.10
CA ALA A 86 -5.73 -10.79 -1.74
C ALA A 86 -5.74 -12.08 -0.94
N VAL A 87 -5.74 -11.94 0.38
CA VAL A 87 -5.80 -13.09 1.28
C VAL A 87 -7.13 -13.80 1.14
N GLN A 88 -8.21 -13.03 1.01
CA GLN A 88 -9.54 -13.59 0.88
C GLN A 88 -9.67 -14.43 -0.39
N ASN A 89 -8.95 -14.03 -1.43
CA ASN A 89 -9.01 -14.74 -2.69
C ASN A 89 -8.06 -15.94 -2.69
N ASP A 90 -7.29 -16.08 -1.62
CA ASP A 90 -6.39 -17.22 -1.44
C ASP A 90 -5.31 -17.32 -2.52
N TYR A 91 -4.96 -16.19 -3.12
CA TYR A 91 -3.97 -16.20 -4.19
C TYR A 91 -2.55 -15.98 -3.67
N ILE A 92 -2.35 -14.93 -2.88
CA ILE A 92 -1.01 -14.61 -2.39
C ILE A 92 -0.50 -15.64 -1.39
N ASP A 93 -1.44 -16.34 -0.74
CA ASP A 93 -1.14 -17.42 0.20
C ASP A 93 -0.53 -16.89 1.51
N SER A 94 0.59 -16.21 1.38
CA SER A 94 1.29 -15.66 2.54
C SER A 94 0.66 -14.34 2.97
N ASN A 95 1.10 -13.83 4.11
CA ASN A 95 0.59 -12.57 4.65
C ASN A 95 1.72 -11.56 4.79
N PRO A 96 2.05 -10.82 3.73
CA PRO A 96 3.04 -9.76 3.80
C PRO A 96 2.46 -8.50 4.43
N ALA A 97 3.28 -7.45 4.52
CA ALA A 97 2.87 -6.18 5.14
C ALA A 97 2.26 -6.42 6.53
N SER A 98 2.65 -7.50 7.18
CA SER A 98 2.10 -7.89 8.47
C SER A 98 2.35 -6.80 9.52
N ASP A 99 3.62 -6.63 9.86
CA ASP A 99 4.02 -5.59 10.79
C ASP A 99 4.80 -4.52 10.03
N MET A 100 4.09 -3.88 9.12
CA MET A 100 4.70 -2.97 8.15
C MET A 100 4.61 -1.52 8.62
N ALA A 101 3.52 -1.19 9.29
CA ALA A 101 3.30 0.17 9.78
C ALA A 101 3.55 0.25 11.27
N GLY A 102 4.67 0.84 11.66
CA GLY A 102 5.00 0.97 13.05
C GLY A 102 6.16 1.91 13.27
N ALA A 103 6.05 2.72 14.33
CA ALA A 103 7.09 3.68 14.71
C ALA A 103 7.36 4.70 13.61
N LEU A 104 6.64 5.82 13.67
CA LEU A 104 6.85 6.90 12.70
C LEU A 104 7.98 7.82 13.15
N SER A 105 8.29 7.77 14.44
CA SER A 105 9.38 8.57 14.99
C SER A 105 10.52 7.67 15.43
N THR A 106 10.28 6.90 16.48
CA THR A 106 11.27 6.04 17.06
C THR A 106 10.62 4.83 17.71
N THR A 107 11.09 3.64 17.37
CA THR A 107 10.56 2.42 17.94
C THR A 107 10.96 2.31 19.41
N LYS A 108 10.07 1.77 20.22
CA LYS A 108 10.32 1.59 21.63
C LYS A 108 10.69 0.16 21.92
N ALA A 109 11.72 -0.01 22.72
CA ALA A 109 12.22 -1.34 23.04
C ALA A 109 12.38 -1.52 24.54
N ARG A 110 13.01 -0.54 25.19
CA ARG A 110 13.33 -0.62 26.61
C ARG A 110 14.18 -1.86 26.89
N HIS A 111 15.49 -1.70 26.73
CA HIS A 111 16.44 -2.78 26.96
C HIS A 111 17.72 -2.23 27.56
N TYR A 112 18.00 -2.60 28.79
CA TYR A 112 19.20 -2.15 29.47
C TYR A 112 20.33 -3.11 29.16
N PRO A 113 21.28 -2.71 28.32
CA PRO A 113 22.33 -3.59 27.83
C PRO A 113 23.52 -3.66 28.77
N LEU A 114 23.60 -4.75 29.49
CA LEU A 114 24.72 -5.02 30.36
C LEU A 114 25.67 -5.97 29.65
N GLU A 115 25.13 -6.70 28.69
CA GLU A 115 25.91 -7.65 27.92
C GLU A 115 26.21 -7.11 26.52
N HIS A 116 27.49 -7.00 26.21
CA HIS A 116 27.93 -6.66 24.87
C HIS A 116 29.12 -7.54 24.50
N HIS A 117 29.20 -7.92 23.24
CA HIS A 117 30.28 -8.78 22.78
C HIS A 117 31.39 -7.92 22.21
N HIS A 118 32.55 -7.96 22.84
CA HIS A 118 33.67 -7.13 22.42
C HIS A 118 34.66 -7.96 21.62
N HIS A 119 34.83 -7.61 20.36
CA HIS A 119 35.71 -8.35 19.47
C HIS A 119 36.47 -7.40 18.54
N HIS A 120 37.80 -7.48 18.60
CA HIS A 120 38.65 -6.67 17.74
C HIS A 120 40.10 -7.11 17.89
N HIS A 121 40.78 -7.27 16.77
CA HIS A 121 42.19 -7.63 16.78
C HIS A 121 43.04 -6.37 16.93
N MET A 1 -18.13 -3.55 -17.25
CA MET A 1 -16.85 -2.87 -17.48
C MET A 1 -15.77 -3.89 -17.84
N GLU A 2 -14.70 -3.43 -18.47
CA GLU A 2 -13.60 -4.31 -18.82
C GLU A 2 -12.61 -4.39 -17.68
N ASN A 3 -12.70 -5.47 -16.92
CA ASN A 3 -11.81 -5.68 -15.79
C ASN A 3 -10.59 -6.47 -16.23
N SER A 4 -9.55 -5.76 -16.62
CA SER A 4 -8.36 -6.38 -17.15
C SER A 4 -7.35 -6.69 -16.03
N GLY A 5 -7.15 -7.97 -15.78
CA GLY A 5 -6.17 -8.41 -14.80
C GLY A 5 -5.74 -9.83 -15.06
N ALA A 6 -4.56 -10.20 -14.59
CA ALA A 6 -4.05 -11.55 -14.82
C ALA A 6 -4.19 -12.41 -13.57
N TYR A 7 -3.20 -12.33 -12.68
CA TYR A 7 -3.17 -13.16 -11.47
C TYR A 7 -2.15 -12.61 -10.48
N THR A 8 -1.75 -11.36 -10.68
CA THR A 8 -0.73 -10.75 -9.86
C THR A 8 -1.32 -9.73 -8.88
N PHE A 9 -0.46 -8.93 -8.26
CA PHE A 9 -0.87 -8.01 -7.20
C PHE A 9 -1.79 -6.92 -7.75
N GLU A 10 -1.50 -6.50 -8.97
CA GLU A 10 -2.23 -5.40 -9.60
C GLU A 10 -3.71 -5.71 -9.78
N THR A 11 -4.02 -6.93 -10.19
CA THR A 11 -5.40 -7.29 -10.55
C THR A 11 -6.34 -7.24 -9.34
N ILE A 12 -5.81 -7.51 -8.16
CA ILE A 12 -6.63 -7.50 -6.95
C ILE A 12 -6.98 -6.07 -6.58
N ALA A 13 -6.00 -5.19 -6.59
CA ALA A 13 -6.21 -3.77 -6.32
C ALA A 13 -7.13 -3.17 -7.37
N ARG A 14 -6.94 -3.63 -8.60
CA ARG A 14 -7.70 -3.13 -9.74
C ARG A 14 -9.20 -3.35 -9.55
N GLU A 15 -9.56 -4.37 -8.79
CA GLU A 15 -10.96 -4.73 -8.62
C GLU A 15 -11.70 -3.71 -7.75
N TRP A 16 -11.25 -3.53 -6.51
CA TRP A 16 -11.95 -2.65 -5.57
C TRP A 16 -11.59 -1.17 -5.80
N HIS A 17 -10.33 -0.90 -6.16
CA HIS A 17 -9.85 0.47 -6.32
C HIS A 17 -10.40 1.14 -7.59
N GLU A 18 -10.82 0.33 -8.55
CA GLU A 18 -11.15 0.81 -9.90
C GLU A 18 -12.10 2.01 -9.90
N SER A 19 -13.17 1.91 -9.13
CA SER A 19 -14.22 2.93 -9.16
C SER A 19 -13.89 4.13 -8.25
N ASN A 20 -12.70 4.13 -7.64
CA ASN A 20 -12.35 5.17 -6.68
C ASN A 20 -10.95 5.72 -6.93
N LYS A 21 -10.89 6.87 -7.58
CA LYS A 21 -9.64 7.60 -7.78
C LYS A 21 -9.94 8.98 -8.39
N ARG A 22 -10.29 8.97 -9.67
CA ARG A 22 -10.58 10.19 -10.39
C ARG A 22 -11.35 9.84 -11.66
N TRP A 23 -12.60 10.27 -11.74
CA TRP A 23 -13.45 9.98 -12.89
C TRP A 23 -13.01 10.76 -14.12
N SER A 24 -12.13 10.15 -14.91
CA SER A 24 -11.69 10.68 -16.20
C SER A 24 -10.61 9.77 -16.77
N GLU A 25 -10.87 9.19 -17.94
CA GLU A 25 -10.00 8.18 -18.51
C GLU A 25 -8.60 8.71 -18.80
N ASP A 26 -8.49 9.99 -19.17
CA ASP A 26 -7.19 10.59 -19.43
C ASP A 26 -6.35 10.62 -18.16
N HIS A 27 -6.96 11.06 -17.07
CA HIS A 27 -6.26 11.17 -15.79
C HIS A 27 -6.03 9.77 -15.22
N ARG A 28 -6.97 8.89 -15.49
CA ARG A 28 -6.89 7.49 -15.08
C ARG A 28 -5.73 6.78 -15.79
N SER A 29 -5.53 7.11 -17.05
CA SER A 29 -4.52 6.43 -17.85
C SER A 29 -3.11 6.93 -17.52
N ARG A 30 -2.97 8.25 -17.30
CA ARG A 30 -1.65 8.83 -17.08
C ARG A 30 -1.02 8.32 -15.78
N VAL A 31 -1.83 8.06 -14.76
CA VAL A 31 -1.32 7.61 -13.47
C VAL A 31 -0.68 6.23 -13.57
N LEU A 32 -0.96 5.52 -14.66
CA LEU A 32 -0.34 4.23 -14.90
C LEU A 32 1.16 4.39 -15.09
N ARG A 33 1.54 5.49 -15.74
CA ARG A 33 2.95 5.79 -15.96
C ARG A 33 3.60 6.20 -14.64
N TYR A 34 2.81 6.86 -13.79
CA TYR A 34 3.29 7.33 -12.49
C TYR A 34 3.45 6.14 -11.55
N LEU A 35 2.69 5.07 -11.83
CA LEU A 35 2.76 3.84 -11.06
C LEU A 35 4.17 3.23 -11.15
N GLU A 36 4.83 3.45 -12.27
CA GLU A 36 6.18 2.97 -12.49
C GLU A 36 7.19 3.81 -11.71
N LEU A 37 6.86 5.07 -11.52
CA LEU A 37 7.81 6.04 -10.96
C LEU A 37 7.89 5.94 -9.44
N TYR A 38 6.80 6.25 -8.76
CA TYR A 38 6.82 6.35 -7.30
C TYR A 38 6.20 5.13 -6.63
N ILE A 39 5.84 4.12 -7.40
CA ILE A 39 5.21 2.96 -6.86
C ILE A 39 6.04 1.74 -7.19
N PHE A 40 6.31 0.97 -6.16
CA PHE A 40 7.12 -0.24 -6.26
C PHE A 40 8.57 0.09 -6.65
N PRO A 41 9.24 0.98 -5.88
CA PRO A 41 10.60 1.43 -6.23
C PRO A 41 11.62 0.29 -6.19
N HIS A 42 11.72 -0.39 -5.06
CA HIS A 42 12.66 -1.50 -4.93
C HIS A 42 11.91 -2.84 -4.96
N ILE A 43 10.59 -2.78 -4.87
CA ILE A 43 9.78 -3.97 -4.70
C ILE A 43 8.93 -4.29 -5.92
N GLY A 44 9.25 -3.65 -7.05
CA GLY A 44 8.46 -3.81 -8.26
C GLY A 44 8.39 -5.24 -8.76
N SER A 45 9.43 -6.02 -8.50
CA SER A 45 9.50 -7.38 -9.01
C SER A 45 9.03 -8.41 -7.99
N SER A 46 8.33 -7.94 -6.96
CA SER A 46 7.79 -8.85 -5.95
C SER A 46 6.58 -9.59 -6.48
N ASP A 47 6.12 -10.59 -5.74
CA ASP A 47 4.94 -11.36 -6.12
C ASP A 47 3.75 -10.94 -5.27
N ILE A 48 2.55 -11.32 -5.69
CA ILE A 48 1.36 -11.03 -4.91
C ILE A 48 1.25 -12.00 -3.74
N ARG A 49 1.61 -13.26 -4.00
CA ARG A 49 1.52 -14.29 -2.98
C ARG A 49 2.74 -14.21 -2.07
N GLN A 50 3.80 -13.61 -2.59
CA GLN A 50 5.01 -13.40 -1.83
C GLN A 50 5.49 -11.97 -1.97
N LEU A 51 4.94 -11.13 -1.13
CA LEU A 51 5.29 -9.72 -1.10
C LEU A 51 6.35 -9.49 -0.02
N LYS A 52 7.05 -8.37 -0.10
CA LYS A 52 8.14 -8.08 0.81
C LYS A 52 7.62 -7.65 2.17
N THR A 53 8.47 -7.80 3.18
CA THR A 53 8.17 -7.34 4.52
C THR A 53 8.45 -5.85 4.67
N SER A 54 8.57 -5.39 5.91
CA SER A 54 8.75 -3.97 6.21
C SER A 54 10.09 -3.43 5.69
N HIS A 55 10.79 -4.23 4.92
CA HIS A 55 12.02 -3.81 4.25
C HIS A 55 11.65 -2.82 3.15
N LEU A 56 10.43 -2.96 2.64
CA LEU A 56 9.93 -2.08 1.58
C LEU A 56 9.78 -0.65 2.09
N LEU A 57 9.79 -0.48 3.41
CA LEU A 57 9.64 0.83 4.03
C LEU A 57 10.87 1.70 3.76
N ALA A 58 12.00 1.07 3.50
CA ALA A 58 13.25 1.80 3.27
C ALA A 58 13.16 2.74 2.06
N PRO A 59 12.79 2.25 0.86
CA PRO A 59 12.63 3.11 -0.31
C PRO A 59 11.42 4.04 -0.20
N ILE A 60 10.45 3.66 0.62
CA ILE A 60 9.30 4.51 0.87
C ILE A 60 9.70 5.67 1.78
N LYS A 61 10.76 5.46 2.55
CA LYS A 61 11.20 6.49 3.47
C LYS A 61 11.81 7.67 2.72
N GLU A 62 12.56 7.39 1.67
CA GLU A 62 13.19 8.44 0.90
C GLU A 62 12.15 9.23 0.09
N VAL A 63 11.10 8.54 -0.36
CA VAL A 63 10.02 9.21 -1.07
C VAL A 63 9.16 10.00 -0.08
N ASP A 64 9.09 9.49 1.14
CA ASP A 64 8.45 10.19 2.24
C ASP A 64 9.14 11.53 2.51
N THR A 65 10.44 11.45 2.75
CA THR A 65 11.23 12.63 3.08
C THR A 65 11.44 13.53 1.86
N SER A 66 11.11 13.01 0.69
CA SER A 66 11.19 13.77 -0.56
C SER A 66 10.17 14.92 -0.55
N GLY A 67 9.24 14.89 0.41
CA GLY A 67 8.30 15.99 0.55
C GLY A 67 6.86 15.56 0.42
N LYS A 68 6.64 14.26 0.27
CA LYS A 68 5.28 13.76 0.13
C LYS A 68 4.97 12.74 1.23
N HIS A 69 5.14 13.18 2.46
CA HIS A 69 4.88 12.34 3.64
C HIS A 69 3.44 11.86 3.64
N ASP A 70 2.54 12.77 3.31
CA ASP A 70 1.11 12.47 3.30
C ASP A 70 0.80 11.37 2.31
N VAL A 71 1.40 11.47 1.13
CA VAL A 71 1.22 10.48 0.09
C VAL A 71 1.78 9.14 0.54
N ALA A 72 2.98 9.16 1.09
CA ALA A 72 3.66 7.95 1.57
C ALA A 72 2.78 7.19 2.56
N GLN A 73 2.24 7.92 3.54
CA GLN A 73 1.38 7.33 4.55
C GLN A 73 0.13 6.71 3.91
N ARG A 74 -0.45 7.44 2.98
CA ARG A 74 -1.61 6.93 2.25
C ARG A 74 -1.26 5.66 1.47
N LEU A 75 -0.08 5.64 0.87
CA LEU A 75 0.37 4.48 0.08
C LEU A 75 0.46 3.22 0.94
N GLN A 76 0.89 3.39 2.19
CA GLN A 76 0.95 2.26 3.13
C GLN A 76 -0.43 1.62 3.26
N GLN A 77 -1.42 2.45 3.48
CA GLN A 77 -2.81 2.01 3.65
C GLN A 77 -3.36 1.36 2.38
N ARG A 78 -2.74 1.66 1.24
CA ARG A 78 -3.15 1.09 -0.03
C ARG A 78 -2.80 -0.39 -0.12
N VAL A 79 -1.51 -0.70 0.10
CA VAL A 79 -1.02 -2.06 -0.09
C VAL A 79 -1.65 -3.04 0.92
N THR A 80 -1.91 -2.56 2.13
CA THR A 80 -2.55 -3.38 3.15
C THR A 80 -3.97 -3.75 2.72
N ALA A 81 -4.67 -2.80 2.12
CA ALA A 81 -6.03 -3.02 1.65
C ALA A 81 -6.06 -4.01 0.49
N ILE A 82 -5.06 -3.90 -0.39
CA ILE A 82 -4.94 -4.80 -1.53
C ILE A 82 -4.68 -6.21 -1.05
N MET A 83 -3.68 -6.35 -0.18
CA MET A 83 -3.27 -7.64 0.35
C MET A 83 -4.41 -8.33 1.09
N ARG A 84 -5.17 -7.55 1.85
CA ARG A 84 -6.22 -8.11 2.69
C ARG A 84 -7.34 -8.73 1.85
N TYR A 85 -7.54 -8.20 0.65
CA TYR A 85 -8.56 -8.74 -0.26
C TYR A 85 -8.05 -10.05 -0.86
N ALA A 86 -6.75 -10.12 -1.10
CA ALA A 86 -6.13 -11.29 -1.71
C ALA A 86 -6.16 -12.50 -0.77
N VAL A 87 -6.37 -12.24 0.52
CA VAL A 87 -6.50 -13.32 1.50
C VAL A 87 -7.67 -14.22 1.13
N GLN A 88 -8.78 -13.60 0.74
CA GLN A 88 -9.98 -14.33 0.40
C GLN A 88 -9.81 -15.05 -0.94
N ASN A 89 -8.87 -14.54 -1.74
CA ASN A 89 -8.62 -15.08 -3.06
C ASN A 89 -7.60 -16.22 -3.01
N ASP A 90 -7.22 -16.63 -1.79
CA ASP A 90 -6.38 -17.81 -1.57
C ASP A 90 -4.92 -17.59 -2.01
N TYR A 91 -4.60 -16.37 -2.46
CA TYR A 91 -3.26 -16.08 -2.96
C TYR A 91 -2.22 -16.14 -1.85
N ILE A 92 -2.45 -15.42 -0.78
CA ILE A 92 -1.43 -15.30 0.27
C ILE A 92 -1.77 -16.19 1.47
N ASP A 93 -0.75 -16.44 2.28
CA ASP A 93 -0.91 -17.24 3.49
C ASP A 93 -0.69 -16.36 4.72
N SER A 94 0.17 -15.36 4.59
CA SER A 94 0.45 -14.44 5.69
C SER A 94 0.33 -13.00 5.21
N ASN A 95 0.09 -12.08 6.13
CA ASN A 95 -0.07 -10.65 5.80
C ASN A 95 1.09 -9.84 6.39
N PRO A 96 2.20 -9.71 5.65
CA PRO A 96 3.36 -8.92 6.09
C PRO A 96 3.07 -7.42 6.13
N ALA A 97 1.99 -7.01 5.47
CA ALA A 97 1.61 -5.59 5.38
C ALA A 97 0.96 -5.09 6.66
N SER A 98 0.95 -5.94 7.69
CA SER A 98 0.37 -5.57 8.98
C SER A 98 1.41 -4.95 9.90
N ASP A 99 2.68 -4.98 9.48
CA ASP A 99 3.77 -4.47 10.32
C ASP A 99 4.37 -3.19 9.73
N MET A 100 4.50 -3.17 8.41
CA MET A 100 5.20 -2.05 7.74
C MET A 100 4.42 -0.74 7.79
N ALA A 101 3.09 -0.84 7.90
CA ALA A 101 2.24 0.34 7.89
C ALA A 101 2.11 0.92 9.29
N GLY A 102 2.38 2.21 9.39
CA GLY A 102 2.23 2.91 10.65
C GLY A 102 1.68 4.31 10.43
N ALA A 103 1.44 5.03 11.52
CA ALA A 103 0.90 6.37 11.43
C ALA A 103 1.76 7.37 12.21
N LEU A 104 2.55 8.14 11.50
CA LEU A 104 3.37 9.18 12.11
C LEU A 104 2.83 10.56 11.78
N SER A 105 2.11 10.65 10.68
CA SER A 105 1.35 11.85 10.35
C SER A 105 -0.01 11.76 11.03
N THR A 106 -0.71 10.66 10.75
CA THR A 106 -1.97 10.33 11.42
C THR A 106 -3.12 11.25 11.01
N THR A 107 -4.26 10.65 10.73
CA THR A 107 -5.48 11.39 10.48
C THR A 107 -6.67 10.62 11.05
N LYS A 108 -7.31 11.19 12.05
CA LYS A 108 -8.45 10.57 12.69
C LYS A 108 -9.62 11.52 12.75
N ALA A 109 -10.44 11.46 11.72
CA ALA A 109 -11.61 12.32 11.59
C ALA A 109 -12.49 11.85 10.44
N ARG A 110 -11.84 11.35 9.39
CA ARG A 110 -12.53 10.85 8.22
C ARG A 110 -12.94 9.39 8.44
N HIS A 111 -14.21 9.19 8.76
CA HIS A 111 -14.73 7.86 9.02
C HIS A 111 -16.26 7.90 9.05
N TYR A 112 -16.87 7.57 7.92
CA TYR A 112 -18.31 7.48 7.83
C TYR A 112 -18.70 6.05 7.47
N PRO A 113 -19.14 5.27 8.46
CA PRO A 113 -19.50 3.88 8.26
C PRO A 113 -20.91 3.73 7.70
N LEU A 114 -21.23 2.53 7.27
CA LEU A 114 -22.54 2.23 6.74
C LEU A 114 -22.98 0.85 7.21
N GLU A 115 -22.44 -0.18 6.57
CA GLU A 115 -22.83 -1.58 6.82
C GLU A 115 -24.34 -1.69 7.00
N HIS A 116 -25.07 -1.20 6.00
CA HIS A 116 -26.51 -1.13 6.07
C HIS A 116 -27.13 -1.85 4.89
N HIS A 117 -27.51 -3.11 5.10
CA HIS A 117 -28.18 -3.89 4.07
C HIS A 117 -29.16 -4.86 4.70
N HIS A 118 -30.44 -4.63 4.45
CA HIS A 118 -31.51 -5.45 5.00
C HIS A 118 -32.79 -5.18 4.21
N HIS A 119 -33.45 -6.24 3.77
CA HIS A 119 -34.67 -6.10 2.99
C HIS A 119 -35.73 -7.12 3.43
N HIS A 120 -36.90 -6.63 3.77
CA HIS A 120 -38.01 -7.47 4.18
C HIS A 120 -39.30 -6.94 3.55
N HIS A 121 -39.89 -7.73 2.68
CA HIS A 121 -41.12 -7.34 2.02
C HIS A 121 -42.30 -8.12 2.58
N MET A 1 -10.72 -17.42 -14.02
CA MET A 1 -11.78 -16.42 -14.26
C MET A 1 -11.20 -15.25 -15.06
N GLU A 2 -12.08 -14.55 -15.77
CA GLU A 2 -11.67 -13.41 -16.57
C GLU A 2 -11.38 -12.21 -15.69
N ASN A 3 -10.11 -11.89 -15.53
CA ASN A 3 -9.69 -10.76 -14.70
C ASN A 3 -8.76 -9.86 -15.49
N SER A 4 -8.62 -8.62 -15.05
CA SER A 4 -7.77 -7.65 -15.73
C SER A 4 -6.30 -8.06 -15.65
N GLY A 5 -5.92 -8.62 -14.51
CA GLY A 5 -4.54 -9.03 -14.31
C GLY A 5 -4.40 -10.01 -13.17
N ALA A 6 -3.66 -11.08 -13.41
CA ALA A 6 -3.43 -12.11 -12.41
C ALA A 6 -2.44 -11.62 -11.37
N TYR A 7 -2.85 -11.74 -10.11
CA TYR A 7 -2.05 -11.36 -8.93
C TYR A 7 -1.37 -10.01 -9.10
N THR A 8 -2.04 -9.10 -9.80
CA THR A 8 -1.52 -7.76 -10.02
C THR A 8 -2.01 -6.81 -8.91
N PHE A 9 -1.07 -6.10 -8.30
CA PHE A 9 -1.35 -5.22 -7.17
C PHE A 9 -2.49 -4.24 -7.48
N GLU A 10 -2.37 -3.57 -8.62
CA GLU A 10 -3.36 -2.57 -9.01
C GLU A 10 -4.71 -3.21 -9.33
N THR A 11 -4.66 -4.44 -9.85
CA THR A 11 -5.88 -5.13 -10.26
C THR A 11 -6.69 -5.60 -9.04
N ILE A 12 -6.01 -5.92 -7.95
CA ILE A 12 -6.70 -6.29 -6.72
C ILE A 12 -7.26 -5.04 -6.06
N ALA A 13 -6.59 -3.91 -6.30
CA ALA A 13 -7.05 -2.62 -5.81
C ALA A 13 -8.40 -2.25 -6.43
N ARG A 14 -8.64 -2.75 -7.63
CA ARG A 14 -9.89 -2.49 -8.37
C ARG A 14 -11.12 -2.79 -7.52
N GLU A 15 -11.00 -3.82 -6.71
CA GLU A 15 -12.12 -4.30 -5.90
C GLU A 15 -12.70 -3.18 -5.03
N TRP A 16 -11.87 -2.59 -4.17
CA TRP A 16 -12.32 -1.49 -3.33
C TRP A 16 -12.29 -0.15 -4.07
N HIS A 17 -11.39 -0.04 -5.05
CA HIS A 17 -11.23 1.19 -5.86
C HIS A 17 -12.56 1.67 -6.45
N GLU A 18 -13.47 0.76 -6.71
CA GLU A 18 -14.75 1.11 -7.32
C GLU A 18 -15.60 2.03 -6.44
N SER A 19 -15.14 2.23 -5.21
CA SER A 19 -15.82 3.14 -4.30
C SER A 19 -15.42 4.58 -4.60
N ASN A 20 -14.35 4.75 -5.38
CA ASN A 20 -13.91 6.08 -5.81
C ASN A 20 -14.44 6.38 -7.20
N LYS A 21 -14.52 7.65 -7.55
CA LYS A 21 -15.11 8.05 -8.83
C LYS A 21 -14.21 9.03 -9.57
N ARG A 22 -14.57 9.30 -10.83
CA ARG A 22 -13.83 10.19 -11.71
C ARG A 22 -12.46 9.60 -12.05
N TRP A 23 -12.43 8.85 -13.14
CA TRP A 23 -11.18 8.29 -13.63
C TRP A 23 -11.08 8.47 -15.15
N SER A 24 -9.99 7.98 -15.72
CA SER A 24 -9.81 7.96 -17.17
C SER A 24 -8.83 6.86 -17.54
N GLU A 25 -9.33 5.87 -18.28
CA GLU A 25 -8.53 4.70 -18.64
C GLU A 25 -7.32 5.07 -19.47
N ASP A 26 -7.41 6.16 -20.23
CA ASP A 26 -6.30 6.59 -21.07
C ASP A 26 -5.16 7.14 -20.22
N HIS A 27 -5.50 8.08 -19.35
CA HIS A 27 -4.49 8.72 -18.50
C HIS A 27 -3.98 7.73 -17.47
N ARG A 28 -4.82 6.77 -17.12
CA ARG A 28 -4.45 5.67 -16.22
C ARG A 28 -3.11 5.04 -16.61
N SER A 29 -2.95 4.76 -17.90
CA SER A 29 -1.73 4.12 -18.39
C SER A 29 -0.55 5.10 -18.36
N ARG A 30 -0.84 6.39 -18.48
CA ARG A 30 0.21 7.40 -18.48
C ARG A 30 0.74 7.59 -17.05
N VAL A 31 -0.17 7.70 -16.10
CA VAL A 31 0.20 7.87 -14.69
C VAL A 31 0.89 6.60 -14.17
N LEU A 32 0.66 5.49 -14.86
CA LEU A 32 1.25 4.21 -14.49
C LEU A 32 2.78 4.31 -14.53
N ARG A 33 3.31 5.06 -15.49
CA ARG A 33 4.74 5.26 -15.60
C ARG A 33 5.28 6.02 -14.39
N TYR A 34 4.51 6.99 -13.94
CA TYR A 34 4.87 7.75 -12.74
C TYR A 34 4.79 6.84 -11.52
N LEU A 35 3.77 6.00 -11.51
CA LEU A 35 3.50 5.06 -10.43
C LEU A 35 4.71 4.15 -10.17
N GLU A 36 5.18 3.49 -11.22
CA GLU A 36 6.28 2.54 -11.09
C GLU A 36 7.61 3.25 -10.77
N LEU A 37 7.77 4.47 -11.26
CA LEU A 37 8.99 5.22 -11.04
C LEU A 37 8.99 5.94 -9.70
N TYR A 38 7.90 5.82 -8.96
CA TYR A 38 7.73 6.58 -7.73
C TYR A 38 7.47 5.67 -6.54
N ILE A 39 6.39 4.89 -6.63
CA ILE A 39 5.93 4.09 -5.51
C ILE A 39 6.49 2.66 -5.56
N PHE A 40 6.69 2.15 -6.76
CA PHE A 40 7.23 0.79 -6.91
C PHE A 40 8.52 0.79 -7.72
N PRO A 41 9.55 1.59 -7.33
CA PRO A 41 10.73 1.79 -8.17
C PRO A 41 11.52 0.50 -8.42
N HIS A 42 11.99 -0.13 -7.35
CA HIS A 42 12.67 -1.41 -7.46
C HIS A 42 11.80 -2.55 -6.94
N ILE A 43 10.75 -2.21 -6.20
CA ILE A 43 9.91 -3.22 -5.58
C ILE A 43 8.81 -3.67 -6.52
N GLY A 44 8.82 -3.14 -7.74
CA GLY A 44 7.86 -3.57 -8.75
C GLY A 44 8.20 -4.94 -9.31
N SER A 45 9.31 -5.49 -8.83
CA SER A 45 9.74 -6.82 -9.21
C SER A 45 9.13 -7.86 -8.28
N SER A 46 8.37 -7.39 -7.29
CA SER A 46 7.73 -8.27 -6.33
C SER A 46 6.25 -8.39 -6.65
N ASP A 47 5.78 -9.62 -6.82
CA ASP A 47 4.38 -9.88 -7.13
C ASP A 47 3.59 -10.11 -5.85
N ILE A 48 2.27 -10.10 -5.96
CA ILE A 48 1.40 -10.24 -4.79
C ILE A 48 1.63 -11.56 -4.05
N ARG A 49 1.88 -12.64 -4.79
CA ARG A 49 2.05 -13.95 -4.18
C ARG A 49 3.40 -14.07 -3.49
N GLN A 50 4.41 -13.43 -4.07
CA GLN A 50 5.73 -13.38 -3.45
C GLN A 50 6.12 -11.93 -3.19
N LEU A 51 5.57 -11.36 -2.13
CA LEU A 51 5.81 -9.97 -1.80
C LEU A 51 6.82 -9.86 -0.67
N LYS A 52 7.42 -8.69 -0.51
CA LYS A 52 8.49 -8.53 0.46
C LYS A 52 8.02 -7.87 1.75
N THR A 53 8.94 -7.80 2.70
CA THR A 53 8.66 -7.24 4.02
C THR A 53 9.11 -5.77 4.11
N SER A 54 9.27 -5.28 5.34
CA SER A 54 9.56 -3.86 5.61
C SER A 54 10.85 -3.35 4.96
N HIS A 55 11.57 -4.21 4.25
CA HIS A 55 12.78 -3.78 3.55
C HIS A 55 12.43 -2.77 2.47
N LEU A 56 11.23 -2.91 1.92
CA LEU A 56 10.76 -2.01 0.87
C LEU A 56 10.31 -0.66 1.44
N LEU A 57 10.11 -0.61 2.75
CA LEU A 57 9.65 0.62 3.40
C LEU A 57 10.71 1.72 3.31
N ALA A 58 11.97 1.32 3.34
CA ALA A 58 13.09 2.27 3.38
C ALA A 58 13.13 3.19 2.15
N PRO A 59 13.17 2.65 0.90
CA PRO A 59 13.22 3.49 -0.31
C PRO A 59 11.96 4.31 -0.52
N ILE A 60 10.83 3.78 -0.09
CA ILE A 60 9.56 4.49 -0.18
C ILE A 60 9.52 5.60 0.87
N LYS A 61 10.29 5.43 1.93
CA LYS A 61 10.34 6.40 3.02
C LYS A 61 10.96 7.70 2.53
N GLU A 62 11.80 7.58 1.51
CA GLU A 62 12.43 8.73 0.89
C GLU A 62 11.38 9.74 0.41
N VAL A 63 10.23 9.22 -0.02
CA VAL A 63 9.12 10.07 -0.45
C VAL A 63 8.60 10.88 0.74
N ASP A 64 8.41 10.19 1.86
CA ASP A 64 7.92 10.80 3.10
C ASP A 64 8.93 11.85 3.59
N THR A 65 10.21 11.56 3.43
CA THR A 65 11.27 12.50 3.76
C THR A 65 11.09 13.81 3.00
N SER A 66 10.68 13.71 1.74
CA SER A 66 10.40 14.89 0.94
C SER A 66 9.07 15.51 1.39
N GLY A 67 8.11 14.65 1.69
CA GLY A 67 6.84 15.08 2.21
C GLY A 67 5.78 14.09 1.86
N LYS A 68 4.60 14.58 1.55
CA LYS A 68 3.48 13.76 1.11
C LYS A 68 3.21 12.63 2.10
N HIS A 69 3.27 12.95 3.37
CA HIS A 69 3.05 11.98 4.44
C HIS A 69 1.65 11.37 4.36
N ASP A 70 0.74 12.03 3.65
CA ASP A 70 -0.58 11.47 3.41
C ASP A 70 -0.49 10.37 2.35
N VAL A 71 0.28 10.65 1.31
CA VAL A 71 0.43 9.74 0.17
C VAL A 71 1.17 8.48 0.57
N ALA A 72 2.31 8.64 1.23
CA ALA A 72 3.13 7.50 1.66
C ALA A 72 2.32 6.56 2.53
N GLN A 73 1.69 7.12 3.56
CA GLN A 73 0.85 6.37 4.47
C GLN A 73 -0.31 5.72 3.73
N ARG A 74 -0.93 6.49 2.85
CA ARG A 74 -2.04 6.02 2.04
C ARG A 74 -1.65 4.77 1.24
N LEU A 75 -0.48 4.81 0.61
CA LEU A 75 -0.02 3.71 -0.22
C LEU A 75 0.32 2.48 0.61
N GLN A 76 0.97 2.67 1.76
CA GLN A 76 1.30 1.55 2.63
C GLN A 76 0.03 0.94 3.23
N GLN A 77 -0.92 1.80 3.56
CA GLN A 77 -2.23 1.38 4.03
C GLN A 77 -2.93 0.55 2.94
N ARG A 78 -2.78 0.98 1.68
CA ARG A 78 -3.34 0.26 0.55
C ARG A 78 -2.83 -1.17 0.52
N VAL A 79 -1.53 -1.33 0.74
CA VAL A 79 -0.91 -2.65 0.72
C VAL A 79 -1.56 -3.58 1.73
N THR A 80 -1.64 -3.12 2.98
CA THR A 80 -2.22 -3.92 4.05
C THR A 80 -3.69 -4.24 3.78
N ALA A 81 -4.39 -3.32 3.13
CA ALA A 81 -5.80 -3.53 2.79
C ALA A 81 -5.92 -4.55 1.66
N ILE A 82 -5.07 -4.41 0.66
CA ILE A 82 -5.06 -5.32 -0.49
C ILE A 82 -4.70 -6.74 -0.05
N MET A 83 -3.81 -6.85 0.94
CA MET A 83 -3.42 -8.16 1.47
C MET A 83 -4.63 -8.92 2.00
N ARG A 84 -5.60 -8.18 2.54
CA ARG A 84 -6.81 -8.78 3.08
C ARG A 84 -7.67 -9.36 1.95
N TYR A 85 -7.84 -8.58 0.89
CA TYR A 85 -8.61 -9.01 -0.26
C TYR A 85 -7.88 -10.12 -1.02
N ALA A 86 -6.56 -10.09 -0.96
CA ALA A 86 -5.74 -11.14 -1.56
C ALA A 86 -6.00 -12.49 -0.89
N VAL A 87 -6.39 -12.45 0.38
CA VAL A 87 -6.79 -13.67 1.08
C VAL A 87 -8.18 -14.10 0.63
N GLN A 88 -9.10 -13.13 0.59
CA GLN A 88 -10.47 -13.38 0.20
C GLN A 88 -10.56 -13.97 -1.20
N ASN A 89 -9.78 -13.43 -2.12
CA ASN A 89 -9.83 -13.86 -3.52
C ASN A 89 -8.84 -14.99 -3.78
N ASP A 90 -8.20 -15.46 -2.72
CA ASP A 90 -7.26 -16.59 -2.78
C ASP A 90 -6.11 -16.32 -3.74
N TYR A 91 -5.27 -15.36 -3.36
CA TYR A 91 -4.05 -15.07 -4.11
C TYR A 91 -2.80 -15.45 -3.31
N ILE A 92 -2.77 -15.07 -2.04
CA ILE A 92 -1.55 -15.20 -1.23
C ILE A 92 -1.62 -16.39 -0.29
N ASP A 93 -0.44 -16.77 0.22
CA ASP A 93 -0.32 -17.83 1.22
C ASP A 93 -0.05 -17.21 2.59
N SER A 94 0.82 -16.21 2.59
CA SER A 94 1.18 -15.49 3.81
C SER A 94 0.87 -14.01 3.64
N ASN A 95 0.92 -13.27 4.72
CA ASN A 95 0.66 -11.83 4.70
C ASN A 95 1.95 -11.05 4.92
N PRO A 96 2.66 -10.72 3.83
CA PRO A 96 3.91 -9.96 3.89
C PRO A 96 3.70 -8.53 4.38
N ALA A 97 4.77 -7.73 4.32
CA ALA A 97 4.75 -6.36 4.86
C ALA A 97 4.44 -6.39 6.36
N SER A 98 4.86 -7.47 7.00
CA SER A 98 4.61 -7.68 8.41
C SER A 98 5.37 -6.64 9.26
N ASP A 99 4.63 -5.97 10.12
CA ASP A 99 5.20 -4.98 11.06
C ASP A 99 5.85 -3.81 10.33
N MET A 100 5.43 -3.55 9.08
CA MET A 100 6.00 -2.46 8.31
C MET A 100 5.46 -1.11 8.80
N ALA A 101 4.30 -1.13 9.43
CA ALA A 101 3.69 0.09 9.94
C ALA A 101 4.16 0.36 11.36
N GLY A 102 5.41 0.77 11.49
CA GLY A 102 5.98 1.03 12.79
C GLY A 102 6.62 2.39 12.87
N ALA A 103 7.56 2.54 13.81
CA ALA A 103 8.30 3.78 14.03
C ALA A 103 7.39 4.92 14.51
N LEU A 104 6.69 5.56 13.57
CA LEU A 104 5.86 6.71 13.91
C LEU A 104 4.49 6.28 14.42
N SER A 105 4.10 5.06 14.10
CA SER A 105 2.81 4.54 14.52
C SER A 105 2.94 3.65 15.74
N THR A 106 4.15 3.56 16.28
CA THR A 106 4.41 2.74 17.46
C THR A 106 5.12 3.55 18.53
N THR A 107 4.42 3.83 19.62
CA THR A 107 5.00 4.55 20.73
C THR A 107 4.19 4.31 21.99
N LYS A 108 4.65 4.89 23.10
CA LYS A 108 4.03 4.74 24.41
C LYS A 108 3.88 3.25 24.78
N ALA A 109 4.91 2.69 25.37
CA ALA A 109 4.91 1.28 25.72
C ALA A 109 4.37 1.09 27.13
N ARG A 110 5.01 1.74 28.11
CA ARG A 110 4.64 1.63 29.52
C ARG A 110 4.81 0.20 30.03
N HIS A 111 5.65 0.04 31.03
CA HIS A 111 6.01 -1.28 31.54
C HIS A 111 5.34 -1.56 32.88
N TYR A 112 5.14 -0.50 33.65
CA TYR A 112 4.49 -0.62 34.95
C TYR A 112 3.64 0.60 35.22
N PRO A 113 2.54 0.43 35.96
CA PRO A 113 1.63 1.51 36.29
C PRO A 113 2.15 2.37 37.44
N LEU A 114 1.35 3.34 37.81
CA LEU A 114 1.62 4.19 38.95
C LEU A 114 0.56 3.99 40.01
N GLU A 115 -0.61 3.61 39.52
CA GLU A 115 -1.76 3.33 40.37
C GLU A 115 -1.83 1.83 40.65
N HIS A 116 -1.86 1.47 41.92
CA HIS A 116 -1.97 0.08 42.31
C HIS A 116 -3.38 -0.24 42.79
N HIS A 117 -4.24 -0.59 41.85
CA HIS A 117 -5.60 -0.98 42.16
C HIS A 117 -5.73 -2.49 41.99
N HIS A 118 -6.49 -3.12 42.87
CA HIS A 118 -6.70 -4.56 42.77
C HIS A 118 -8.19 -4.88 42.80
N HIS A 119 -8.57 -5.94 42.09
CA HIS A 119 -9.96 -6.37 42.02
C HIS A 119 -10.29 -7.21 43.25
N HIS A 120 -11.55 -7.20 43.65
CA HIS A 120 -11.99 -7.96 44.79
C HIS A 120 -12.31 -9.40 44.40
N HIS A 121 -11.48 -10.32 44.87
CA HIS A 121 -11.69 -11.73 44.64
C HIS A 121 -11.49 -12.51 45.94
N MET A 1 -8.28 -23.38 -3.21
CA MET A 1 -6.90 -22.98 -3.58
C MET A 1 -6.44 -23.72 -4.84
N GLU A 2 -6.54 -23.06 -5.98
CA GLU A 2 -6.01 -23.59 -7.21
C GLU A 2 -4.64 -23.00 -7.47
N ASN A 3 -3.93 -23.52 -8.47
CA ASN A 3 -2.68 -22.92 -8.90
C ASN A 3 -2.96 -22.00 -10.09
N SER A 4 -3.10 -20.72 -9.81
CA SER A 4 -3.37 -19.75 -10.84
C SER A 4 -2.11 -19.00 -11.22
N GLY A 5 -1.94 -18.75 -12.51
CA GLY A 5 -0.80 -18.01 -12.98
C GLY A 5 -1.21 -16.65 -13.51
N ALA A 6 -0.22 -15.81 -13.79
CA ALA A 6 -0.47 -14.45 -14.26
C ALA A 6 -1.22 -13.64 -13.20
N TYR A 7 -0.48 -13.22 -12.18
CA TYR A 7 -1.05 -12.49 -11.07
C TYR A 7 -1.35 -11.04 -11.44
N THR A 8 -0.34 -10.35 -11.95
CA THR A 8 -0.44 -8.94 -12.32
C THR A 8 -0.90 -8.08 -11.15
N PHE A 9 0.05 -7.51 -10.43
CA PHE A 9 -0.24 -6.65 -9.29
C PHE A 9 -1.21 -5.54 -9.68
N GLU A 10 -1.03 -5.00 -10.89
CA GLU A 10 -1.86 -3.91 -11.40
C GLU A 10 -3.33 -4.34 -11.47
N THR A 11 -3.58 -5.55 -11.94
CA THR A 11 -4.93 -6.07 -12.08
C THR A 11 -5.64 -6.17 -10.73
N ILE A 12 -4.91 -6.61 -9.71
CA ILE A 12 -5.47 -6.77 -8.38
C ILE A 12 -5.72 -5.40 -7.75
N ALA A 13 -4.88 -4.43 -8.07
CA ALA A 13 -5.04 -3.07 -7.56
C ALA A 13 -6.25 -2.40 -8.19
N ARG A 14 -6.55 -2.77 -9.42
CA ARG A 14 -7.69 -2.21 -10.13
C ARG A 14 -9.00 -2.71 -9.53
N GLU A 15 -8.94 -3.90 -8.93
CA GLU A 15 -10.12 -4.55 -8.36
C GLU A 15 -10.83 -3.65 -7.35
N TRP A 16 -10.12 -3.11 -6.38
CA TRP A 16 -10.73 -2.22 -5.39
C TRP A 16 -10.92 -0.82 -5.97
N HIS A 17 -10.10 -0.48 -6.96
CA HIS A 17 -10.23 0.77 -7.70
C HIS A 17 -11.65 0.99 -8.24
N GLU A 18 -12.37 -0.10 -8.49
CA GLU A 18 -13.69 -0.04 -9.11
C GLU A 18 -14.73 0.65 -8.22
N SER A 19 -14.54 0.60 -6.91
CA SER A 19 -15.56 1.09 -5.98
C SER A 19 -15.32 2.56 -5.59
N ASN A 20 -14.59 3.29 -6.42
CA ASN A 20 -14.27 4.68 -6.11
C ASN A 20 -15.43 5.61 -6.54
N LYS A 21 -15.27 6.90 -6.24
CA LYS A 21 -16.30 7.90 -6.52
C LYS A 21 -16.70 7.94 -8.00
N ARG A 22 -15.73 8.15 -8.90
CA ARG A 22 -16.01 8.24 -10.32
C ARG A 22 -14.77 7.86 -11.13
N TRP A 23 -14.96 6.95 -12.07
CA TRP A 23 -13.86 6.36 -12.81
C TRP A 23 -13.26 7.35 -13.79
N SER A 24 -12.17 7.96 -13.38
CA SER A 24 -11.44 8.92 -14.22
C SER A 24 -10.20 8.24 -14.82
N GLU A 25 -10.37 6.98 -15.19
CA GLU A 25 -9.27 6.14 -15.63
C GLU A 25 -8.53 6.73 -16.83
N ASP A 26 -9.27 7.47 -17.66
CA ASP A 26 -8.69 8.13 -18.82
C ASP A 26 -7.52 9.01 -18.42
N HIS A 27 -7.75 9.87 -17.44
CA HIS A 27 -6.71 10.76 -16.96
C HIS A 27 -5.72 10.00 -16.08
N ARG A 28 -6.19 8.93 -15.45
CA ARG A 28 -5.35 8.10 -14.60
C ARG A 28 -4.27 7.40 -15.42
N SER A 29 -4.51 7.22 -16.71
CA SER A 29 -3.51 6.64 -17.60
C SER A 29 -2.26 7.54 -17.64
N ARG A 30 -2.49 8.85 -17.61
CA ARG A 30 -1.40 9.81 -17.58
C ARG A 30 -0.69 9.74 -16.23
N VAL A 31 -1.47 9.46 -15.19
CA VAL A 31 -0.96 9.35 -13.83
C VAL A 31 -0.18 8.05 -13.64
N LEU A 32 -0.43 7.07 -14.50
CA LEU A 32 0.24 5.76 -14.42
C LEU A 32 1.75 5.91 -14.48
N ARG A 33 2.21 6.89 -15.24
CA ARG A 33 3.64 7.18 -15.35
C ARG A 33 4.21 7.51 -13.98
N TYR A 34 3.47 8.31 -13.23
CA TYR A 34 3.86 8.73 -11.90
C TYR A 34 3.63 7.58 -10.92
N LEU A 35 2.47 6.95 -11.03
CA LEU A 35 2.06 5.86 -10.14
C LEU A 35 3.12 4.76 -10.08
N GLU A 36 3.57 4.31 -11.25
CA GLU A 36 4.49 3.17 -11.34
C GLU A 36 5.72 3.33 -10.45
N LEU A 37 6.34 4.50 -10.50
CA LEU A 37 7.61 4.72 -9.79
C LEU A 37 7.40 5.07 -8.33
N TYR A 38 6.14 5.19 -7.90
CA TYR A 38 5.83 5.52 -6.51
C TYR A 38 5.01 4.42 -5.85
N ILE A 39 4.80 3.32 -6.56
CA ILE A 39 4.07 2.19 -6.00
C ILE A 39 4.99 0.98 -5.82
N PHE A 40 5.82 0.70 -6.82
CA PHE A 40 6.76 -0.41 -6.72
C PHE A 40 8.06 -0.12 -7.47
N PRO A 41 8.89 0.80 -6.95
CA PRO A 41 10.12 1.22 -7.60
C PRO A 41 11.22 0.15 -7.54
N HIS A 42 11.54 -0.28 -6.33
CA HIS A 42 12.59 -1.29 -6.15
C HIS A 42 12.00 -2.69 -6.05
N ILE A 43 10.88 -2.80 -5.35
CA ILE A 43 10.28 -4.10 -5.06
C ILE A 43 9.24 -4.50 -6.10
N GLY A 44 9.21 -3.79 -7.22
CA GLY A 44 8.22 -4.06 -8.25
C GLY A 44 8.49 -5.35 -9.00
N SER A 45 9.72 -5.85 -8.89
CA SER A 45 10.10 -7.07 -9.58
C SER A 45 9.84 -8.30 -8.71
N SER A 46 9.04 -8.13 -7.67
CA SER A 46 8.68 -9.23 -6.80
C SER A 46 7.30 -9.77 -7.16
N ASP A 47 7.02 -11.00 -6.77
CA ASP A 47 5.72 -11.60 -7.01
C ASP A 47 4.80 -11.29 -5.83
N ILE A 48 3.54 -10.95 -6.12
CA ILE A 48 2.61 -10.50 -5.08
C ILE A 48 2.35 -11.58 -4.04
N ARG A 49 2.58 -12.85 -4.39
CA ARG A 49 2.33 -13.95 -3.47
C ARG A 49 3.43 -14.02 -2.41
N GLN A 50 4.46 -13.20 -2.58
CA GLN A 50 5.56 -13.17 -1.61
C GLN A 50 5.81 -11.74 -1.14
N LEU A 51 4.93 -11.27 -0.29
CA LEU A 51 5.07 -9.96 0.33
C LEU A 51 5.50 -10.12 1.78
N LYS A 52 6.08 -9.08 2.35
CA LYS A 52 6.61 -9.15 3.71
C LYS A 52 6.09 -7.99 4.57
N THR A 53 6.48 -8.00 5.84
CA THR A 53 6.10 -6.98 6.80
C THR A 53 6.72 -5.61 6.45
N SER A 54 6.79 -4.73 7.45
CA SER A 54 7.21 -3.34 7.30
C SER A 54 8.61 -3.16 6.69
N HIS A 55 9.24 -4.26 6.26
CA HIS A 55 10.50 -4.17 5.52
C HIS A 55 10.27 -3.41 4.21
N LEU A 56 9.03 -3.52 3.72
CA LEU A 56 8.60 -2.87 2.48
C LEU A 56 8.68 -1.35 2.59
N LEU A 57 8.78 -0.84 3.81
CA LEU A 57 8.81 0.59 4.07
C LEU A 57 10.07 1.25 3.46
N ALA A 58 11.09 0.44 3.16
CA ALA A 58 12.35 0.96 2.64
C ALA A 58 12.17 1.79 1.36
N PRO A 59 11.54 1.24 0.29
CA PRO A 59 11.25 2.01 -0.93
C PRO A 59 10.41 3.25 -0.65
N ILE A 60 9.47 3.13 0.28
CA ILE A 60 8.59 4.24 0.66
C ILE A 60 9.42 5.37 1.30
N LYS A 61 10.55 4.99 1.88
CA LYS A 61 11.45 5.96 2.52
C LYS A 61 12.08 6.89 1.50
N GLU A 62 12.19 6.44 0.26
CA GLU A 62 12.65 7.30 -0.81
C GLU A 62 11.61 8.41 -1.02
N VAL A 63 10.35 8.01 -1.13
CA VAL A 63 9.26 8.92 -1.46
C VAL A 63 8.99 9.90 -0.33
N ASP A 64 8.92 9.42 0.91
CA ASP A 64 8.58 10.27 2.05
C ASP A 64 9.66 11.31 2.29
N THR A 65 10.92 10.89 2.17
CA THR A 65 12.05 11.76 2.41
C THR A 65 12.30 12.68 1.21
N SER A 66 11.71 12.30 0.08
CA SER A 66 11.76 13.13 -1.12
C SER A 66 10.84 14.34 -0.93
N GLY A 67 9.91 14.21 0.01
CA GLY A 67 8.99 15.30 0.29
C GLY A 67 7.55 14.85 0.30
N LYS A 68 7.29 13.74 -0.38
CA LYS A 68 5.93 13.23 -0.52
C LYS A 68 5.60 12.24 0.57
N HIS A 69 5.88 12.64 1.81
CA HIS A 69 5.60 11.79 2.97
C HIS A 69 4.10 11.59 3.15
N ASP A 70 3.29 12.56 2.75
CA ASP A 70 1.83 12.42 2.86
C ASP A 70 1.33 11.43 1.82
N VAL A 71 1.93 11.49 0.64
CA VAL A 71 1.58 10.57 -0.44
C VAL A 71 2.01 9.15 -0.08
N ALA A 72 3.27 9.01 0.35
CA ALA A 72 3.82 7.72 0.73
C ALA A 72 3.00 7.07 1.84
N GLN A 73 2.50 7.89 2.76
CA GLN A 73 1.64 7.44 3.84
C GLN A 73 0.42 6.73 3.28
N ARG A 74 -0.19 7.37 2.29
CA ARG A 74 -1.37 6.82 1.61
C ARG A 74 -1.10 5.44 1.01
N LEU A 75 0.08 5.25 0.42
CA LEU A 75 0.41 3.98 -0.23
C LEU A 75 0.35 2.82 0.75
N GLN A 76 0.78 3.07 1.99
CA GLN A 76 0.77 2.04 3.03
C GLN A 76 -0.66 1.62 3.32
N GLN A 77 -1.52 2.61 3.41
CA GLN A 77 -2.94 2.40 3.66
C GLN A 77 -3.61 1.64 2.50
N ARG A 78 -3.08 1.85 1.30
CA ARG A 78 -3.64 1.23 0.11
C ARG A 78 -3.14 -0.20 -0.07
N VAL A 79 -1.86 -0.42 0.22
CA VAL A 79 -1.25 -1.74 0.00
C VAL A 79 -1.82 -2.78 0.98
N THR A 80 -2.14 -2.35 2.20
CA THR A 80 -2.72 -3.26 3.19
C THR A 80 -4.11 -3.72 2.73
N ALA A 81 -4.80 -2.87 1.98
CA ALA A 81 -6.09 -3.22 1.42
C ALA A 81 -5.92 -4.27 0.32
N ILE A 82 -4.88 -4.10 -0.48
CA ILE A 82 -4.56 -5.06 -1.54
C ILE A 82 -4.25 -6.43 -0.93
N MET A 83 -3.46 -6.43 0.14
CA MET A 83 -3.12 -7.65 0.85
C MET A 83 -4.37 -8.32 1.39
N ARG A 84 -5.25 -7.52 1.97
CA ARG A 84 -6.52 -8.01 2.52
C ARG A 84 -7.29 -8.82 1.48
N TYR A 85 -7.44 -8.28 0.27
CA TYR A 85 -8.16 -8.95 -0.79
C TYR A 85 -7.41 -10.20 -1.26
N ALA A 86 -6.09 -10.17 -1.18
CA ALA A 86 -5.27 -11.31 -1.56
C ALA A 86 -5.39 -12.44 -0.55
N VAL A 87 -5.52 -12.09 0.73
CA VAL A 87 -5.70 -13.08 1.78
C VAL A 87 -7.04 -13.80 1.63
N GLN A 88 -8.06 -13.04 1.21
CA GLN A 88 -9.41 -13.59 1.03
C GLN A 88 -9.41 -14.80 0.10
N ASN A 89 -8.54 -14.76 -0.91
CA ASN A 89 -8.49 -15.82 -1.91
C ASN A 89 -7.47 -16.89 -1.55
N ASP A 90 -6.82 -16.72 -0.39
CA ASP A 90 -5.76 -17.63 0.07
C ASP A 90 -4.59 -17.63 -0.93
N TYR A 91 -4.50 -16.57 -1.71
CA TYR A 91 -3.54 -16.51 -2.80
C TYR A 91 -2.12 -16.39 -2.27
N ILE A 92 -1.92 -15.58 -1.25
CA ILE A 92 -0.57 -15.31 -0.76
C ILE A 92 -0.15 -16.26 0.37
N ASP A 93 -0.46 -15.90 1.61
CA ASP A 93 -0.11 -16.71 2.78
C ASP A 93 -0.48 -15.97 4.05
N SER A 94 0.32 -14.99 4.42
CA SER A 94 0.07 -14.16 5.59
C SER A 94 -0.58 -12.86 5.16
N ASN A 95 -0.82 -11.96 6.11
CA ASN A 95 -1.40 -10.67 5.82
C ASN A 95 -0.41 -9.56 6.15
N PRO A 96 0.45 -9.20 5.18
CA PRO A 96 1.48 -8.19 5.37
C PRO A 96 0.90 -6.77 5.34
N ALA A 97 1.81 -5.80 5.41
CA ALA A 97 1.45 -4.37 5.42
C ALA A 97 0.57 -4.00 6.62
N SER A 98 0.46 -4.92 7.57
CA SER A 98 -0.37 -4.72 8.74
C SER A 98 0.32 -3.79 9.75
N ASP A 99 1.51 -4.17 10.19
CA ASP A 99 2.27 -3.36 11.14
C ASP A 99 3.08 -2.31 10.39
N MET A 100 2.78 -2.17 9.11
CA MET A 100 3.49 -1.22 8.26
C MET A 100 2.90 0.18 8.42
N ALA A 101 3.44 0.91 9.38
CA ALA A 101 3.00 2.27 9.64
C ALA A 101 4.19 3.22 9.58
N GLY A 102 4.07 4.26 8.77
CA GLY A 102 5.12 5.24 8.65
C GLY A 102 5.04 6.28 9.76
N ALA A 103 6.10 6.38 10.56
CA ALA A 103 6.14 7.35 11.64
C ALA A 103 6.91 8.59 11.19
N LEU A 104 6.16 9.57 10.68
CA LEU A 104 6.76 10.82 10.22
C LEU A 104 7.35 11.60 11.40
N SER A 105 6.50 11.89 12.37
CA SER A 105 6.94 12.54 13.59
C SER A 105 6.42 11.76 14.79
N THR A 106 5.89 10.57 14.52
CA THR A 106 5.34 9.73 15.56
C THR A 106 6.46 9.11 16.39
N THR A 107 6.69 9.69 17.53
CA THR A 107 7.70 9.23 18.45
C THR A 107 7.06 8.51 19.63
N LYS A 108 7.83 7.68 20.32
CA LYS A 108 7.31 6.96 21.46
C LYS A 108 8.12 7.28 22.71
N ALA A 109 7.83 6.55 23.76
CA ALA A 109 8.58 6.59 25.00
C ALA A 109 8.71 5.18 25.52
N ARG A 110 8.37 4.23 24.66
CA ARG A 110 8.38 2.83 25.00
C ARG A 110 9.43 2.11 24.16
N HIS A 111 10.54 1.76 24.78
CA HIS A 111 11.60 1.04 24.10
C HIS A 111 11.88 -0.25 24.86
N TYR A 112 11.12 -1.27 24.53
CA TYR A 112 11.22 -2.54 25.22
C TYR A 112 10.87 -3.67 24.27
N PRO A 113 11.89 -4.28 23.68
CA PRO A 113 11.71 -5.42 22.78
C PRO A 113 11.66 -6.74 23.54
N LEU A 114 11.44 -7.80 22.80
CA LEU A 114 11.47 -9.13 23.39
C LEU A 114 12.78 -9.81 23.00
N GLU A 115 13.11 -9.69 21.72
CA GLU A 115 14.34 -10.27 21.16
C GLU A 115 14.47 -11.73 21.56
N HIS A 116 13.50 -12.52 21.15
CA HIS A 116 13.52 -13.96 21.39
C HIS A 116 13.36 -14.67 20.05
N HIS A 117 14.49 -15.00 19.42
CA HIS A 117 14.47 -15.59 18.08
C HIS A 117 13.61 -16.85 18.05
N HIS A 118 12.54 -16.79 17.27
CA HIS A 118 11.62 -17.91 17.10
C HIS A 118 12.34 -19.10 16.50
N HIS A 119 11.99 -20.30 16.96
CA HIS A 119 12.65 -21.52 16.52
C HIS A 119 12.24 -21.86 15.10
N HIS A 120 13.22 -21.87 14.21
CA HIS A 120 12.99 -22.11 12.79
C HIS A 120 12.64 -23.57 12.55
N HIS A 121 11.69 -23.81 11.66
CA HIS A 121 11.33 -25.17 11.27
C HIS A 121 11.58 -25.35 9.78
N MET A 1 -8.16 -5.21 -21.10
CA MET A 1 -7.09 -5.80 -21.93
C MET A 1 -6.04 -6.43 -21.03
N GLU A 2 -5.25 -7.35 -21.61
CA GLU A 2 -4.24 -8.12 -20.86
C GLU A 2 -4.91 -9.05 -19.87
N ASN A 3 -6.20 -9.27 -20.09
CA ASN A 3 -6.99 -10.12 -19.22
C ASN A 3 -6.74 -11.60 -19.55
N SER A 4 -5.53 -12.04 -19.24
CA SER A 4 -5.13 -13.43 -19.42
C SER A 4 -4.34 -13.89 -18.20
N GLY A 5 -4.78 -13.39 -17.04
CA GLY A 5 -4.06 -13.63 -15.81
C GLY A 5 -3.56 -12.33 -15.23
N ALA A 6 -2.30 -12.00 -15.55
CA ALA A 6 -1.70 -10.74 -15.13
C ALA A 6 -1.84 -10.51 -13.63
N TYR A 7 -1.23 -11.38 -12.85
CA TYR A 7 -1.34 -11.35 -11.39
C TYR A 7 -0.46 -10.25 -10.77
N THR A 8 -0.37 -9.13 -11.47
CA THR A 8 0.42 -8.00 -11.02
C THR A 8 -0.26 -7.30 -9.83
N PHE A 9 0.51 -6.54 -9.08
CA PHE A 9 0.04 -5.88 -7.86
C PHE A 9 -1.22 -5.05 -8.11
N GLU A 10 -1.23 -4.26 -9.18
CA GLU A 10 -2.34 -3.34 -9.44
C GLU A 10 -3.60 -4.10 -9.86
N THR A 11 -3.43 -5.21 -10.56
CA THR A 11 -4.55 -5.95 -11.13
C THR A 11 -5.60 -6.32 -10.08
N ILE A 12 -5.17 -6.84 -8.94
CA ILE A 12 -6.10 -7.23 -7.88
C ILE A 12 -6.62 -5.99 -7.15
N ALA A 13 -5.78 -4.97 -7.04
CA ALA A 13 -6.17 -3.72 -6.43
C ALA A 13 -7.21 -3.01 -7.28
N ARG A 14 -7.13 -3.24 -8.58
CA ARG A 14 -8.03 -2.63 -9.55
C ARG A 14 -9.49 -2.95 -9.25
N GLU A 15 -9.71 -4.09 -8.64
CA GLU A 15 -11.06 -4.55 -8.30
C GLU A 15 -11.81 -3.48 -7.49
N TRP A 16 -11.23 -3.05 -6.37
CA TRP A 16 -11.83 -1.97 -5.58
C TRP A 16 -11.50 -0.61 -6.21
N HIS A 17 -10.36 -0.55 -6.90
CA HIS A 17 -9.96 0.63 -7.67
C HIS A 17 -11.09 1.11 -8.59
N GLU A 18 -11.75 0.18 -9.28
CA GLU A 18 -12.86 0.52 -10.18
C GLU A 18 -14.02 1.16 -9.41
N SER A 19 -14.06 0.94 -8.10
CA SER A 19 -15.14 1.47 -7.28
C SER A 19 -14.61 2.55 -6.32
N ASN A 20 -13.42 3.07 -6.61
CA ASN A 20 -12.82 4.09 -5.77
C ASN A 20 -13.51 5.43 -5.95
N LYS A 21 -13.81 5.78 -7.19
CA LYS A 21 -14.48 7.04 -7.49
C LYS A 21 -15.44 6.89 -8.66
N ARG A 22 -14.91 6.61 -9.84
CA ARG A 22 -15.75 6.45 -11.04
C ARG A 22 -14.95 5.73 -12.11
N TRP A 23 -15.65 5.03 -13.00
CA TRP A 23 -15.01 4.25 -14.04
C TRP A 23 -14.50 5.13 -15.17
N SER A 24 -13.25 4.87 -15.56
CA SER A 24 -12.57 5.61 -16.61
C SER A 24 -11.18 5.01 -16.75
N GLU A 25 -11.14 3.68 -16.70
CA GLU A 25 -9.93 2.92 -16.49
C GLU A 25 -8.83 3.15 -17.51
N ASP A 26 -9.16 3.60 -18.71
CA ASP A 26 -8.15 3.83 -19.76
C ASP A 26 -7.01 4.70 -19.24
N HIS A 27 -7.31 5.58 -18.29
CA HIS A 27 -6.30 6.46 -17.70
C HIS A 27 -5.16 5.68 -17.04
N ARG A 28 -5.45 4.45 -16.58
CA ARG A 28 -4.48 3.66 -15.80
C ARG A 28 -3.17 3.47 -16.57
N SER A 29 -3.26 3.30 -17.89
CA SER A 29 -2.08 3.04 -18.71
C SER A 29 -1.25 4.32 -18.87
N ARG A 30 -1.94 5.45 -18.87
CA ARG A 30 -1.30 6.75 -19.00
C ARG A 30 -0.65 7.16 -17.68
N VAL A 31 -1.36 6.89 -16.59
CA VAL A 31 -0.89 7.21 -15.25
C VAL A 31 0.30 6.33 -14.85
N LEU A 32 0.51 5.23 -15.58
CA LEU A 32 1.59 4.29 -15.28
C LEU A 32 2.94 5.00 -15.14
N ARG A 33 3.17 6.04 -15.93
CA ARG A 33 4.44 6.78 -15.87
C ARG A 33 4.66 7.40 -14.49
N TYR A 34 3.56 7.74 -13.82
CA TYR A 34 3.63 8.25 -12.46
C TYR A 34 3.75 7.10 -11.48
N LEU A 35 2.99 6.04 -11.75
CA LEU A 35 2.94 4.88 -10.88
C LEU A 35 4.31 4.23 -10.76
N GLU A 36 5.00 4.04 -11.88
CA GLU A 36 6.30 3.38 -11.89
C GLU A 36 7.31 4.07 -10.96
N LEU A 37 7.23 5.39 -10.86
CA LEU A 37 8.23 6.15 -10.13
C LEU A 37 7.83 6.42 -8.69
N TYR A 38 6.58 6.83 -8.47
CA TYR A 38 6.16 7.27 -7.14
C TYR A 38 5.56 6.11 -6.34
N ILE A 39 5.16 5.06 -7.04
CA ILE A 39 4.49 3.95 -6.41
C ILE A 39 5.33 2.70 -6.61
N PHE A 40 5.73 2.13 -5.49
CA PHE A 40 6.62 0.96 -5.45
C PHE A 40 7.81 1.11 -6.42
N PRO A 41 8.65 2.16 -6.23
CA PRO A 41 9.72 2.51 -7.18
C PRO A 41 10.77 1.42 -7.39
N HIS A 42 11.28 0.85 -6.30
CA HIS A 42 12.34 -0.14 -6.39
C HIS A 42 11.79 -1.55 -6.27
N ILE A 43 10.51 -1.65 -5.97
CA ILE A 43 9.88 -2.94 -5.71
C ILE A 43 8.84 -3.27 -6.77
N GLY A 44 8.91 -2.55 -7.90
CA GLY A 44 7.94 -2.72 -8.96
C GLY A 44 7.95 -4.10 -9.61
N SER A 45 8.91 -4.94 -9.23
CA SER A 45 8.95 -6.30 -9.73
C SER A 45 8.18 -7.25 -8.81
N SER A 46 7.64 -6.70 -7.73
CA SER A 46 6.90 -7.50 -6.77
C SER A 46 5.41 -7.51 -7.11
N ASP A 47 4.87 -8.70 -7.35
CA ASP A 47 3.46 -8.85 -7.65
C ASP A 47 2.68 -8.94 -6.35
N ILE A 48 1.37 -8.76 -6.42
CA ILE A 48 0.53 -8.84 -5.23
C ILE A 48 0.39 -10.29 -4.78
N ARG A 49 0.65 -11.22 -5.70
CA ARG A 49 0.63 -12.65 -5.38
C ARG A 49 1.90 -13.04 -4.63
N GLN A 50 2.85 -12.12 -4.56
CA GLN A 50 4.08 -12.34 -3.83
C GLN A 50 4.52 -11.05 -3.15
N LEU A 51 3.76 -10.66 -2.14
CA LEU A 51 4.03 -9.42 -1.43
C LEU A 51 5.12 -9.68 -0.38
N LYS A 52 5.97 -8.68 -0.18
CA LYS A 52 7.17 -8.86 0.63
C LYS A 52 7.03 -8.15 1.98
N THR A 53 8.04 -8.30 2.82
CA THR A 53 8.04 -7.74 4.16
C THR A 53 8.46 -6.27 4.13
N SER A 54 8.83 -5.72 5.28
CA SER A 54 9.07 -4.28 5.45
C SER A 54 10.26 -3.75 4.63
N HIS A 55 10.88 -4.57 3.80
CA HIS A 55 12.00 -4.12 2.99
C HIS A 55 11.49 -3.22 1.88
N LEU A 56 10.25 -3.48 1.46
CA LEU A 56 9.60 -2.69 0.43
C LEU A 56 9.26 -1.28 0.92
N LEU A 57 9.28 -1.10 2.24
CA LEU A 57 8.95 0.18 2.84
C LEU A 57 10.15 1.13 2.79
N ALA A 58 11.34 0.55 2.62
CA ALA A 58 12.58 1.33 2.59
C ALA A 58 12.56 2.40 1.48
N PRO A 59 12.25 2.03 0.21
CA PRO A 59 12.18 3.01 -0.87
C PRO A 59 11.13 4.09 -0.63
N ILE A 60 10.09 3.76 0.12
CA ILE A 60 9.01 4.69 0.42
C ILE A 60 9.50 5.75 1.41
N LYS A 61 10.53 5.39 2.18
CA LYS A 61 11.10 6.29 3.18
C LYS A 61 11.68 7.54 2.53
N GLU A 62 12.05 7.43 1.25
CA GLU A 62 12.59 8.56 0.52
C GLU A 62 11.65 9.76 0.56
N VAL A 63 10.36 9.51 0.36
CA VAL A 63 9.37 10.59 0.34
C VAL A 63 9.06 11.06 1.74
N ASP A 64 9.15 10.15 2.71
CA ASP A 64 8.97 10.47 4.12
C ASP A 64 10.02 11.49 4.56
N THR A 65 11.27 11.22 4.24
CA THR A 65 12.37 12.10 4.56
C THR A 65 12.37 13.34 3.66
N SER A 66 11.64 13.26 2.55
CA SER A 66 11.54 14.38 1.61
C SER A 66 10.50 15.39 2.09
N GLY A 67 10.01 15.19 3.30
CA GLY A 67 9.09 16.15 3.89
C GLY A 67 7.64 15.76 3.74
N LYS A 68 7.40 14.58 3.21
CA LYS A 68 6.05 14.08 3.04
C LYS A 68 5.85 12.77 3.80
N HIS A 69 5.87 12.87 5.13
CA HIS A 69 5.77 11.68 5.97
C HIS A 69 4.33 11.14 5.98
N ASP A 70 3.37 12.01 5.68
CA ASP A 70 1.97 11.63 5.69
C ASP A 70 1.67 10.69 4.54
N VAL A 71 2.06 11.09 3.33
CA VAL A 71 1.81 10.28 2.15
C VAL A 71 2.53 8.94 2.25
N ALA A 72 3.70 8.93 2.88
CA ALA A 72 4.46 7.71 3.09
C ALA A 72 3.63 6.70 3.90
N GLN A 73 2.92 7.19 4.89
CA GLN A 73 2.03 6.37 5.70
C GLN A 73 0.80 5.99 4.90
N ARG A 74 0.22 6.97 4.22
CA ARG A 74 -0.95 6.74 3.38
C ARG A 74 -0.69 5.67 2.33
N LEU A 75 0.53 5.65 1.80
CA LEU A 75 0.92 4.63 0.84
C LEU A 75 0.97 3.25 1.50
N GLN A 76 1.74 3.14 2.57
CA GLN A 76 1.97 1.85 3.22
C GLN A 76 0.69 1.27 3.81
N GLN A 77 -0.10 2.11 4.46
CA GLN A 77 -1.31 1.65 5.13
C GLN A 77 -2.38 1.21 4.12
N ARG A 78 -2.43 1.87 2.97
CA ARG A 78 -3.41 1.49 1.95
C ARG A 78 -3.05 0.16 1.31
N VAL A 79 -1.78 -0.23 1.41
CA VAL A 79 -1.32 -1.50 0.88
C VAL A 79 -2.04 -2.67 1.57
N THR A 80 -2.37 -2.48 2.85
CA THR A 80 -3.06 -3.52 3.61
C THR A 80 -4.44 -3.78 3.03
N ALA A 81 -5.12 -2.71 2.60
CA ALA A 81 -6.43 -2.83 1.99
C ALA A 81 -6.32 -3.49 0.61
N ILE A 82 -5.27 -3.11 -0.11
CA ILE A 82 -4.98 -3.71 -1.42
C ILE A 82 -4.78 -5.22 -1.27
N MET A 83 -3.92 -5.57 -0.34
CA MET A 83 -3.56 -6.97 -0.11
C MET A 83 -4.72 -7.74 0.52
N ARG A 84 -5.57 -7.04 1.25
CA ARG A 84 -6.67 -7.67 1.97
C ARG A 84 -7.58 -8.45 1.04
N TYR A 85 -7.86 -7.90 -0.13
CA TYR A 85 -8.72 -8.55 -1.09
C TYR A 85 -8.09 -9.85 -1.60
N ALA A 86 -6.77 -9.86 -1.70
CA ALA A 86 -6.03 -11.04 -2.12
C ALA A 86 -6.04 -12.10 -1.02
N VAL A 87 -5.88 -11.65 0.21
CA VAL A 87 -5.91 -12.54 1.36
C VAL A 87 -7.32 -13.10 1.56
N GLN A 88 -8.32 -12.26 1.33
CA GLN A 88 -9.73 -12.67 1.43
C GLN A 88 -10.02 -13.83 0.50
N ASN A 89 -9.48 -13.77 -0.72
CA ASN A 89 -9.68 -14.84 -1.69
C ASN A 89 -8.67 -15.96 -1.50
N ASP A 90 -7.88 -15.83 -0.44
CA ASP A 90 -6.92 -16.87 -0.01
C ASP A 90 -5.92 -17.20 -1.12
N TYR A 91 -5.52 -16.18 -1.88
CA TYR A 91 -4.53 -16.38 -2.93
C TYR A 91 -3.18 -16.78 -2.33
N ILE A 92 -2.87 -16.23 -1.16
CA ILE A 92 -1.58 -16.46 -0.53
C ILE A 92 -1.71 -16.88 0.93
N ASP A 93 -2.73 -16.34 1.62
CA ASP A 93 -2.93 -16.61 3.05
C ASP A 93 -1.68 -16.26 3.85
N SER A 94 -1.19 -15.06 3.63
CA SER A 94 -0.01 -14.56 4.33
C SER A 94 -0.05 -13.04 4.39
N ASN A 95 0.51 -12.46 5.44
CA ASN A 95 0.52 -11.00 5.61
C ASN A 95 1.87 -10.51 6.13
N PRO A 96 2.82 -10.26 5.23
CA PRO A 96 4.12 -9.66 5.58
C PRO A 96 4.01 -8.14 5.72
N ALA A 97 2.87 -7.60 5.32
CA ALA A 97 2.62 -6.16 5.39
C ALA A 97 1.81 -5.83 6.63
N SER A 98 1.86 -6.72 7.61
CA SER A 98 1.06 -6.56 8.82
C SER A 98 1.78 -5.68 9.84
N ASP A 99 3.03 -6.03 10.13
CA ASP A 99 3.80 -5.31 11.14
C ASP A 99 4.42 -4.04 10.58
N MET A 100 4.76 -4.06 9.30
CA MET A 100 5.42 -2.92 8.67
C MET A 100 4.51 -1.69 8.61
N ALA A 101 3.21 -1.93 8.58
CA ALA A 101 2.25 -0.83 8.55
C ALA A 101 1.98 -0.35 9.96
N GLY A 102 2.84 0.55 10.44
CA GLY A 102 2.71 1.07 11.78
C GLY A 102 2.46 2.56 11.78
N ALA A 103 1.66 3.03 12.72
CA ALA A 103 1.29 4.43 12.76
C ALA A 103 2.30 5.23 13.58
N LEU A 104 3.22 5.86 12.87
CA LEU A 104 4.21 6.73 13.51
C LEU A 104 3.58 8.08 13.85
N SER A 105 2.30 8.23 13.49
CA SER A 105 1.53 9.42 13.78
C SER A 105 0.91 9.31 15.17
N THR A 106 1.42 8.38 15.96
CA THR A 106 0.96 8.15 17.32
C THR A 106 1.41 9.27 18.27
N THR A 107 2.13 10.24 17.73
CA THR A 107 2.57 11.40 18.48
C THR A 107 1.38 12.26 18.89
N LYS A 108 1.24 12.50 20.19
CA LYS A 108 0.14 13.28 20.76
C LYS A 108 -1.16 12.47 20.70
N ALA A 109 -2.06 12.78 21.63
CA ALA A 109 -3.35 12.08 21.70
C ALA A 109 -4.35 12.90 22.50
N ARG A 110 -4.07 13.05 23.78
CA ARG A 110 -4.94 13.79 24.68
C ARG A 110 -4.11 14.63 25.64
N HIS A 111 -4.40 15.92 25.69
CA HIS A 111 -3.72 16.83 26.60
C HIS A 111 -4.76 17.47 27.50
N TYR A 112 -5.74 16.66 27.89
CA TYR A 112 -6.93 17.10 28.63
C TYR A 112 -7.85 17.93 27.73
N PRO A 113 -9.16 17.74 27.86
CA PRO A 113 -10.14 18.53 27.12
C PRO A 113 -10.08 20.00 27.50
N LEU A 114 -9.66 20.81 26.56
CA LEU A 114 -9.48 22.23 26.78
C LEU A 114 -10.76 22.99 26.44
N GLU A 115 -11.66 22.31 25.74
CA GLU A 115 -12.94 22.89 25.38
C GLU A 115 -14.04 21.89 25.71
N HIS A 116 -15.17 22.39 26.18
CA HIS A 116 -16.28 21.51 26.56
C HIS A 116 -17.31 21.40 25.44
N HIS A 117 -18.14 20.36 25.51
CA HIS A 117 -19.14 20.10 24.47
C HIS A 117 -20.52 19.97 25.10
N HIS A 118 -21.55 20.13 24.28
CA HIS A 118 -22.93 20.11 24.78
C HIS A 118 -23.59 18.76 24.54
N HIS A 119 -23.49 17.89 25.56
CA HIS A 119 -24.12 16.57 25.52
C HIS A 119 -23.93 15.90 26.88
N HIS A 120 -24.44 16.55 27.92
CA HIS A 120 -24.37 16.01 29.27
C HIS A 120 -25.11 16.92 30.24
N HIS A 121 -25.71 16.32 31.27
CA HIS A 121 -26.33 17.07 32.33
C HIS A 121 -26.08 16.34 33.64
N MET A 1 3.59 -12.37 -16.96
CA MET A 1 3.44 -11.49 -15.77
C MET A 1 3.29 -10.03 -16.19
N GLU A 2 4.31 -9.53 -16.87
CA GLU A 2 4.33 -8.15 -17.37
C GLU A 2 3.14 -7.89 -18.29
N ASN A 3 2.80 -8.89 -19.10
CA ASN A 3 1.62 -8.82 -19.95
C ASN A 3 0.67 -9.95 -19.58
N SER A 4 0.07 -9.85 -18.40
CA SER A 4 -0.84 -10.86 -17.90
C SER A 4 -1.88 -10.22 -16.98
N GLY A 5 -3.08 -10.76 -16.99
CA GLY A 5 -4.13 -10.26 -16.12
C GLY A 5 -4.81 -11.37 -15.35
N ALA A 6 -4.02 -12.34 -14.93
CA ALA A 6 -4.56 -13.49 -14.20
C ALA A 6 -4.69 -13.18 -12.71
N TYR A 7 -3.56 -13.09 -12.03
CA TYR A 7 -3.55 -12.77 -10.60
C TYR A 7 -2.58 -11.63 -10.34
N THR A 8 -2.17 -11.00 -11.44
CA THR A 8 -1.11 -9.98 -11.42
C THR A 8 -1.32 -8.94 -10.32
N PHE A 9 -0.25 -8.68 -9.58
CA PHE A 9 -0.27 -7.72 -8.47
C PHE A 9 -0.76 -6.35 -8.93
N GLU A 10 -0.37 -5.96 -10.13
CA GLU A 10 -0.78 -4.67 -10.69
C GLU A 10 -2.28 -4.65 -10.93
N THR A 11 -2.79 -5.74 -11.51
CA THR A 11 -4.22 -5.86 -11.79
C THR A 11 -5.03 -5.77 -10.50
N ILE A 12 -4.55 -6.45 -9.47
CA ILE A 12 -5.21 -6.45 -8.17
C ILE A 12 -5.24 -5.04 -7.58
N ALA A 13 -4.15 -4.29 -7.78
CA ALA A 13 -4.04 -2.93 -7.30
C ALA A 13 -5.08 -2.03 -7.96
N ARG A 14 -5.47 -2.36 -9.18
CA ARG A 14 -6.49 -1.60 -9.89
C ARG A 14 -7.88 -1.89 -9.33
N GLU A 15 -8.10 -3.14 -8.94
CA GLU A 15 -9.43 -3.60 -8.51
C GLU A 15 -9.98 -2.73 -7.37
N TRP A 16 -9.23 -2.65 -6.28
CA TRP A 16 -9.68 -1.88 -5.13
C TRP A 16 -9.53 -0.38 -5.38
N HIS A 17 -8.56 0.00 -6.22
CA HIS A 17 -8.31 1.41 -6.51
C HIS A 17 -9.46 2.02 -7.31
N GLU A 18 -9.97 1.28 -8.29
CA GLU A 18 -11.00 1.80 -9.19
C GLU A 18 -12.32 2.05 -8.46
N SER A 19 -12.37 1.69 -7.18
CA SER A 19 -13.49 2.04 -6.34
C SER A 19 -13.60 3.57 -6.24
N ASN A 20 -12.45 4.22 -6.42
CA ASN A 20 -12.38 5.68 -6.42
C ASN A 20 -11.78 6.17 -7.74
N LYS A 21 -12.64 6.68 -8.63
CA LYS A 21 -12.22 7.24 -9.91
C LYS A 21 -11.78 6.15 -10.88
N ARG A 22 -12.57 5.93 -11.92
CA ARG A 22 -12.25 4.89 -12.91
C ARG A 22 -12.80 5.24 -14.29
N TRP A 23 -14.00 5.82 -14.33
CA TRP A 23 -14.72 6.05 -15.59
C TRP A 23 -13.99 7.01 -16.51
N SER A 24 -13.09 7.81 -15.96
CA SER A 24 -12.28 8.69 -16.77
C SER A 24 -11.10 7.91 -17.33
N GLU A 25 -11.41 7.03 -18.27
CA GLU A 25 -10.46 6.09 -18.84
C GLU A 25 -9.32 6.80 -19.58
N ASP A 26 -9.61 8.01 -20.05
CA ASP A 26 -8.61 8.85 -20.71
C ASP A 26 -7.36 8.97 -19.86
N HIS A 27 -7.56 9.17 -18.56
CA HIS A 27 -6.47 9.36 -17.62
C HIS A 27 -5.77 8.05 -17.30
N ARG A 28 -6.50 6.93 -17.43
CA ARG A 28 -6.00 5.60 -17.06
C ARG A 28 -4.63 5.30 -17.69
N SER A 29 -4.43 5.75 -18.92
CA SER A 29 -3.16 5.55 -19.61
C SER A 29 -2.01 6.21 -18.84
N ARG A 30 -2.29 7.41 -18.33
CA ARG A 30 -1.28 8.20 -17.63
C ARG A 30 -1.11 7.72 -16.18
N VAL A 31 -2.20 7.27 -15.56
CA VAL A 31 -2.12 6.76 -14.21
C VAL A 31 -1.48 5.37 -14.20
N LEU A 32 -1.41 4.76 -15.37
CA LEU A 32 -0.72 3.50 -15.54
C LEU A 32 0.77 3.69 -15.21
N ARG A 33 1.39 4.65 -15.87
CA ARG A 33 2.81 4.96 -15.61
C ARG A 33 2.96 5.64 -14.24
N TYR A 34 1.93 6.38 -13.84
CA TYR A 34 1.90 7.07 -12.55
C TYR A 34 1.98 6.05 -11.41
N LEU A 35 1.47 4.86 -11.68
CA LEU A 35 1.46 3.76 -10.74
C LEU A 35 2.90 3.39 -10.34
N GLU A 36 3.76 3.25 -11.33
CA GLU A 36 5.15 2.82 -11.10
C GLU A 36 6.00 3.93 -10.50
N LEU A 37 5.67 5.17 -10.83
CA LEU A 37 6.48 6.31 -10.41
C LEU A 37 6.14 6.78 -9.00
N TYR A 38 4.97 6.41 -8.51
CA TYR A 38 4.54 6.85 -7.19
C TYR A 38 4.14 5.68 -6.29
N ILE A 39 3.16 4.91 -6.72
CA ILE A 39 2.54 3.89 -5.88
C ILE A 39 3.52 2.75 -5.58
N PHE A 40 4.08 2.16 -6.62
CA PHE A 40 5.06 1.09 -6.45
C PHE A 40 6.35 1.44 -7.18
N PRO A 41 7.15 2.36 -6.63
CA PRO A 41 8.38 2.82 -7.26
C PRO A 41 9.49 1.75 -7.22
N HIS A 42 9.82 1.30 -6.02
CA HIS A 42 10.90 0.32 -5.84
C HIS A 42 10.37 -1.08 -5.58
N ILE A 43 9.09 -1.18 -5.22
CA ILE A 43 8.53 -2.47 -4.83
C ILE A 43 7.66 -3.06 -5.93
N GLY A 44 7.75 -2.49 -7.12
CA GLY A 44 6.95 -2.96 -8.24
C GLY A 44 7.49 -4.25 -8.87
N SER A 45 8.51 -4.82 -8.24
CA SER A 45 9.11 -6.04 -8.73
C SER A 45 8.59 -7.26 -7.96
N SER A 46 7.75 -7.01 -6.96
CA SER A 46 7.24 -8.06 -6.12
C SER A 46 5.92 -8.62 -6.66
N ASP A 47 5.83 -9.94 -6.72
CA ASP A 47 4.59 -10.61 -7.11
C ASP A 47 3.65 -10.64 -5.91
N ILE A 48 2.35 -10.68 -6.17
CA ILE A 48 1.36 -10.53 -5.11
C ILE A 48 1.44 -11.69 -4.11
N ARG A 49 1.87 -12.86 -4.58
CA ARG A 49 1.99 -14.02 -3.71
C ARG A 49 3.33 -14.00 -2.96
N GLN A 50 4.12 -12.95 -3.17
CA GLN A 50 5.40 -12.80 -2.50
C GLN A 50 5.62 -11.35 -2.09
N LEU A 51 4.92 -10.94 -1.06
CA LEU A 51 5.08 -9.62 -0.50
C LEU A 51 6.02 -9.67 0.71
N LYS A 52 6.54 -8.53 1.09
CA LYS A 52 7.46 -8.46 2.23
C LYS A 52 6.81 -7.72 3.39
N THR A 53 7.35 -7.91 4.58
CA THR A 53 6.90 -7.18 5.76
C THR A 53 7.37 -5.72 5.68
N SER A 54 7.35 -5.03 6.81
CA SER A 54 7.73 -3.61 6.89
C SER A 54 9.07 -3.29 6.20
N HIS A 55 9.84 -4.32 5.90
CA HIS A 55 11.11 -4.17 5.18
C HIS A 55 10.88 -3.50 3.82
N LEU A 56 9.72 -3.73 3.22
CA LEU A 56 9.42 -3.16 1.91
C LEU A 56 9.24 -1.64 2.02
N LEU A 57 9.04 -1.17 3.24
CA LEU A 57 8.86 0.26 3.49
C LEU A 57 10.21 0.98 3.44
N ALA A 58 11.29 0.22 3.55
CA ALA A 58 12.63 0.80 3.49
C ALA A 58 12.90 1.47 2.13
N PRO A 59 12.64 0.78 1.00
CA PRO A 59 12.74 1.43 -0.32
C PRO A 59 11.72 2.55 -0.51
N ILE A 60 10.55 2.38 0.11
CA ILE A 60 9.48 3.35 -0.01
C ILE A 60 9.78 4.60 0.83
N LYS A 61 10.63 4.43 1.84
CA LYS A 61 10.89 5.51 2.79
C LYS A 61 11.56 6.70 2.11
N GLU A 62 12.22 6.44 0.99
CA GLU A 62 12.81 7.51 0.19
C GLU A 62 11.71 8.52 -0.18
N VAL A 63 10.50 8.03 -0.35
CA VAL A 63 9.36 8.86 -0.69
C VAL A 63 8.84 9.63 0.53
N ASP A 64 8.92 9.05 1.72
CA ASP A 64 8.41 9.73 2.91
C ASP A 64 9.26 10.97 3.21
N THR A 65 10.54 10.87 2.95
CA THR A 65 11.45 11.96 3.22
C THR A 65 11.43 13.02 2.10
N SER A 66 11.24 12.58 0.87
CA SER A 66 11.32 13.47 -0.28
C SER A 66 9.94 13.91 -0.77
N GLY A 67 8.98 12.99 -0.80
CA GLY A 67 7.68 13.29 -1.36
C GLY A 67 6.57 13.23 -0.32
N LYS A 68 6.84 13.80 0.85
CA LYS A 68 5.87 13.90 1.93
C LYS A 68 5.50 12.54 2.51
N HIS A 69 5.93 12.31 3.74
CA HIS A 69 5.60 11.09 4.46
C HIS A 69 4.10 10.99 4.68
N ASP A 70 3.44 12.14 4.69
CA ASP A 70 1.99 12.18 4.82
C ASP A 70 1.34 11.40 3.70
N VAL A 71 1.82 11.61 2.48
CA VAL A 71 1.33 10.89 1.32
C VAL A 71 1.83 9.45 1.33
N ALA A 72 3.14 9.29 1.61
CA ALA A 72 3.78 7.99 1.60
C ALA A 72 3.13 7.01 2.56
N GLN A 73 2.83 7.48 3.77
CA GLN A 73 2.20 6.66 4.79
C GLN A 73 0.80 6.24 4.35
N ARG A 74 0.02 7.21 3.90
CA ARG A 74 -1.33 6.93 3.43
C ARG A 74 -1.28 5.98 2.23
N LEU A 75 -0.21 6.09 1.45
CA LEU A 75 0.01 5.21 0.31
C LEU A 75 0.33 3.79 0.78
N GLN A 76 1.31 3.65 1.68
CA GLN A 76 1.74 2.34 2.14
C GLN A 76 0.65 1.61 2.91
N GLN A 77 -0.15 2.37 3.64
CA GLN A 77 -1.33 1.83 4.31
C GLN A 77 -2.31 1.20 3.31
N ARG A 78 -2.28 1.68 2.07
CA ARG A 78 -3.14 1.12 1.02
C ARG A 78 -2.63 -0.26 0.59
N VAL A 79 -1.33 -0.49 0.76
CA VAL A 79 -0.74 -1.79 0.46
C VAL A 79 -1.25 -2.83 1.47
N THR A 80 -1.51 -2.36 2.68
CA THR A 80 -2.09 -3.20 3.72
C THR A 80 -3.48 -3.70 3.30
N ALA A 81 -4.18 -2.86 2.55
CA ALA A 81 -5.51 -3.20 2.05
C ALA A 81 -5.41 -4.23 0.93
N ILE A 82 -4.30 -4.20 0.19
CA ILE A 82 -4.06 -5.15 -0.89
C ILE A 82 -3.97 -6.56 -0.33
N MET A 83 -3.29 -6.69 0.81
CA MET A 83 -3.13 -7.98 1.46
C MET A 83 -4.48 -8.55 1.89
N ARG A 84 -5.40 -7.67 2.29
CA ARG A 84 -6.74 -8.09 2.66
C ARG A 84 -7.40 -8.81 1.48
N TYR A 85 -7.36 -8.15 0.33
CA TYR A 85 -7.93 -8.69 -0.90
C TYR A 85 -7.21 -9.99 -1.30
N ALA A 86 -5.90 -9.97 -1.18
CA ALA A 86 -5.07 -11.12 -1.53
C ALA A 86 -5.38 -12.34 -0.67
N VAL A 87 -5.68 -12.11 0.60
CA VAL A 87 -6.04 -13.20 1.50
C VAL A 87 -7.41 -13.76 1.19
N GLN A 88 -8.38 -12.85 0.97
CA GLN A 88 -9.75 -13.26 0.74
C GLN A 88 -9.90 -14.04 -0.57
N ASN A 89 -9.11 -13.65 -1.57
CA ASN A 89 -9.12 -14.34 -2.85
C ASN A 89 -8.11 -15.49 -2.85
N ASP A 90 -7.58 -15.78 -1.67
CA ASP A 90 -6.66 -16.90 -1.44
C ASP A 90 -5.46 -16.87 -2.38
N TYR A 91 -4.70 -15.79 -2.32
CA TYR A 91 -3.42 -15.71 -3.02
C TYR A 91 -2.28 -16.01 -2.06
N ILE A 92 -2.38 -15.46 -0.86
CA ILE A 92 -1.34 -15.61 0.14
C ILE A 92 -1.89 -16.25 1.41
N ASP A 93 -1.02 -16.94 2.14
CA ASP A 93 -1.39 -17.54 3.42
C ASP A 93 -0.86 -16.69 4.56
N SER A 94 0.26 -16.02 4.30
CA SER A 94 0.85 -15.12 5.26
C SER A 94 0.41 -13.69 4.99
N ASN A 95 0.27 -12.91 6.05
CA ASN A 95 -0.10 -11.51 5.92
C ASN A 95 1.10 -10.61 6.20
N PRO A 96 1.93 -10.34 5.18
CA PRO A 96 3.14 -9.53 5.33
C PRO A 96 2.81 -8.08 5.70
N ALA A 97 1.94 -7.46 4.92
CA ALA A 97 1.50 -6.11 5.18
C ALA A 97 0.33 -6.13 6.17
N SER A 98 0.61 -6.53 7.40
CA SER A 98 -0.38 -6.52 8.46
C SER A 98 -0.19 -5.25 9.29
N ASP A 99 0.93 -5.17 9.99
CA ASP A 99 1.30 -3.96 10.69
C ASP A 99 2.69 -3.54 10.27
N MET A 100 2.74 -2.78 9.18
CA MET A 100 4.00 -2.43 8.52
C MET A 100 4.45 -1.02 8.89
N ALA A 101 3.92 -0.51 9.99
CA ALA A 101 4.23 0.86 10.40
C ALA A 101 5.23 0.87 11.55
N GLY A 102 6.50 0.72 11.23
CA GLY A 102 7.53 0.77 12.25
C GLY A 102 8.92 0.48 11.70
N ALA A 103 9.13 0.76 10.42
CA ALA A 103 10.42 0.49 9.79
C ALA A 103 11.37 1.68 9.90
N LEU A 104 10.82 2.83 10.25
CA LEU A 104 11.61 4.04 10.36
C LEU A 104 12.06 4.29 11.80
N SER A 105 11.20 3.93 12.77
CA SER A 105 11.53 4.04 14.19
C SER A 105 11.81 5.50 14.57
N THR A 106 11.12 6.40 13.90
CA THR A 106 11.34 7.83 14.07
C THR A 106 10.73 8.34 15.38
N THR A 107 9.66 7.69 15.84
CA THR A 107 8.97 8.14 17.03
C THR A 107 9.78 7.82 18.29
N LYS A 108 9.62 8.65 19.30
CA LYS A 108 10.33 8.50 20.54
C LYS A 108 9.36 8.71 21.71
N ALA A 109 9.79 8.31 22.89
CA ALA A 109 9.01 8.50 24.11
C ALA A 109 9.76 9.40 25.08
N ARG A 110 10.97 8.98 25.46
CA ARG A 110 11.81 9.70 26.39
C ARG A 110 11.12 9.93 27.74
N HIS A 111 11.76 10.70 28.61
CA HIS A 111 11.21 10.98 29.93
C HIS A 111 11.92 12.16 30.58
N TYR A 112 11.49 12.52 31.76
CA TYR A 112 12.15 13.56 32.53
C TYR A 112 13.24 12.95 33.39
N PRO A 113 14.24 13.76 33.80
CA PRO A 113 15.33 13.29 34.64
C PRO A 113 14.87 12.94 36.04
N LEU A 114 15.71 12.23 36.76
CA LEU A 114 15.39 11.79 38.11
C LEU A 114 16.18 12.60 39.13
N GLU A 115 16.55 13.83 38.74
CA GLU A 115 17.27 14.73 39.63
C GLU A 115 16.53 14.86 40.96
N HIS A 116 17.14 14.39 42.02
CA HIS A 116 16.49 14.30 43.31
C HIS A 116 17.21 15.17 44.32
N HIS A 117 16.63 16.31 44.65
CA HIS A 117 17.26 17.25 45.56
C HIS A 117 16.43 17.44 46.83
N HIS A 118 17.05 17.18 47.95
CA HIS A 118 16.46 17.45 49.26
C HIS A 118 17.50 18.15 50.15
N HIS A 119 17.17 18.29 51.44
CA HIS A 119 18.08 18.85 52.44
C HIS A 119 18.26 20.35 52.25
N HIS A 120 17.29 21.00 51.62
CA HIS A 120 17.34 22.43 51.38
C HIS A 120 15.94 22.96 51.15
N HIS A 121 15.78 24.27 51.11
CA HIS A 121 14.47 24.88 50.93
C HIS A 121 14.34 25.43 49.51
N MET A 1 -12.70 -11.65 -31.65
CA MET A 1 -12.55 -11.46 -30.19
C MET A 1 -11.24 -12.04 -29.71
N GLU A 2 -10.29 -11.16 -29.44
CA GLU A 2 -8.96 -11.57 -29.02
C GLU A 2 -8.82 -11.53 -27.51
N ASN A 3 -9.55 -10.61 -26.88
CA ASN A 3 -9.47 -10.40 -25.43
C ASN A 3 -8.07 -9.94 -25.01
N SER A 4 -7.85 -9.84 -23.71
CA SER A 4 -6.56 -9.45 -23.17
C SER A 4 -6.27 -10.24 -21.89
N GLY A 5 -5.08 -10.03 -21.32
CA GLY A 5 -4.72 -10.73 -20.11
C GLY A 5 -3.98 -9.83 -19.13
N ALA A 6 -4.26 -10.01 -17.85
CA ALA A 6 -3.62 -9.24 -16.80
C ALA A 6 -3.50 -10.07 -15.53
N TYR A 7 -2.36 -9.99 -14.87
CA TYR A 7 -2.10 -10.81 -13.68
C TYR A 7 -1.07 -10.16 -12.76
N THR A 8 -0.94 -8.86 -12.83
CA THR A 8 0.05 -8.15 -12.03
C THR A 8 -0.56 -7.62 -10.74
N PHE A 9 0.28 -7.00 -9.91
CA PHE A 9 -0.19 -6.35 -8.69
C PHE A 9 -1.20 -5.27 -9.03
N GLU A 10 -0.99 -4.59 -10.15
CA GLU A 10 -1.88 -3.54 -10.62
C GLU A 10 -3.27 -4.11 -10.87
N THR A 11 -3.31 -5.33 -11.40
CA THR A 11 -4.57 -6.00 -11.72
C THR A 11 -5.45 -6.15 -10.47
N ILE A 12 -4.81 -6.39 -9.33
CA ILE A 12 -5.53 -6.54 -8.08
C ILE A 12 -6.17 -5.22 -7.66
N ALA A 13 -5.40 -4.14 -7.73
CA ALA A 13 -5.89 -2.82 -7.36
C ALA A 13 -6.88 -2.30 -8.39
N ARG A 14 -6.71 -2.75 -9.63
CA ARG A 14 -7.59 -2.38 -10.74
C ARG A 14 -9.01 -2.89 -10.47
N GLU A 15 -9.08 -4.10 -9.92
CA GLU A 15 -10.35 -4.78 -9.68
C GLU A 15 -11.30 -3.95 -8.81
N TRP A 16 -10.87 -3.61 -7.60
CA TRP A 16 -11.76 -2.99 -6.64
C TRP A 16 -11.95 -1.49 -6.90
N HIS A 17 -10.92 -0.82 -7.40
CA HIS A 17 -11.03 0.62 -7.64
C HIS A 17 -12.00 0.92 -8.80
N GLU A 18 -12.03 0.05 -9.80
CA GLU A 18 -12.85 0.32 -10.97
C GLU A 18 -14.32 -0.01 -10.70
N SER A 19 -14.56 -0.68 -9.57
CA SER A 19 -15.91 -0.97 -9.13
C SER A 19 -16.23 -0.15 -7.88
N ASN A 20 -15.40 0.84 -7.61
CA ASN A 20 -15.53 1.67 -6.42
C ASN A 20 -16.34 2.92 -6.72
N LYS A 21 -16.10 3.99 -5.97
CA LYS A 21 -16.89 5.23 -6.04
C LYS A 21 -17.15 5.67 -7.49
N ARG A 22 -16.10 5.88 -8.27
CA ARG A 22 -16.28 6.33 -9.64
C ARG A 22 -15.19 5.78 -10.55
N TRP A 23 -15.60 5.46 -11.79
CA TRP A 23 -14.71 4.92 -12.80
C TRP A 23 -13.50 5.83 -13.02
N SER A 24 -12.33 5.25 -13.13
CA SER A 24 -11.11 6.02 -13.30
C SER A 24 -10.25 5.45 -14.42
N GLU A 25 -10.84 4.59 -15.24
CA GLU A 25 -10.12 3.83 -16.26
C GLU A 25 -9.15 4.70 -17.08
N ASP A 26 -9.56 5.90 -17.45
CA ASP A 26 -8.73 6.78 -18.26
C ASP A 26 -7.57 7.34 -17.45
N HIS A 27 -7.89 7.91 -16.31
CA HIS A 27 -6.90 8.57 -15.46
C HIS A 27 -5.98 7.55 -14.80
N ARG A 28 -6.51 6.35 -14.63
CA ARG A 28 -5.78 5.24 -14.02
C ARG A 28 -4.45 5.01 -14.72
N SER A 29 -4.41 5.20 -16.03
CA SER A 29 -3.19 5.02 -16.80
C SER A 29 -2.08 5.96 -16.32
N ARG A 30 -2.48 7.17 -15.92
CA ARG A 30 -1.52 8.15 -15.42
C ARG A 30 -1.04 7.76 -14.03
N VAL A 31 -1.99 7.31 -13.21
CA VAL A 31 -1.70 6.86 -11.86
C VAL A 31 -0.82 5.61 -11.88
N LEU A 32 -1.10 4.74 -12.84
CA LEU A 32 -0.33 3.51 -13.04
C LEU A 32 1.15 3.84 -13.22
N ARG A 33 1.43 4.77 -14.13
CA ARG A 33 2.79 5.18 -14.40
C ARG A 33 3.43 5.79 -13.15
N TYR A 34 2.64 6.56 -12.42
CA TYR A 34 3.09 7.21 -11.20
C TYR A 34 3.48 6.17 -10.16
N LEU A 35 2.60 5.20 -9.91
CA LEU A 35 2.83 4.23 -8.83
C LEU A 35 3.92 3.23 -9.19
N GLU A 36 4.01 2.83 -10.45
CA GLU A 36 5.02 1.86 -10.84
C GLU A 36 6.42 2.47 -10.85
N LEU A 37 6.50 3.77 -11.10
CA LEU A 37 7.78 4.46 -11.10
C LEU A 37 8.25 4.76 -9.68
N TYR A 38 7.36 5.28 -8.84
CA TYR A 38 7.74 5.69 -7.49
C TYR A 38 7.69 4.55 -6.49
N ILE A 39 6.64 3.74 -6.56
CA ILE A 39 6.40 2.73 -5.53
C ILE A 39 7.04 1.39 -5.90
N PHE A 40 7.29 1.17 -7.18
CA PHE A 40 7.88 -0.10 -7.62
C PHE A 40 9.21 0.10 -8.34
N PRO A 41 10.23 0.72 -7.69
CA PRO A 41 11.54 0.92 -8.29
C PRO A 41 12.38 -0.35 -8.23
N HIS A 42 12.48 -0.91 -7.03
CA HIS A 42 13.24 -2.13 -6.80
C HIS A 42 12.31 -3.34 -6.67
N ILE A 43 11.14 -3.11 -6.10
CA ILE A 43 10.22 -4.21 -5.80
C ILE A 43 9.26 -4.47 -6.95
N GLY A 44 9.55 -3.89 -8.12
CA GLY A 44 8.67 -4.05 -9.27
C GLY A 44 8.75 -5.43 -9.88
N SER A 45 9.67 -6.25 -9.39
CA SER A 45 9.83 -7.61 -9.87
C SER A 45 9.14 -8.60 -8.92
N SER A 46 8.29 -8.09 -8.05
CA SER A 46 7.59 -8.94 -7.08
C SER A 46 6.29 -9.48 -7.67
N ASP A 47 6.05 -10.76 -7.46
CA ASP A 47 4.80 -11.39 -7.87
C ASP A 47 3.77 -11.25 -6.75
N ILE A 48 2.50 -11.31 -7.10
CA ILE A 48 1.41 -11.10 -6.14
C ILE A 48 1.38 -12.19 -5.06
N ARG A 49 1.98 -13.34 -5.36
CA ARG A 49 2.00 -14.46 -4.43
C ARG A 49 3.12 -14.32 -3.42
N GLN A 50 3.91 -13.25 -3.52
CA GLN A 50 5.04 -13.06 -2.63
C GLN A 50 5.28 -11.59 -2.39
N LEU A 51 4.45 -11.00 -1.57
CA LEU A 51 4.64 -9.65 -1.11
C LEU A 51 5.54 -9.66 0.12
N LYS A 52 6.12 -8.51 0.44
CA LYS A 52 7.11 -8.44 1.51
C LYS A 52 6.63 -7.57 2.67
N THR A 53 7.43 -7.52 3.71
CA THR A 53 7.15 -6.70 4.88
C THR A 53 7.65 -5.27 4.69
N SER A 54 7.74 -4.55 5.80
CA SER A 54 8.07 -3.12 5.82
C SER A 54 9.36 -2.76 5.07
N HIS A 55 10.23 -3.74 4.82
CA HIS A 55 11.53 -3.44 4.22
C HIS A 55 11.37 -2.90 2.80
N LEU A 56 10.27 -3.27 2.13
CA LEU A 56 10.02 -2.76 0.78
C LEU A 56 9.61 -1.29 0.81
N LEU A 57 9.23 -0.82 1.99
CA LEU A 57 8.77 0.55 2.16
C LEU A 57 9.95 1.48 2.41
N ALA A 58 11.08 0.91 2.78
CA ALA A 58 12.30 1.66 3.08
C ALA A 58 12.66 2.63 1.94
N PRO A 59 12.72 2.18 0.66
CA PRO A 59 13.04 3.07 -0.46
C PRO A 59 12.06 4.24 -0.58
N ILE A 60 10.78 3.97 -0.32
CA ILE A 60 9.72 4.98 -0.42
C ILE A 60 9.90 6.06 0.65
N LYS A 61 10.56 5.69 1.74
CA LYS A 61 10.70 6.58 2.91
C LYS A 61 11.36 7.91 2.54
N GLU A 62 12.16 7.91 1.47
CA GLU A 62 12.91 9.09 1.06
C GLU A 62 11.99 10.28 0.79
N VAL A 63 10.76 10.01 0.36
CA VAL A 63 9.80 11.06 0.07
C VAL A 63 9.26 11.66 1.37
N ASP A 64 9.16 10.82 2.40
CA ASP A 64 8.74 11.26 3.72
C ASP A 64 9.76 12.21 4.32
N THR A 65 11.03 11.83 4.19
CA THR A 65 12.13 12.64 4.71
C THR A 65 12.27 13.94 3.92
N SER A 66 11.83 13.93 2.66
CA SER A 66 11.84 15.14 1.84
C SER A 66 10.76 16.12 2.30
N GLY A 67 9.96 15.72 3.27
CA GLY A 67 8.95 16.59 3.82
C GLY A 67 7.55 16.14 3.51
N LYS A 68 7.42 15.22 2.55
CA LYS A 68 6.11 14.76 2.14
C LYS A 68 5.72 13.49 2.89
N HIS A 69 5.32 13.68 4.13
CA HIS A 69 4.95 12.57 5.00
C HIS A 69 3.61 11.99 4.58
N ASP A 70 2.74 12.87 4.09
CA ASP A 70 1.38 12.50 3.70
C ASP A 70 1.38 11.38 2.65
N VAL A 71 2.12 11.58 1.57
CA VAL A 71 2.11 10.63 0.46
C VAL A 71 2.66 9.27 0.90
N ALA A 72 3.64 9.26 1.79
CA ALA A 72 4.21 8.02 2.29
C ALA A 72 3.18 7.26 3.10
N GLN A 73 2.57 7.96 4.05
CA GLN A 73 1.55 7.38 4.93
C GLN A 73 0.39 6.81 4.12
N ARG A 74 -0.07 7.59 3.15
CA ARG A 74 -1.18 7.18 2.29
C ARG A 74 -0.84 5.92 1.51
N LEU A 75 0.38 5.86 0.97
CA LEU A 75 0.79 4.74 0.14
C LEU A 75 1.01 3.47 0.97
N GLN A 76 1.59 3.61 2.16
CA GLN A 76 1.79 2.45 3.01
C GLN A 76 0.45 1.89 3.50
N GLN A 77 -0.47 2.79 3.80
CA GLN A 77 -1.83 2.40 4.18
C GLN A 77 -2.61 1.89 2.96
N ARG A 78 -2.15 2.26 1.77
CA ARG A 78 -2.76 1.83 0.54
C ARG A 78 -2.45 0.36 0.28
N VAL A 79 -1.20 -0.03 0.53
CA VAL A 79 -0.74 -1.39 0.31
C VAL A 79 -1.51 -2.38 1.17
N THR A 80 -1.72 -2.03 2.43
CA THR A 80 -2.42 -2.91 3.36
C THR A 80 -3.86 -3.16 2.89
N ALA A 81 -4.47 -2.14 2.32
CA ALA A 81 -5.82 -2.26 1.79
C ALA A 81 -5.85 -3.16 0.56
N ILE A 82 -4.86 -3.01 -0.30
CA ILE A 82 -4.77 -3.82 -1.51
C ILE A 82 -4.50 -5.27 -1.15
N MET A 83 -3.61 -5.48 -0.20
CA MET A 83 -3.25 -6.82 0.25
C MET A 83 -4.48 -7.54 0.81
N ARG A 84 -5.35 -6.78 1.45
CA ARG A 84 -6.57 -7.32 2.06
C ARG A 84 -7.42 -8.04 1.00
N TYR A 85 -7.54 -7.44 -0.18
CA TYR A 85 -8.35 -8.01 -1.25
C TYR A 85 -7.72 -9.29 -1.81
N ALA A 86 -6.40 -9.38 -1.75
CA ALA A 86 -5.72 -10.58 -2.18
C ALA A 86 -5.94 -11.71 -1.18
N VAL A 87 -6.20 -11.33 0.07
CA VAL A 87 -6.42 -12.30 1.13
C VAL A 87 -7.88 -12.75 1.18
N GLN A 88 -8.80 -11.85 0.87
CA GLN A 88 -10.23 -12.16 0.93
C GLN A 88 -10.58 -13.31 -0.01
N ASN A 89 -9.95 -13.33 -1.18
CA ASN A 89 -10.22 -14.37 -2.18
C ASN A 89 -9.31 -15.56 -1.96
N ASP A 90 -8.41 -15.44 -0.99
CA ASP A 90 -7.44 -16.48 -0.66
C ASP A 90 -6.58 -16.83 -1.86
N TYR A 91 -5.57 -16.00 -2.11
CA TYR A 91 -4.59 -16.29 -3.13
C TYR A 91 -3.27 -16.68 -2.50
N ILE A 92 -3.03 -16.15 -1.30
CA ILE A 92 -1.80 -16.41 -0.58
C ILE A 92 -2.10 -16.76 0.87
N ASP A 93 -1.30 -17.67 1.42
CA ASP A 93 -1.46 -18.07 2.81
C ASP A 93 -0.62 -17.18 3.71
N SER A 94 0.25 -16.41 3.11
CA SER A 94 1.06 -15.45 3.83
C SER A 94 0.31 -14.13 3.95
N ASN A 95 0.47 -13.45 5.06
CA ASN A 95 -0.14 -12.14 5.25
C ASN A 95 0.93 -11.08 5.45
N PRO A 96 1.45 -10.52 4.36
CA PRO A 96 2.45 -9.47 4.41
C PRO A 96 1.82 -8.13 4.74
N ALA A 97 2.57 -7.05 4.51
CA ALA A 97 2.09 -5.70 4.80
C ALA A 97 1.70 -5.54 6.27
N SER A 98 2.27 -6.38 7.12
CA SER A 98 1.99 -6.34 8.54
C SER A 98 3.05 -5.55 9.28
N ASP A 99 2.62 -4.82 10.30
CA ASP A 99 3.52 -3.98 11.12
C ASP A 99 4.10 -2.85 10.29
N MET A 100 3.45 -2.53 9.18
CA MET A 100 3.87 -1.45 8.32
C MET A 100 3.06 -0.19 8.65
N ALA A 101 1.76 -0.38 8.81
CA ALA A 101 0.87 0.70 9.18
C ALA A 101 0.83 0.85 10.70
N GLY A 102 1.99 1.11 11.27
CA GLY A 102 2.11 1.24 12.70
C GLY A 102 3.43 1.86 13.09
N ALA A 103 4.10 1.26 14.08
CA ALA A 103 5.39 1.73 14.57
C ALA A 103 5.30 3.11 15.21
N LEU A 104 5.22 4.15 14.37
CA LEU A 104 5.18 5.53 14.85
C LEU A 104 3.76 5.95 15.21
N SER A 105 2.86 4.98 15.26
CA SER A 105 1.47 5.24 15.58
C SER A 105 1.23 5.26 17.09
N THR A 106 2.33 5.23 17.85
CA THR A 106 2.26 5.25 19.29
C THR A 106 1.81 6.60 19.82
N THR A 107 0.51 6.73 20.07
CA THR A 107 -0.04 7.94 20.65
C THR A 107 0.04 7.88 22.18
N LYS A 108 0.26 9.03 22.80
CA LYS A 108 0.45 9.09 24.24
C LYS A 108 -0.40 10.20 24.84
N ALA A 109 -1.02 9.91 25.97
CA ALA A 109 -1.76 10.89 26.74
C ALA A 109 -1.58 10.63 28.23
N ARG A 110 -2.30 9.62 28.72
CA ARG A 110 -2.27 9.20 30.11
C ARG A 110 -2.67 10.33 31.09
N HIS A 111 -3.00 9.94 32.31
CA HIS A 111 -3.27 10.88 33.40
C HIS A 111 -4.55 11.67 33.18
N TYR A 112 -5.62 11.19 33.78
CA TYR A 112 -6.87 11.93 33.84
C TYR A 112 -7.70 11.45 35.04
N PRO A 113 -7.80 12.29 36.07
CA PRO A 113 -8.63 11.99 37.22
C PRO A 113 -10.09 12.34 36.95
N LEU A 114 -10.90 11.31 36.78
CA LEU A 114 -12.32 11.51 36.54
C LEU A 114 -12.99 11.94 37.83
N GLU A 115 -12.77 11.16 38.88
CA GLU A 115 -13.26 11.46 40.23
C GLU A 115 -14.78 11.66 40.23
N HIS A 116 -15.44 11.09 39.24
CA HIS A 116 -16.87 11.28 39.09
C HIS A 116 -17.60 10.08 39.68
N HIS A 117 -18.03 10.22 40.92
CA HIS A 117 -18.70 9.13 41.62
C HIS A 117 -20.02 9.59 42.22
N HIS A 118 -21.08 9.34 41.48
CA HIS A 118 -22.44 9.62 41.94
C HIS A 118 -23.37 8.51 41.49
N HIS A 119 -23.70 7.61 42.39
CA HIS A 119 -24.58 6.49 42.07
C HIS A 119 -25.68 6.36 43.12
N HIS A 120 -26.89 6.08 42.66
CA HIS A 120 -28.03 5.88 43.55
C HIS A 120 -29.17 5.21 42.80
N HIS A 121 -29.61 5.82 41.70
CA HIS A 121 -30.73 5.33 40.90
C HIS A 121 -31.05 6.35 39.82
N MET A 1 7.46 -3.74 -19.17
CA MET A 1 6.72 -4.70 -20.02
C MET A 1 5.43 -5.09 -19.32
N GLU A 2 4.33 -4.53 -19.79
CA GLU A 2 3.04 -4.69 -19.13
C GLU A 2 2.32 -5.95 -19.62
N ASN A 3 2.68 -6.39 -20.82
CA ASN A 3 2.03 -7.54 -21.41
C ASN A 3 2.77 -8.82 -21.03
N SER A 4 2.22 -9.55 -20.07
CA SER A 4 2.78 -10.82 -19.63
C SER A 4 1.70 -11.71 -19.04
N GLY A 5 0.44 -11.32 -19.24
CA GLY A 5 -0.66 -12.06 -18.67
C GLY A 5 -1.65 -11.16 -17.94
N ALA A 6 -2.60 -11.75 -17.25
CA ALA A 6 -3.60 -10.97 -16.54
C ALA A 6 -3.47 -11.13 -15.03
N TYR A 7 -2.45 -11.87 -14.60
CA TYR A 7 -2.23 -12.12 -13.18
C TYR A 7 -1.34 -11.05 -12.56
N THR A 8 -1.09 -9.99 -13.34
CA THR A 8 -0.26 -8.89 -12.90
C THR A 8 -0.90 -8.14 -11.73
N PHE A 9 -0.08 -7.51 -10.91
CA PHE A 9 -0.54 -6.74 -9.76
C PHE A 9 -1.62 -5.73 -10.17
N GLU A 10 -1.40 -5.12 -11.33
CA GLU A 10 -2.27 -4.08 -11.84
C GLU A 10 -3.74 -4.51 -11.85
N THR A 11 -3.99 -5.76 -12.24
CA THR A 11 -5.35 -6.28 -12.36
C THR A 11 -6.12 -6.15 -11.04
N ILE A 12 -5.51 -6.62 -9.97
CA ILE A 12 -6.15 -6.59 -8.65
C ILE A 12 -6.13 -5.18 -8.07
N ALA A 13 -5.10 -4.41 -8.41
CA ALA A 13 -4.97 -3.04 -7.92
C ALA A 13 -6.15 -2.17 -8.39
N ARG A 14 -6.60 -2.40 -9.61
CA ARG A 14 -7.69 -1.62 -10.20
C ARG A 14 -9.01 -1.90 -9.49
N GLU A 15 -9.14 -3.08 -8.91
CA GLU A 15 -10.39 -3.51 -8.29
C GLU A 15 -10.86 -2.47 -7.26
N TRP A 16 -10.00 -2.18 -6.29
CA TRP A 16 -10.32 -1.18 -5.28
C TRP A 16 -10.04 0.25 -5.78
N HIS A 17 -8.98 0.41 -6.57
CA HIS A 17 -8.50 1.74 -6.97
C HIS A 17 -9.51 2.51 -7.82
N GLU A 18 -10.36 1.80 -8.56
CA GLU A 18 -11.32 2.49 -9.45
C GLU A 18 -12.48 3.10 -8.67
N SER A 19 -12.42 3.03 -7.36
CA SER A 19 -13.36 3.74 -6.49
C SER A 19 -12.81 5.13 -6.17
N ASN A 20 -11.69 5.48 -6.80
CA ASN A 20 -11.04 6.77 -6.57
C ASN A 20 -11.62 7.84 -7.49
N LYS A 21 -12.87 7.63 -7.91
CA LYS A 21 -13.61 8.59 -8.72
C LYS A 21 -13.05 8.72 -10.14
N ARG A 22 -13.52 9.76 -10.85
CA ARG A 22 -13.24 9.95 -12.28
C ARG A 22 -14.00 8.92 -13.11
N TRP A 23 -15.07 9.38 -13.76
CA TRP A 23 -15.97 8.48 -14.50
C TRP A 23 -15.30 7.90 -15.73
N SER A 24 -14.33 8.61 -16.30
CA SER A 24 -13.59 8.10 -17.43
C SER A 24 -12.58 7.05 -16.97
N GLU A 25 -12.86 5.79 -17.26
CA GLU A 25 -12.05 4.67 -16.80
C GLU A 25 -10.63 4.76 -17.34
N ASP A 26 -10.51 5.39 -18.51
CA ASP A 26 -9.27 5.41 -19.27
C ASP A 26 -8.06 5.83 -18.43
N HIS A 27 -8.28 6.68 -17.43
CA HIS A 27 -7.20 7.20 -16.60
C HIS A 27 -6.37 6.10 -15.94
N ARG A 28 -6.99 4.93 -15.69
CA ARG A 28 -6.28 3.83 -15.04
C ARG A 28 -5.13 3.30 -15.90
N SER A 29 -5.21 3.51 -17.21
CA SER A 29 -4.15 3.08 -18.12
C SER A 29 -2.96 4.02 -18.04
N ARG A 30 -3.24 5.32 -17.90
CA ARG A 30 -2.18 6.33 -17.87
C ARG A 30 -1.51 6.41 -16.50
N VAL A 31 -2.29 6.29 -15.43
CA VAL A 31 -1.74 6.36 -14.08
C VAL A 31 -0.77 5.22 -13.82
N LEU A 32 -0.83 4.19 -14.66
CA LEU A 32 0.09 3.06 -14.60
C LEU A 32 1.53 3.56 -14.73
N ARG A 33 1.72 4.53 -15.62
CA ARG A 33 3.05 5.08 -15.91
C ARG A 33 3.65 5.66 -14.64
N TYR A 34 2.82 6.32 -13.85
CA TYR A 34 3.27 6.93 -12.60
C TYR A 34 3.29 5.90 -11.48
N LEU A 35 2.30 5.01 -11.49
CA LEU A 35 2.15 3.97 -10.47
C LEU A 35 3.37 3.05 -10.44
N GLU A 36 3.92 2.78 -11.63
CA GLU A 36 5.09 1.93 -11.78
C GLU A 36 6.23 2.38 -10.87
N LEU A 37 6.32 3.70 -10.65
CA LEU A 37 7.35 4.27 -9.79
C LEU A 37 6.77 4.67 -8.43
N TYR A 38 5.49 4.97 -8.41
CA TYR A 38 4.84 5.53 -7.23
C TYR A 38 4.57 4.44 -6.18
N ILE A 39 4.15 3.28 -6.64
CA ILE A 39 3.83 2.18 -5.75
C ILE A 39 5.02 1.23 -5.60
N PHE A 40 5.75 1.05 -6.68
CA PHE A 40 6.90 0.16 -6.68
C PHE A 40 8.17 0.91 -7.03
N PRO A 41 8.81 1.60 -6.06
CA PRO A 41 10.03 2.34 -6.33
C PRO A 41 11.20 1.40 -6.61
N HIS A 42 11.53 0.55 -5.64
CA HIS A 42 12.52 -0.49 -5.86
C HIS A 42 11.89 -1.87 -5.91
N ILE A 43 10.66 -1.96 -5.41
CA ILE A 43 10.01 -3.25 -5.18
C ILE A 43 9.24 -3.75 -6.40
N GLY A 44 9.49 -3.14 -7.55
CA GLY A 44 8.80 -3.53 -8.77
C GLY A 44 9.23 -4.88 -9.30
N SER A 45 10.07 -5.58 -8.56
CA SER A 45 10.51 -6.91 -8.96
C SER A 45 9.85 -7.99 -8.11
N SER A 46 8.91 -7.59 -7.27
CA SER A 46 8.19 -8.54 -6.42
C SER A 46 6.84 -8.89 -7.04
N ASP A 47 6.43 -10.14 -6.86
CA ASP A 47 5.16 -10.62 -7.38
C ASP A 47 4.03 -10.37 -6.39
N ILE A 48 2.82 -10.15 -6.90
CA ILE A 48 1.65 -9.99 -6.05
C ILE A 48 1.19 -11.35 -5.54
N ARG A 49 1.53 -12.39 -6.28
CA ARG A 49 1.16 -13.76 -5.92
C ARG A 49 2.07 -14.29 -4.82
N GLN A 50 3.05 -13.49 -4.43
CA GLN A 50 3.89 -13.78 -3.29
C GLN A 50 4.61 -12.50 -2.85
N LEU A 51 3.92 -11.69 -2.07
CA LEU A 51 4.46 -10.41 -1.65
C LEU A 51 5.11 -10.54 -0.27
N LYS A 52 5.96 -9.57 0.05
CA LYS A 52 6.82 -9.66 1.23
C LYS A 52 6.41 -8.66 2.32
N THR A 53 7.09 -8.77 3.46
CA THR A 53 6.85 -7.90 4.61
C THR A 53 7.39 -6.48 4.41
N SER A 54 7.52 -5.75 5.51
CA SER A 54 7.83 -4.33 5.51
C SER A 54 9.25 -4.00 5.02
N HIS A 55 9.90 -4.93 4.33
CA HIS A 55 11.19 -4.63 3.71
C HIS A 55 10.97 -3.62 2.59
N LEU A 56 9.78 -3.68 2.01
CA LEU A 56 9.35 -2.75 0.98
C LEU A 56 9.17 -1.33 1.52
N LEU A 57 9.12 -1.20 2.85
CA LEU A 57 8.90 0.09 3.50
C LEU A 57 10.10 1.02 3.34
N ALA A 58 11.29 0.44 3.21
CA ALA A 58 12.52 1.23 3.11
C ALA A 58 12.45 2.26 1.97
N PRO A 59 12.15 1.85 0.72
CA PRO A 59 11.99 2.79 -0.40
C PRO A 59 10.85 3.78 -0.18
N ILE A 60 9.81 3.32 0.50
CA ILE A 60 8.65 4.15 0.77
C ILE A 60 9.00 5.23 1.80
N LYS A 61 9.92 4.90 2.69
CA LYS A 61 10.30 5.81 3.77
C LYS A 61 11.10 6.98 3.20
N GLU A 62 11.74 6.72 2.07
CA GLU A 62 12.49 7.74 1.36
C GLU A 62 11.58 8.94 1.04
N VAL A 63 10.29 8.66 0.88
CA VAL A 63 9.31 9.69 0.57
C VAL A 63 8.94 10.51 1.81
N ASP A 64 8.87 9.86 2.98
CA ASP A 64 8.43 10.57 4.19
C ASP A 64 9.48 11.56 4.65
N THR A 65 10.74 11.20 4.51
CA THR A 65 11.84 12.02 5.00
C THR A 65 12.19 13.15 4.03
N SER A 66 12.27 12.83 2.74
CA SER A 66 12.75 13.79 1.76
C SER A 66 11.63 14.33 0.88
N GLY A 67 10.39 13.97 1.21
CA GLY A 67 9.26 14.44 0.45
C GLY A 67 8.14 14.93 1.35
N LYS A 68 6.92 14.60 0.99
CA LYS A 68 5.76 15.02 1.78
C LYS A 68 5.43 13.97 2.84
N HIS A 69 5.61 14.34 4.09
CA HIS A 69 5.42 13.42 5.21
C HIS A 69 4.00 12.84 5.28
N ASP A 70 3.00 13.63 4.89
CA ASP A 70 1.61 13.21 4.99
C ASP A 70 1.25 12.19 3.91
N VAL A 71 1.69 12.47 2.69
CA VAL A 71 1.36 11.61 1.56
C VAL A 71 2.01 10.24 1.72
N ALA A 72 3.18 10.19 2.34
CA ALA A 72 3.90 8.95 2.58
C ALA A 72 3.05 7.97 3.40
N GLN A 73 2.44 8.48 4.45
CA GLN A 73 1.56 7.69 5.30
C GLN A 73 0.36 7.17 4.51
N ARG A 74 -0.21 8.05 3.72
CA ARG A 74 -1.35 7.71 2.88
C ARG A 74 -0.95 6.68 1.82
N LEU A 75 0.30 6.76 1.38
CA LEU A 75 0.85 5.83 0.41
C LEU A 75 1.02 4.45 1.04
N GLN A 76 1.69 4.39 2.20
CA GLN A 76 1.97 3.13 2.86
C GLN A 76 0.69 2.41 3.28
N GLN A 77 -0.28 3.19 3.76
CA GLN A 77 -1.57 2.65 4.18
C GLN A 77 -2.29 1.95 3.03
N ARG A 78 -2.01 2.39 1.81
CA ARG A 78 -2.62 1.82 0.62
C ARG A 78 -2.26 0.34 0.47
N VAL A 79 -1.03 0.00 0.85
CA VAL A 79 -0.55 -1.37 0.72
C VAL A 79 -1.39 -2.32 1.60
N THR A 80 -1.70 -1.86 2.80
CA THR A 80 -2.50 -2.64 3.73
C THR A 80 -3.93 -2.81 3.19
N ALA A 81 -4.38 -1.83 2.42
CA ALA A 81 -5.71 -1.88 1.83
C ALA A 81 -5.76 -2.87 0.66
N ILE A 82 -4.61 -3.13 0.05
CA ILE A 82 -4.51 -4.06 -1.05
C ILE A 82 -4.59 -5.50 -0.55
N MET A 83 -4.00 -5.74 0.62
CA MET A 83 -3.87 -7.07 1.18
C MET A 83 -5.20 -7.78 1.36
N ARG A 84 -6.21 -7.05 1.79
CA ARG A 84 -7.53 -7.65 2.04
C ARG A 84 -8.08 -8.34 0.79
N TYR A 85 -7.88 -7.72 -0.36
CA TYR A 85 -8.37 -8.29 -1.61
C TYR A 85 -7.47 -9.42 -2.09
N ALA A 86 -6.19 -9.32 -1.76
CA ALA A 86 -5.24 -10.38 -2.10
C ALA A 86 -5.50 -11.63 -1.28
N VAL A 87 -5.77 -11.43 0.01
CA VAL A 87 -6.04 -12.53 0.94
C VAL A 87 -7.41 -13.19 0.64
N GLN A 88 -8.23 -12.51 -0.15
CA GLN A 88 -9.51 -13.10 -0.57
C GLN A 88 -9.29 -14.46 -1.22
N ASN A 89 -8.25 -14.57 -2.03
CA ASN A 89 -7.84 -15.86 -2.57
C ASN A 89 -6.59 -16.32 -1.84
N ASP A 90 -5.95 -15.37 -1.17
CA ASP A 90 -4.75 -15.60 -0.35
C ASP A 90 -3.61 -16.21 -1.14
N TYR A 91 -2.77 -15.35 -1.70
CA TYR A 91 -1.60 -15.79 -2.42
C TYR A 91 -0.35 -15.62 -1.56
N ILE A 92 -0.50 -14.93 -0.44
CA ILE A 92 0.62 -14.59 0.41
C ILE A 92 0.76 -15.53 1.60
N ASP A 93 -0.37 -16.02 2.11
CA ASP A 93 -0.39 -17.00 3.20
C ASP A 93 0.22 -16.42 4.48
N SER A 94 0.15 -15.10 4.63
CA SER A 94 0.74 -14.45 5.80
C SER A 94 0.04 -13.14 6.16
N ASN A 95 -0.77 -12.61 5.23
CA ASN A 95 -1.36 -11.27 5.37
C ASN A 95 -0.31 -10.24 5.78
N PRO A 96 0.53 -9.81 4.82
CA PRO A 96 1.56 -8.80 5.07
C PRO A 96 0.98 -7.40 5.16
N ALA A 97 1.88 -6.41 5.20
CA ALA A 97 1.51 -5.00 5.36
C ALA A 97 0.85 -4.74 6.72
N SER A 98 0.79 -5.77 7.54
CA SER A 98 0.31 -5.66 8.90
C SER A 98 1.38 -5.04 9.78
N ASP A 99 2.48 -5.76 9.92
CA ASP A 99 3.65 -5.22 10.59
C ASP A 99 4.44 -4.38 9.59
N MET A 100 3.97 -3.17 9.39
CA MET A 100 4.55 -2.27 8.40
C MET A 100 4.22 -0.83 8.80
N ALA A 101 2.94 -0.58 9.03
CA ALA A 101 2.49 0.70 9.54
C ALA A 101 1.75 0.48 10.85
N GLY A 102 1.67 1.50 11.67
CA GLY A 102 1.02 1.36 12.95
C GLY A 102 0.85 2.69 13.67
N ALA A 103 1.08 2.69 14.97
CA ALA A 103 0.91 3.88 15.79
C ALA A 103 2.23 4.60 15.96
N LEU A 104 2.45 5.61 15.14
CA LEU A 104 3.68 6.39 15.18
C LEU A 104 3.70 7.30 16.41
N SER A 105 2.85 8.32 16.41
CA SER A 105 2.87 9.33 17.46
C SER A 105 1.44 9.74 17.85
N THR A 106 0.58 8.75 17.94
CA THR A 106 -0.82 8.99 18.26
C THR A 106 -1.03 9.13 19.78
N THR A 107 -0.94 10.36 20.27
CA THR A 107 -1.12 10.64 21.68
C THR A 107 -1.72 12.03 21.86
N LYS A 108 -2.40 12.25 22.99
CA LYS A 108 -3.00 13.53 23.29
C LYS A 108 -3.07 13.73 24.80
N ALA A 109 -3.51 14.91 25.21
CA ALA A 109 -3.64 15.26 26.62
C ALA A 109 -4.59 16.44 26.80
N ARG A 110 -5.54 16.56 25.87
CA ARG A 110 -6.51 17.65 25.87
C ARG A 110 -7.21 17.81 27.22
N HIS A 111 -7.12 19.00 27.78
CA HIS A 111 -7.75 19.28 29.07
C HIS A 111 -8.21 20.73 29.14
N TYR A 112 -9.48 20.96 28.83
CA TYR A 112 -10.09 22.27 28.97
C TYR A 112 -11.61 22.13 28.99
N PRO A 113 -12.21 22.25 30.18
CA PRO A 113 -13.67 22.17 30.35
C PRO A 113 -14.38 23.45 29.93
N LEU A 114 -14.35 24.45 30.80
CA LEU A 114 -14.98 25.74 30.50
C LEU A 114 -14.13 26.86 31.07
N GLU A 115 -13.62 26.64 32.28
CA GLU A 115 -12.75 27.57 32.99
C GLU A 115 -13.50 28.81 33.46
N HIS A 116 -13.90 29.66 32.52
CA HIS A 116 -14.59 30.90 32.86
C HIS A 116 -15.98 30.61 33.43
N HIS A 117 -16.15 30.91 34.70
CA HIS A 117 -17.41 30.71 35.38
C HIS A 117 -17.83 32.01 36.04
N HIS A 118 -18.83 32.66 35.46
CA HIS A 118 -19.32 33.93 35.97
C HIS A 118 -20.84 33.97 35.86
N HIS A 119 -21.50 34.42 36.90
CA HIS A 119 -22.96 34.43 36.93
C HIS A 119 -23.49 35.85 36.90
N HIS A 120 -24.28 36.14 35.87
CA HIS A 120 -24.98 37.42 35.79
C HIS A 120 -26.46 37.21 36.13
N HIS A 121 -27.18 38.29 36.32
CA HIS A 121 -28.62 38.21 36.55
C HIS A 121 -29.32 37.78 35.26
N MET A 1 -15.03 -22.64 -22.83
CA MET A 1 -14.88 -21.17 -22.85
C MET A 1 -13.56 -20.78 -22.21
N GLU A 2 -13.34 -19.48 -22.06
CA GLU A 2 -12.10 -18.98 -21.50
C GLU A 2 -12.18 -18.89 -19.97
N ASN A 3 -11.05 -19.06 -19.32
CA ASN A 3 -10.95 -18.92 -17.89
C ASN A 3 -9.67 -18.17 -17.53
N SER A 4 -9.80 -16.88 -17.26
CA SER A 4 -8.65 -16.06 -16.94
C SER A 4 -8.48 -15.95 -15.43
N GLY A 5 -7.53 -16.71 -14.89
CA GLY A 5 -7.20 -16.61 -13.49
C GLY A 5 -6.38 -15.39 -13.23
N ALA A 6 -5.18 -15.37 -13.79
CA ALA A 6 -4.27 -14.22 -13.74
C ALA A 6 -4.15 -13.64 -12.34
N TYR A 7 -3.68 -14.47 -11.40
CA TYR A 7 -3.47 -14.01 -10.04
C TYR A 7 -2.23 -13.12 -10.00
N THR A 8 -2.48 -11.82 -10.04
CA THR A 8 -1.43 -10.84 -10.11
C THR A 8 -1.77 -9.65 -9.22
N PHE A 9 -0.75 -8.97 -8.70
CA PHE A 9 -0.94 -7.79 -7.88
C PHE A 9 -1.78 -6.76 -8.62
N GLU A 10 -1.49 -6.58 -9.91
CA GLU A 10 -2.23 -5.64 -10.74
C GLU A 10 -3.69 -6.02 -10.86
N THR A 11 -3.96 -7.33 -10.95
CA THR A 11 -5.33 -7.83 -11.09
C THR A 11 -6.15 -7.47 -9.85
N ILE A 12 -5.55 -7.66 -8.69
CA ILE A 12 -6.20 -7.33 -7.42
C ILE A 12 -6.45 -5.83 -7.33
N ALA A 13 -5.46 -5.05 -7.72
CA ALA A 13 -5.59 -3.60 -7.74
C ALA A 13 -6.66 -3.14 -8.72
N ARG A 14 -6.77 -3.89 -9.82
CA ARG A 14 -7.72 -3.58 -10.89
C ARG A 14 -9.15 -3.60 -10.36
N GLU A 15 -9.41 -4.50 -9.40
CA GLU A 15 -10.75 -4.67 -8.83
C GLU A 15 -11.27 -3.37 -8.23
N TRP A 16 -10.54 -2.83 -7.24
CA TRP A 16 -10.99 -1.63 -6.56
C TRP A 16 -10.71 -0.39 -7.39
N HIS A 17 -9.71 -0.48 -8.28
CA HIS A 17 -9.40 0.60 -9.21
C HIS A 17 -10.60 0.92 -10.10
N GLU A 18 -11.42 -0.09 -10.40
CA GLU A 18 -12.54 0.09 -11.31
C GLU A 18 -13.64 0.95 -10.67
N SER A 19 -13.64 1.01 -9.34
CA SER A 19 -14.60 1.82 -8.61
C SER A 19 -14.46 3.30 -8.99
N ASN A 20 -13.22 3.71 -9.27
CA ASN A 20 -12.93 5.04 -9.79
C ASN A 20 -13.40 6.16 -8.86
N LYS A 21 -13.50 7.36 -9.42
CA LYS A 21 -13.89 8.53 -8.66
C LYS A 21 -14.71 9.46 -9.54
N ARG A 22 -13.99 10.29 -10.26
CA ARG A 22 -14.59 11.16 -11.26
C ARG A 22 -14.25 10.62 -12.65
N TRP A 23 -14.73 11.29 -13.68
CA TRP A 23 -14.52 10.85 -15.05
C TRP A 23 -13.11 11.13 -15.52
N SER A 24 -12.31 10.07 -15.64
CA SER A 24 -10.96 10.15 -16.17
C SER A 24 -10.54 8.79 -16.69
N GLU A 25 -11.51 8.07 -17.24
CA GLU A 25 -11.37 6.67 -17.61
C GLU A 25 -10.17 6.42 -18.53
N ASP A 26 -10.06 7.21 -19.57
CA ASP A 26 -9.01 7.03 -20.58
C ASP A 26 -7.66 7.39 -19.99
N HIS A 27 -7.68 8.34 -19.08
CA HIS A 27 -6.47 8.86 -18.45
C HIS A 27 -5.92 7.86 -17.41
N ARG A 28 -6.80 7.02 -16.89
CA ARG A 28 -6.45 6.04 -15.86
C ARG A 28 -5.21 5.22 -16.21
N SER A 29 -4.98 4.96 -17.49
CA SER A 29 -3.81 4.21 -17.93
C SER A 29 -2.52 4.94 -17.55
N ARG A 30 -2.51 6.25 -17.79
CA ARG A 30 -1.38 7.09 -17.42
C ARG A 30 -1.16 7.05 -15.91
N VAL A 31 -2.27 7.04 -15.18
CA VAL A 31 -2.23 6.99 -13.72
C VAL A 31 -1.62 5.66 -13.26
N LEU A 32 -1.96 4.59 -13.95
CA LEU A 32 -1.42 3.27 -13.65
C LEU A 32 0.10 3.28 -13.85
N ARG A 33 0.54 3.94 -14.92
CA ARG A 33 1.96 4.08 -15.20
C ARG A 33 2.63 4.93 -14.13
N TYR A 34 1.98 6.03 -13.76
CA TYR A 34 2.47 6.89 -12.68
C TYR A 34 2.57 6.10 -11.37
N LEU A 35 1.58 5.26 -11.13
CA LEU A 35 1.54 4.41 -9.94
C LEU A 35 2.75 3.47 -9.95
N GLU A 36 3.04 2.92 -11.12
CA GLU A 36 4.20 2.05 -11.29
C GLU A 36 5.50 2.84 -11.09
N LEU A 37 5.51 4.08 -11.56
CA LEU A 37 6.70 4.92 -11.49
C LEU A 37 7.01 5.39 -10.06
N TYR A 38 6.00 5.90 -9.36
CA TYR A 38 6.23 6.53 -8.07
C TYR A 38 5.93 5.58 -6.90
N ILE A 39 4.87 4.79 -7.02
CA ILE A 39 4.47 3.90 -5.93
C ILE A 39 5.28 2.61 -5.96
N PHE A 40 5.67 2.20 -7.16
CA PHE A 40 6.55 1.04 -7.32
C PHE A 40 7.88 1.46 -7.95
N PRO A 41 8.62 2.41 -7.35
CA PRO A 41 9.78 3.01 -8.01
C PRO A 41 10.94 2.03 -8.16
N HIS A 42 11.40 1.47 -7.04
CA HIS A 42 12.49 0.51 -7.07
C HIS A 42 11.98 -0.90 -6.81
N ILE A 43 10.81 -1.00 -6.17
CA ILE A 43 10.35 -2.29 -5.65
C ILE A 43 9.19 -2.88 -6.46
N GLY A 44 8.97 -2.35 -7.65
CA GLY A 44 7.85 -2.81 -8.48
C GLY A 44 8.08 -4.19 -9.07
N SER A 45 9.16 -4.84 -8.68
CA SER A 45 9.49 -6.17 -9.18
C SER A 45 8.75 -7.25 -8.39
N SER A 46 8.11 -6.85 -7.30
CA SER A 46 7.42 -7.79 -6.44
C SER A 46 5.96 -7.92 -6.81
N ASP A 47 5.49 -9.16 -6.91
CA ASP A 47 4.07 -9.44 -7.12
C ASP A 47 3.43 -9.82 -5.79
N ILE A 48 2.11 -9.84 -5.75
CA ILE A 48 1.38 -10.12 -4.52
C ILE A 48 1.70 -11.53 -3.98
N ARG A 49 2.04 -12.46 -4.87
CA ARG A 49 2.33 -13.83 -4.45
C ARG A 49 3.67 -13.88 -3.70
N GLN A 50 4.49 -12.88 -3.92
CA GLN A 50 5.80 -12.80 -3.28
C GLN A 50 6.01 -11.39 -2.72
N LEU A 51 5.34 -11.10 -1.62
CA LEU A 51 5.38 -9.79 -1.01
C LEU A 51 6.39 -9.78 0.13
N LYS A 52 7.15 -8.68 0.25
CA LYS A 52 8.18 -8.56 1.26
C LYS A 52 7.62 -7.92 2.54
N THR A 53 8.45 -7.89 3.57
CA THR A 53 8.06 -7.34 4.85
C THR A 53 8.45 -5.87 4.93
N SER A 54 8.50 -5.31 6.14
CA SER A 54 8.80 -3.89 6.36
C SER A 54 10.13 -3.46 5.75
N HIS A 55 10.93 -4.41 5.27
CA HIS A 55 12.17 -4.10 4.57
C HIS A 55 11.86 -3.39 3.25
N LEU A 56 10.68 -3.69 2.72
CA LEU A 56 10.19 -3.10 1.48
C LEU A 56 9.95 -1.59 1.65
N LEU A 57 9.80 -1.18 2.90
CA LEU A 57 9.49 0.21 3.23
C LEU A 57 10.73 1.10 3.13
N ALA A 58 11.90 0.48 3.12
CA ALA A 58 13.17 1.20 3.10
C ALA A 58 13.22 2.30 2.01
N PRO A 59 12.92 1.98 0.73
CA PRO A 59 12.89 3.00 -0.33
C PRO A 59 11.84 4.08 -0.09
N ILE A 60 10.69 3.68 0.42
CA ILE A 60 9.57 4.59 0.62
C ILE A 60 9.86 5.52 1.79
N LYS A 61 10.72 5.08 2.70
CA LYS A 61 11.04 5.85 3.90
C LYS A 61 11.84 7.10 3.50
N GLU A 62 12.51 7.01 2.36
CA GLU A 62 13.35 8.09 1.86
C GLU A 62 12.57 9.41 1.76
N VAL A 63 11.31 9.33 1.31
CA VAL A 63 10.49 10.53 1.12
C VAL A 63 10.10 11.12 2.48
N ASP A 64 9.98 10.27 3.49
CA ASP A 64 9.70 10.71 4.85
C ASP A 64 10.83 11.59 5.36
N THR A 65 12.05 11.10 5.19
CA THR A 65 13.24 11.85 5.58
C THR A 65 13.39 13.11 4.72
N SER A 66 12.98 13.00 3.45
CA SER A 66 13.05 14.13 2.54
C SER A 66 12.16 15.28 3.02
N GLY A 67 10.97 14.93 3.53
CA GLY A 67 10.10 15.95 4.09
C GLY A 67 8.64 15.60 3.99
N LYS A 68 8.26 14.85 2.97
CA LYS A 68 6.86 14.54 2.76
C LYS A 68 6.49 13.19 3.35
N HIS A 69 6.23 13.19 4.65
CA HIS A 69 5.88 11.98 5.38
C HIS A 69 4.46 11.53 5.03
N ASP A 70 3.62 12.52 4.73
CA ASP A 70 2.20 12.29 4.47
C ASP A 70 1.99 11.28 3.34
N VAL A 71 2.71 11.48 2.24
CA VAL A 71 2.58 10.60 1.08
C VAL A 71 2.92 9.16 1.44
N ALA A 72 4.07 8.98 2.07
CA ALA A 72 4.54 7.64 2.45
C ALA A 72 3.51 6.91 3.30
N GLN A 73 2.95 7.61 4.28
CA GLN A 73 1.99 7.05 5.20
C GLN A 73 0.73 6.59 4.47
N ARG A 74 0.22 7.46 3.59
CA ARG A 74 -0.96 7.15 2.80
C ARG A 74 -0.75 5.93 1.91
N LEU A 75 0.49 5.74 1.45
CA LEU A 75 0.81 4.59 0.61
C LEU A 75 0.63 3.27 1.37
N GLN A 76 1.16 3.21 2.59
CA GLN A 76 1.08 2.00 3.42
C GLN A 76 -0.37 1.58 3.60
N GLN A 77 -1.18 2.59 3.87
CA GLN A 77 -2.62 2.41 4.07
C GLN A 77 -3.26 1.74 2.86
N ARG A 78 -2.83 2.12 1.67
CA ARG A 78 -3.41 1.61 0.45
C ARG A 78 -2.82 0.24 0.09
N VAL A 79 -1.62 -0.04 0.56
CA VAL A 79 -1.00 -1.35 0.34
C VAL A 79 -1.78 -2.44 1.06
N THR A 80 -2.13 -2.18 2.31
CA THR A 80 -2.89 -3.14 3.10
C THR A 80 -4.32 -3.23 2.55
N ALA A 81 -4.81 -2.12 1.99
CA ALA A 81 -6.12 -2.08 1.35
C ALA A 81 -6.15 -3.02 0.15
N ILE A 82 -5.01 -3.15 -0.51
CA ILE A 82 -4.85 -4.11 -1.59
C ILE A 82 -4.72 -5.53 -1.04
N MET A 83 -3.90 -5.66 0.00
CA MET A 83 -3.57 -6.96 0.59
C MET A 83 -4.80 -7.68 1.12
N ARG A 84 -5.75 -6.93 1.67
CA ARG A 84 -6.97 -7.54 2.23
C ARG A 84 -7.76 -8.28 1.16
N TYR A 85 -7.68 -7.81 -0.10
CA TYR A 85 -8.34 -8.50 -1.20
C TYR A 85 -7.64 -9.82 -1.49
N ALA A 86 -6.31 -9.80 -1.43
CA ALA A 86 -5.52 -10.99 -1.64
C ALA A 86 -5.85 -12.05 -0.59
N VAL A 87 -6.06 -11.60 0.64
CA VAL A 87 -6.43 -12.50 1.72
C VAL A 87 -7.86 -13.01 1.51
N GLN A 88 -8.71 -12.17 0.93
CA GLN A 88 -10.09 -12.54 0.66
C GLN A 88 -10.16 -13.69 -0.35
N ASN A 89 -9.35 -13.60 -1.39
CA ASN A 89 -9.34 -14.64 -2.43
C ASN A 89 -8.38 -15.77 -2.07
N ASP A 90 -7.82 -15.70 -0.84
CA ASP A 90 -6.93 -16.74 -0.32
C ASP A 90 -5.67 -16.86 -1.18
N TYR A 91 -5.19 -15.72 -1.68
CA TYR A 91 -3.93 -15.71 -2.41
C TYR A 91 -2.78 -15.78 -1.42
N ILE A 92 -2.87 -14.99 -0.37
CA ILE A 92 -1.89 -15.00 0.69
C ILE A 92 -2.58 -15.11 2.04
N ASP A 93 -1.91 -15.74 2.98
CA ASP A 93 -2.45 -15.89 4.34
C ASP A 93 -1.61 -15.08 5.32
N SER A 94 -0.37 -14.82 4.95
CA SER A 94 0.54 -14.07 5.78
C SER A 94 0.47 -12.58 5.44
N ASN A 95 0.48 -11.74 6.47
CA ASN A 95 0.41 -10.30 6.28
C ASN A 95 1.69 -9.64 6.77
N PRO A 96 2.73 -9.57 5.92
CA PRO A 96 4.04 -9.04 6.29
C PRO A 96 4.06 -7.51 6.29
N ALA A 97 3.35 -6.90 5.36
CA ALA A 97 3.38 -5.45 5.17
C ALA A 97 2.50 -4.74 6.19
N SER A 98 1.82 -5.50 7.04
CA SER A 98 0.95 -4.92 8.04
C SER A 98 1.74 -4.30 9.18
N ASP A 99 3.04 -4.54 9.21
CA ASP A 99 3.89 -4.01 10.27
C ASP A 99 4.65 -2.78 9.78
N MET A 100 4.49 -2.46 8.49
CA MET A 100 5.16 -1.31 7.89
C MET A 100 4.70 -0.02 8.55
N ALA A 101 3.40 0.06 8.85
CA ALA A 101 2.84 1.24 9.49
C ALA A 101 2.97 1.15 11.01
N GLY A 102 3.72 0.17 11.48
CA GLY A 102 3.92 0.01 12.91
C GLY A 102 4.89 1.03 13.46
N ALA A 103 6.12 1.02 12.93
CA ALA A 103 7.15 1.94 13.36
C ALA A 103 8.23 2.06 12.30
N LEU A 104 8.37 3.25 11.72
CA LEU A 104 9.38 3.50 10.71
C LEU A 104 10.40 4.51 11.22
N SER A 105 10.11 5.08 12.38
CA SER A 105 10.98 6.07 12.99
C SER A 105 11.95 5.40 13.96
N THR A 106 11.87 4.09 14.04
CA THR A 106 12.71 3.32 14.94
C THR A 106 14.12 3.18 14.38
N THR A 107 15.01 4.02 14.88
CA THR A 107 16.40 4.00 14.47
C THR A 107 17.29 3.50 15.61
N LYS A 108 18.60 3.57 15.40
CA LYS A 108 19.60 3.15 16.40
C LYS A 108 19.75 1.65 16.45
N ALA A 109 20.98 1.23 16.69
CA ALA A 109 21.34 -0.19 16.78
C ALA A 109 22.82 -0.35 17.12
N ARG A 110 23.62 0.54 16.56
CA ARG A 110 25.06 0.48 16.75
C ARG A 110 25.55 1.71 17.51
N HIS A 111 26.77 1.62 18.02
CA HIS A 111 27.40 2.73 18.72
C HIS A 111 28.60 3.21 17.93
N TYR A 112 29.37 4.11 18.51
CA TYR A 112 30.56 4.62 17.85
C TYR A 112 31.67 3.58 17.85
N PRO A 113 32.42 3.49 16.74
CA PRO A 113 33.49 2.51 16.56
C PRO A 113 34.44 2.41 17.75
N LEU A 114 34.89 1.19 17.99
CA LEU A 114 35.75 0.90 19.13
C LEU A 114 37.10 1.60 18.98
N GLU A 115 37.56 1.71 17.75
CA GLU A 115 38.84 2.35 17.49
C GLU A 115 38.64 3.85 17.33
N HIS A 116 39.50 4.62 17.97
CA HIS A 116 39.40 6.06 17.96
C HIS A 116 40.80 6.68 17.95
N HIS A 117 41.80 5.81 17.93
CA HIS A 117 43.19 6.26 18.00
C HIS A 117 43.73 6.55 16.61
N HIS A 118 45.01 6.85 16.55
CA HIS A 118 45.69 7.12 15.29
C HIS A 118 47.08 6.50 15.29
N HIS A 119 47.24 5.44 14.52
CA HIS A 119 48.51 4.73 14.46
C HIS A 119 49.51 5.52 13.63
N HIS A 120 50.67 5.80 14.21
CA HIS A 120 51.68 6.64 13.57
C HIS A 120 52.45 5.87 12.49
N HIS A 121 51.72 5.35 11.51
CA HIS A 121 52.30 4.65 10.37
C HIS A 121 51.21 4.20 9.42
#